data_9K8H
# 
_entry.id   9K8H 
# 
_audit_conform.dict_name       mmcif_pdbx.dic 
_audit_conform.dict_version    5.406 
_audit_conform.dict_location   http://mmcif.pdb.org/dictionaries/ascii/mmcif_pdbx.dic 
# 
loop_
_database_2.database_id 
_database_2.database_code 
_database_2.pdbx_database_accession 
_database_2.pdbx_DOI 
PDB   9K8H         pdb_00009k8h 10.2210/pdb9k8h/pdb 
WWPDB D_1300052939 ?            ?                   
EMDB  EMD-62173    ?            ?                   
# 
loop_
_pdbx_audit_revision_history.ordinal 
_pdbx_audit_revision_history.data_content_type 
_pdbx_audit_revision_history.major_revision 
_pdbx_audit_revision_history.minor_revision 
_pdbx_audit_revision_history.revision_date 
_pdbx_audit_revision_history.part_number 
1 'Structure model' 1 0 2025-10-29 ? 
2 'EM metadata'     1 0 2025-10-29 ? 
3 'Half map'        1 0 2025-10-29 1 
4 'Half map'        1 0 2025-10-29 2 
5 Image             1 0 2025-10-29 ? 
6 'Primary map'     1 0 2025-10-29 ? 
# 
loop_
_pdbx_audit_revision_details.ordinal 
_pdbx_audit_revision_details.revision_ordinal 
_pdbx_audit_revision_details.data_content_type 
_pdbx_audit_revision_details.provider 
_pdbx_audit_revision_details.type 
_pdbx_audit_revision_details.description 
_pdbx_audit_revision_details.details 
1 1 'Structure model' repository 'Initial release' ? ? 
2 2 'EM metadata'     repository 'Initial release' ? ? 
3 3 'Half map'        repository 'Initial release' ? ? 
4 4 'Half map'        repository 'Initial release' ? ? 
5 5 Image             repository 'Initial release' ? ? 
6 6 'Primary map'     repository 'Initial release' ? ? 
# 
_pdbx_database_status.status_code                     REL 
_pdbx_database_status.status_code_sf                  ? 
_pdbx_database_status.status_code_mr                  ? 
_pdbx_database_status.entry_id                        9K8H 
_pdbx_database_status.recvd_initial_deposition_date   2024-10-24 
_pdbx_database_status.SG_entry                        N 
_pdbx_database_status.deposit_site                    PDBJ 
_pdbx_database_status.process_site                    PDBJ 
_pdbx_database_status.status_code_cs                  ? 
_pdbx_database_status.status_code_nmr_data            ? 
_pdbx_database_status.methods_development_category    ? 
_pdbx_database_status.pdb_format_compatible           Y 
# 
_pdbx_database_related.db_name        EMDB 
_pdbx_database_related.details        
'Cryo-EM structure of C2 symmetric interface of designed zinc-induced tetrahedron Cage-t32-Zn1-HEHE-35' 
_pdbx_database_related.db_id          EMD-62173 
_pdbx_database_related.content_type   'associated EM volume' 
# 
_pdbx_contact_author.id                 2 
_pdbx_contact_author.email              caolongxing@westlake.edu.cn 
_pdbx_contact_author.name_first         longxing 
_pdbx_contact_author.name_last          cao 
_pdbx_contact_author.name_mi            ? 
_pdbx_contact_author.role               'principal investigator/group leader' 
_pdbx_contact_author.identifier_ORCID   0000-0003-4002-3648 
# 
loop_
_audit_author.name 
_audit_author.pdbx_ordinal 
_audit_author.identifier_ORCID 
'Qu, Y.N.'  1 0000-0001-5398-286X 
'Cao, L.X.' 2 0000-0003-4002-3648 
# 
_citation.abstract                  ? 
_citation.abstract_id_CAS           ? 
_citation.book_id_ISBN              ? 
_citation.book_publisher            ? 
_citation.book_publisher_city       ? 
_citation.book_title                ? 
_citation.coordinate_linkage        ? 
_citation.country                   ? 
_citation.database_id_Medline       ? 
_citation.details                   ? 
_citation.id                        primary 
_citation.journal_abbrev            'To Be Published' 
_citation.journal_id_ASTM           ? 
_citation.journal_id_CSD            0353 
_citation.journal_id_ISSN           ? 
_citation.journal_full              ? 
_citation.journal_issue             ? 
_citation.journal_volume            ? 
_citation.language                  ? 
_citation.page_first                ? 
_citation.page_last                 ? 
_citation.title                     'De novo design of metal ion regulated protein assemblies' 
_citation.year                      ? 
_citation.database_id_CSD           ? 
_citation.pdbx_database_id_DOI      ? 
_citation.pdbx_database_id_PubMed   ? 
_citation.pdbx_database_id_patent   ? 
_citation.unpublished_flag          ? 
# 
loop_
_citation_author.citation_id 
_citation_author.name 
_citation_author.ordinal 
_citation_author.identifier_ORCID 
primary 'Qu, Y.N.'  1 0000-0001-5398-286X 
primary 'Cao, L.X.' 2 0000-0003-4002-3648 
# 
loop_
_entity.id 
_entity.type 
_entity.src_method 
_entity.pdbx_description 
_entity.formula_weight 
_entity.pdbx_number_of_molecules 
_entity.pdbx_ec 
_entity.pdbx_mutation 
_entity.pdbx_fragment 
_entity.details 
1 polymer     man Cage-t32-Zn1-HEHE-35 28728.746 2 ? ? ? ? 
2 non-polymer syn 'ZINC ION'           65.409    2 ? ? ? ? 
# 
_entity_poly.entity_id                      1 
_entity_poly.type                           'polypeptide(L)' 
_entity_poly.nstd_linkage                   no 
_entity_poly.nstd_monomer                   no 
_entity_poly.pdbx_seq_one_letter_code       
;MGHHHHHHHHSSGLEVLFQGPGGTMEELARRVGRAIERYLNGEINEVELALAVGHIFRDYGLEELHEIVDRLLAGEISVL
EMLFRLYEAAVKLGLDDLKFVLLKAIFKLLNEPKMVKIVEILEEMYKRAVKKGDEETIKLLKEMLEVLFEIAKAIANNDK
EEVKKLLAKFVLLLLEMVKRAIKKGDKETLKLIHEILDIIAEIFEELGDDELAHAARLVSKAAELALKGKKEEAEKLFEI
AEEELKELIEK
;
_entity_poly.pdbx_seq_one_letter_code_can   
;MGHHHHHHHHSSGLEVLFQGPGGTMEELARRVGRAIERYLNGEINEVELALAVGHIFRDYGLEELHEIVDRLLAGEISVL
EMLFRLYEAAVKLGLDDLKFVLLKAIFKLLNEPKMVKIVEILEEMYKRAVKKGDEETIKLLKEMLEVLFEIAKAIANNDK
EEVKKLLAKFVLLLLEMVKRAIKKGDKETLKLIHEILDIIAEIFEELGDDELAHAARLVSKAAELALKGKKEEAEKLFEI
AEEELKELIEK
;
_entity_poly.pdbx_strand_id                 A,B 
_entity_poly.pdbx_target_identifier         ? 
# 
_pdbx_entity_nonpoly.entity_id   2 
_pdbx_entity_nonpoly.name        'ZINC ION' 
_pdbx_entity_nonpoly.comp_id     ZN 
# 
loop_
_entity_poly_seq.entity_id 
_entity_poly_seq.num 
_entity_poly_seq.mon_id 
_entity_poly_seq.hetero 
1 1   MET n 
1 2   GLY n 
1 3   HIS n 
1 4   HIS n 
1 5   HIS n 
1 6   HIS n 
1 7   HIS n 
1 8   HIS n 
1 9   HIS n 
1 10  HIS n 
1 11  SER n 
1 12  SER n 
1 13  GLY n 
1 14  LEU n 
1 15  GLU n 
1 16  VAL n 
1 17  LEU n 
1 18  PHE n 
1 19  GLN n 
1 20  GLY n 
1 21  PRO n 
1 22  GLY n 
1 23  GLY n 
1 24  THR n 
1 25  MET n 
1 26  GLU n 
1 27  GLU n 
1 28  LEU n 
1 29  ALA n 
1 30  ARG n 
1 31  ARG n 
1 32  VAL n 
1 33  GLY n 
1 34  ARG n 
1 35  ALA n 
1 36  ILE n 
1 37  GLU n 
1 38  ARG n 
1 39  TYR n 
1 40  LEU n 
1 41  ASN n 
1 42  GLY n 
1 43  GLU n 
1 44  ILE n 
1 45  ASN n 
1 46  GLU n 
1 47  VAL n 
1 48  GLU n 
1 49  LEU n 
1 50  ALA n 
1 51  LEU n 
1 52  ALA n 
1 53  VAL n 
1 54  GLY n 
1 55  HIS n 
1 56  ILE n 
1 57  PHE n 
1 58  ARG n 
1 59  ASP n 
1 60  TYR n 
1 61  GLY n 
1 62  LEU n 
1 63  GLU n 
1 64  GLU n 
1 65  LEU n 
1 66  HIS n 
1 67  GLU n 
1 68  ILE n 
1 69  VAL n 
1 70  ASP n 
1 71  ARG n 
1 72  LEU n 
1 73  LEU n 
1 74  ALA n 
1 75  GLY n 
1 76  GLU n 
1 77  ILE n 
1 78  SER n 
1 79  VAL n 
1 80  LEU n 
1 81  GLU n 
1 82  MET n 
1 83  LEU n 
1 84  PHE n 
1 85  ARG n 
1 86  LEU n 
1 87  TYR n 
1 88  GLU n 
1 89  ALA n 
1 90  ALA n 
1 91  VAL n 
1 92  LYS n 
1 93  LEU n 
1 94  GLY n 
1 95  LEU n 
1 96  ASP n 
1 97  ASP n 
1 98  LEU n 
1 99  LYS n 
1 100 PHE n 
1 101 VAL n 
1 102 LEU n 
1 103 LEU n 
1 104 LYS n 
1 105 ALA n 
1 106 ILE n 
1 107 PHE n 
1 108 LYS n 
1 109 LEU n 
1 110 LEU n 
1 111 ASN n 
1 112 GLU n 
1 113 PRO n 
1 114 LYS n 
1 115 MET n 
1 116 VAL n 
1 117 LYS n 
1 118 ILE n 
1 119 VAL n 
1 120 GLU n 
1 121 ILE n 
1 122 LEU n 
1 123 GLU n 
1 124 GLU n 
1 125 MET n 
1 126 TYR n 
1 127 LYS n 
1 128 ARG n 
1 129 ALA n 
1 130 VAL n 
1 131 LYS n 
1 132 LYS n 
1 133 GLY n 
1 134 ASP n 
1 135 GLU n 
1 136 GLU n 
1 137 THR n 
1 138 ILE n 
1 139 LYS n 
1 140 LEU n 
1 141 LEU n 
1 142 LYS n 
1 143 GLU n 
1 144 MET n 
1 145 LEU n 
1 146 GLU n 
1 147 VAL n 
1 148 LEU n 
1 149 PHE n 
1 150 GLU n 
1 151 ILE n 
1 152 ALA n 
1 153 LYS n 
1 154 ALA n 
1 155 ILE n 
1 156 ALA n 
1 157 ASN n 
1 158 ASN n 
1 159 ASP n 
1 160 LYS n 
1 161 GLU n 
1 162 GLU n 
1 163 VAL n 
1 164 LYS n 
1 165 LYS n 
1 166 LEU n 
1 167 LEU n 
1 168 ALA n 
1 169 LYS n 
1 170 PHE n 
1 171 VAL n 
1 172 LEU n 
1 173 LEU n 
1 174 LEU n 
1 175 LEU n 
1 176 GLU n 
1 177 MET n 
1 178 VAL n 
1 179 LYS n 
1 180 ARG n 
1 181 ALA n 
1 182 ILE n 
1 183 LYS n 
1 184 LYS n 
1 185 GLY n 
1 186 ASP n 
1 187 LYS n 
1 188 GLU n 
1 189 THR n 
1 190 LEU n 
1 191 LYS n 
1 192 LEU n 
1 193 ILE n 
1 194 HIS n 
1 195 GLU n 
1 196 ILE n 
1 197 LEU n 
1 198 ASP n 
1 199 ILE n 
1 200 ILE n 
1 201 ALA n 
1 202 GLU n 
1 203 ILE n 
1 204 PHE n 
1 205 GLU n 
1 206 GLU n 
1 207 LEU n 
1 208 GLY n 
1 209 ASP n 
1 210 ASP n 
1 211 GLU n 
1 212 LEU n 
1 213 ALA n 
1 214 HIS n 
1 215 ALA n 
1 216 ALA n 
1 217 ARG n 
1 218 LEU n 
1 219 VAL n 
1 220 SER n 
1 221 LYS n 
1 222 ALA n 
1 223 ALA n 
1 224 GLU n 
1 225 LEU n 
1 226 ALA n 
1 227 LEU n 
1 228 LYS n 
1 229 GLY n 
1 230 LYS n 
1 231 LYS n 
1 232 GLU n 
1 233 GLU n 
1 234 ALA n 
1 235 GLU n 
1 236 LYS n 
1 237 LEU n 
1 238 PHE n 
1 239 GLU n 
1 240 ILE n 
1 241 ALA n 
1 242 GLU n 
1 243 GLU n 
1 244 GLU n 
1 245 LEU n 
1 246 LYS n 
1 247 GLU n 
1 248 LEU n 
1 249 ILE n 
1 250 GLU n 
1 251 LYS n 
# 
_entity_src_gen.entity_id                          1 
_entity_src_gen.pdbx_src_id                        1 
_entity_src_gen.pdbx_alt_source_flag               sample 
_entity_src_gen.pdbx_seq_type                      'Biological sequence' 
_entity_src_gen.pdbx_beg_seq_num                   1 
_entity_src_gen.pdbx_end_seq_num                   251 
_entity_src_gen.gene_src_common_name               ? 
_entity_src_gen.gene_src_genus                     ? 
_entity_src_gen.pdbx_gene_src_gene                 ? 
_entity_src_gen.gene_src_species                   ? 
_entity_src_gen.gene_src_strain                    ? 
_entity_src_gen.gene_src_tissue                    ? 
_entity_src_gen.gene_src_tissue_fraction           ? 
_entity_src_gen.gene_src_details                   ? 
_entity_src_gen.pdbx_gene_src_fragment             ? 
_entity_src_gen.pdbx_gene_src_scientific_name      'Escherichia coli' 
_entity_src_gen.pdbx_gene_src_ncbi_taxonomy_id     562 
_entity_src_gen.pdbx_gene_src_variant              ? 
_entity_src_gen.pdbx_gene_src_cell_line            ? 
_entity_src_gen.pdbx_gene_src_atcc                 ? 
_entity_src_gen.pdbx_gene_src_organ                ? 
_entity_src_gen.pdbx_gene_src_organelle            ? 
_entity_src_gen.pdbx_gene_src_cell                 ? 
_entity_src_gen.pdbx_gene_src_cellular_location    ? 
_entity_src_gen.host_org_common_name               ? 
_entity_src_gen.pdbx_host_org_scientific_name      'Escherichia coli' 
_entity_src_gen.pdbx_host_org_ncbi_taxonomy_id     562 
_entity_src_gen.host_org_genus                     ? 
_entity_src_gen.pdbx_host_org_gene                 ? 
_entity_src_gen.pdbx_host_org_organ                ? 
_entity_src_gen.host_org_species                   ? 
_entity_src_gen.pdbx_host_org_tissue               ? 
_entity_src_gen.pdbx_host_org_tissue_fraction      ? 
_entity_src_gen.pdbx_host_org_strain               ? 
_entity_src_gen.pdbx_host_org_variant              ? 
_entity_src_gen.pdbx_host_org_cell_line            ? 
_entity_src_gen.pdbx_host_org_atcc                 ? 
_entity_src_gen.pdbx_host_org_culture_collection   ? 
_entity_src_gen.pdbx_host_org_cell                 ? 
_entity_src_gen.pdbx_host_org_organelle            ? 
_entity_src_gen.pdbx_host_org_cellular_location    ? 
_entity_src_gen.pdbx_host_org_vector_type          ? 
_entity_src_gen.pdbx_host_org_vector               ? 
_entity_src_gen.host_org_details                   ? 
_entity_src_gen.expression_system_id               ? 
_entity_src_gen.plasmid_name                       ? 
_entity_src_gen.plasmid_details                    ? 
_entity_src_gen.pdbx_description                   ? 
# 
loop_
_chem_comp.id 
_chem_comp.type 
_chem_comp.mon_nstd_flag 
_chem_comp.name 
_chem_comp.pdbx_synonyms 
_chem_comp.formula 
_chem_comp.formula_weight 
ALA 'L-peptide linking' y ALANINE         ? 'C3 H7 N O2'     89.093  
ARG 'L-peptide linking' y ARGININE        ? 'C6 H15 N4 O2 1' 175.209 
ASN 'L-peptide linking' y ASPARAGINE      ? 'C4 H8 N2 O3'    132.118 
ASP 'L-peptide linking' y 'ASPARTIC ACID' ? 'C4 H7 N O4'     133.103 
GLN 'L-peptide linking' y GLUTAMINE       ? 'C5 H10 N2 O3'   146.144 
GLU 'L-peptide linking' y 'GLUTAMIC ACID' ? 'C5 H9 N O4'     147.129 
GLY 'peptide linking'   y GLYCINE         ? 'C2 H5 N O2'     75.067  
HIS 'L-peptide linking' y HISTIDINE       ? 'C6 H10 N3 O2 1' 156.162 
ILE 'L-peptide linking' y ISOLEUCINE      ? 'C6 H13 N O2'    131.173 
LEU 'L-peptide linking' y LEUCINE         ? 'C6 H13 N O2'    131.173 
LYS 'L-peptide linking' y LYSINE          ? 'C6 H15 N2 O2 1' 147.195 
MET 'L-peptide linking' y METHIONINE      ? 'C5 H11 N O2 S'  149.211 
PHE 'L-peptide linking' y PHENYLALANINE   ? 'C9 H11 N O2'    165.189 
PRO 'L-peptide linking' y PROLINE         ? 'C5 H9 N O2'     115.130 
SER 'L-peptide linking' y SERINE          ? 'C3 H7 N O3'     105.093 
THR 'L-peptide linking' y THREONINE       ? 'C4 H9 N O3'     119.119 
TYR 'L-peptide linking' y TYROSINE        ? 'C9 H11 N O3'    181.189 
VAL 'L-peptide linking' y VALINE          ? 'C5 H11 N O2'    117.146 
ZN  non-polymer         . 'ZINC ION'      ? 'Zn 2'           65.409  
# 
loop_
_pdbx_poly_seq_scheme.asym_id 
_pdbx_poly_seq_scheme.entity_id 
_pdbx_poly_seq_scheme.seq_id 
_pdbx_poly_seq_scheme.mon_id 
_pdbx_poly_seq_scheme.ndb_seq_num 
_pdbx_poly_seq_scheme.pdb_seq_num 
_pdbx_poly_seq_scheme.auth_seq_num 
_pdbx_poly_seq_scheme.pdb_mon_id 
_pdbx_poly_seq_scheme.auth_mon_id 
_pdbx_poly_seq_scheme.pdb_strand_id 
_pdbx_poly_seq_scheme.pdb_ins_code 
_pdbx_poly_seq_scheme.hetero 
A 1 1   MET 1   -18 ?   ?   ?   A . n 
A 1 2   GLY 2   -17 ?   ?   ?   A . n 
A 1 3   HIS 3   -16 ?   ?   ?   A . n 
A 1 4   HIS 4   -15 ?   ?   ?   A . n 
A 1 5   HIS 5   -14 ?   ?   ?   A . n 
A 1 6   HIS 6   -13 ?   ?   ?   A . n 
A 1 7   HIS 7   -12 ?   ?   ?   A . n 
A 1 8   HIS 8   -11 ?   ?   ?   A . n 
A 1 9   HIS 9   -10 ?   ?   ?   A . n 
A 1 10  HIS 10  -9  ?   ?   ?   A . n 
A 1 11  SER 11  -8  ?   ?   ?   A . n 
A 1 12  SER 12  -7  ?   ?   ?   A . n 
A 1 13  GLY 13  -6  ?   ?   ?   A . n 
A 1 14  LEU 14  -5  ?   ?   ?   A . n 
A 1 15  GLU 15  -4  ?   ?   ?   A . n 
A 1 16  VAL 16  -3  ?   ?   ?   A . n 
A 1 17  LEU 17  -2  ?   ?   ?   A . n 
A 1 18  PHE 18  -1  ?   ?   ?   A . n 
A 1 19  GLN 19  0   ?   ?   ?   A . n 
A 1 20  GLY 20  1   ?   ?   ?   A . n 
A 1 21  PRO 21  2   ?   ?   ?   A . n 
A 1 22  GLY 22  3   ?   ?   ?   A . n 
A 1 23  GLY 23  4   ?   ?   ?   A . n 
A 1 24  THR 24  5   ?   ?   ?   A . n 
A 1 25  MET 25  6   ?   ?   ?   A . n 
A 1 26  GLU 26  7   ?   ?   ?   A . n 
A 1 27  GLU 27  8   ?   ?   ?   A . n 
A 1 28  LEU 28  9   ?   ?   ?   A . n 
A 1 29  ALA 29  10  ?   ?   ?   A . n 
A 1 30  ARG 30  11  ?   ?   ?   A . n 
A 1 31  ARG 31  12  ?   ?   ?   A . n 
A 1 32  VAL 32  13  ?   ?   ?   A . n 
A 1 33  GLY 33  14  ?   ?   ?   A . n 
A 1 34  ARG 34  15  ?   ?   ?   A . n 
A 1 35  ALA 35  16  ?   ?   ?   A . n 
A 1 36  ILE 36  17  ?   ?   ?   A . n 
A 1 37  GLU 37  18  ?   ?   ?   A . n 
A 1 38  ARG 38  19  ?   ?   ?   A . n 
A 1 39  TYR 39  20  ?   ?   ?   A . n 
A 1 40  LEU 40  21  ?   ?   ?   A . n 
A 1 41  ASN 41  22  ?   ?   ?   A . n 
A 1 42  GLY 42  23  ?   ?   ?   A . n 
A 1 43  GLU 43  24  ?   ?   ?   A . n 
A 1 44  ILE 44  25  ?   ?   ?   A . n 
A 1 45  ASN 45  26  ?   ?   ?   A . n 
A 1 46  GLU 46  27  ?   ?   ?   A . n 
A 1 47  VAL 47  28  ?   ?   ?   A . n 
A 1 48  GLU 48  29  ?   ?   ?   A . n 
A 1 49  LEU 49  30  ?   ?   ?   A . n 
A 1 50  ALA 50  31  ?   ?   ?   A . n 
A 1 51  LEU 51  32  ?   ?   ?   A . n 
A 1 52  ALA 52  33  ?   ?   ?   A . n 
A 1 53  VAL 53  34  ?   ?   ?   A . n 
A 1 54  GLY 54  35  ?   ?   ?   A . n 
A 1 55  HIS 55  36  ?   ?   ?   A . n 
A 1 56  ILE 56  37  ?   ?   ?   A . n 
A 1 57  PHE 57  38  ?   ?   ?   A . n 
A 1 58  ARG 58  39  ?   ?   ?   A . n 
A 1 59  ASP 59  40  ?   ?   ?   A . n 
A 1 60  TYR 60  41  ?   ?   ?   A . n 
A 1 61  GLY 61  42  ?   ?   ?   A . n 
A 1 62  LEU 62  43  ?   ?   ?   A . n 
A 1 63  GLU 63  44  ?   ?   ?   A . n 
A 1 64  GLU 64  45  ?   ?   ?   A . n 
A 1 65  LEU 65  46  ?   ?   ?   A . n 
A 1 66  HIS 66  47  ?   ?   ?   A . n 
A 1 67  GLU 67  48  ?   ?   ?   A . n 
A 1 68  ILE 68  49  ?   ?   ?   A . n 
A 1 69  VAL 69  50  ?   ?   ?   A . n 
A 1 70  ASP 70  51  ?   ?   ?   A . n 
A 1 71  ARG 71  52  ?   ?   ?   A . n 
A 1 72  LEU 72  53  ?   ?   ?   A . n 
A 1 73  LEU 73  54  ?   ?   ?   A . n 
A 1 74  ALA 74  55  ?   ?   ?   A . n 
A 1 75  GLY 75  56  ?   ?   ?   A . n 
A 1 76  GLU 76  57  ?   ?   ?   A . n 
A 1 77  ILE 77  58  ?   ?   ?   A . n 
A 1 78  SER 78  59  ?   ?   ?   A . n 
A 1 79  VAL 79  60  ?   ?   ?   A . n 
A 1 80  LEU 80  61  ?   ?   ?   A . n 
A 1 81  GLU 81  62  ?   ?   ?   A . n 
A 1 82  MET 82  63  ?   ?   ?   A . n 
A 1 83  LEU 83  64  ?   ?   ?   A . n 
A 1 84  PHE 84  65  ?   ?   ?   A . n 
A 1 85  ARG 85  66  ?   ?   ?   A . n 
A 1 86  LEU 86  67  ?   ?   ?   A . n 
A 1 87  TYR 87  68  ?   ?   ?   A . n 
A 1 88  GLU 88  69  ?   ?   ?   A . n 
A 1 89  ALA 89  70  ?   ?   ?   A . n 
A 1 90  ALA 90  71  ?   ?   ?   A . n 
A 1 91  VAL 91  72  ?   ?   ?   A . n 
A 1 92  LYS 92  73  ?   ?   ?   A . n 
A 1 93  LEU 93  74  ?   ?   ?   A . n 
A 1 94  GLY 94  75  ?   ?   ?   A . n 
A 1 95  LEU 95  76  ?   ?   ?   A . n 
A 1 96  ASP 96  77  ?   ?   ?   A . n 
A 1 97  ASP 97  78  ?   ?   ?   A . n 
A 1 98  LEU 98  79  ?   ?   ?   A . n 
A 1 99  LYS 99  80  ?   ?   ?   A . n 
A 1 100 PHE 100 81  ?   ?   ?   A . n 
A 1 101 VAL 101 82  ?   ?   ?   A . n 
A 1 102 LEU 102 83  ?   ?   ?   A . n 
A 1 103 LEU 103 84  ?   ?   ?   A . n 
A 1 104 LYS 104 85  ?   ?   ?   A . n 
A 1 105 ALA 105 86  ?   ?   ?   A . n 
A 1 106 ILE 106 87  ?   ?   ?   A . n 
A 1 107 PHE 107 88  ?   ?   ?   A . n 
A 1 108 LYS 108 89  ?   ?   ?   A . n 
A 1 109 LEU 109 90  ?   ?   ?   A . n 
A 1 110 LEU 110 91  ?   ?   ?   A . n 
A 1 111 ASN 111 92  ?   ?   ?   A . n 
A 1 112 GLU 112 93  ?   ?   ?   A . n 
A 1 113 PRO 113 94  ?   ?   ?   A . n 
A 1 114 LYS 114 95  ?   ?   ?   A . n 
A 1 115 MET 115 96  ?   ?   ?   A . n 
A 1 116 VAL 116 97  ?   ?   ?   A . n 
A 1 117 LYS 117 98  ?   ?   ?   A . n 
A 1 118 ILE 118 99  ?   ?   ?   A . n 
A 1 119 VAL 119 100 ?   ?   ?   A . n 
A 1 120 GLU 120 101 ?   ?   ?   A . n 
A 1 121 ILE 121 102 ?   ?   ?   A . n 
A 1 122 LEU 122 103 ?   ?   ?   A . n 
A 1 123 GLU 123 104 ?   ?   ?   A . n 
A 1 124 GLU 124 105 ?   ?   ?   A . n 
A 1 125 MET 125 106 ?   ?   ?   A . n 
A 1 126 TYR 126 107 ?   ?   ?   A . n 
A 1 127 LYS 127 108 ?   ?   ?   A . n 
A 1 128 ARG 128 109 ?   ?   ?   A . n 
A 1 129 ALA 129 110 ?   ?   ?   A . n 
A 1 130 VAL 130 111 ?   ?   ?   A . n 
A 1 131 LYS 131 112 ?   ?   ?   A . n 
A 1 132 LYS 132 113 ?   ?   ?   A . n 
A 1 133 GLY 133 114 ?   ?   ?   A . n 
A 1 134 ASP 134 115 ?   ?   ?   A . n 
A 1 135 GLU 135 116 ?   ?   ?   A . n 
A 1 136 GLU 136 117 ?   ?   ?   A . n 
A 1 137 THR 137 118 ?   ?   ?   A . n 
A 1 138 ILE 138 119 ?   ?   ?   A . n 
A 1 139 LYS 139 120 ?   ?   ?   A . n 
A 1 140 LEU 140 121 ?   ?   ?   A . n 
A 1 141 LEU 141 122 ?   ?   ?   A . n 
A 1 142 LYS 142 123 ?   ?   ?   A . n 
A 1 143 GLU 143 124 ?   ?   ?   A . n 
A 1 144 MET 144 125 ?   ?   ?   A . n 
A 1 145 LEU 145 126 ?   ?   ?   A . n 
A 1 146 GLU 146 127 ?   ?   ?   A . n 
A 1 147 VAL 147 128 ?   ?   ?   A . n 
A 1 148 LEU 148 129 ?   ?   ?   A . n 
A 1 149 PHE 149 130 ?   ?   ?   A . n 
A 1 150 GLU 150 131 ?   ?   ?   A . n 
A 1 151 ILE 151 132 ?   ?   ?   A . n 
A 1 152 ALA 152 133 ?   ?   ?   A . n 
A 1 153 LYS 153 134 ?   ?   ?   A . n 
A 1 154 ALA 154 135 ?   ?   ?   A . n 
A 1 155 ILE 155 136 ?   ?   ?   A . n 
A 1 156 ALA 156 137 ?   ?   ?   A . n 
A 1 157 ASN 157 138 ?   ?   ?   A . n 
A 1 158 ASN 158 139 ?   ?   ?   A . n 
A 1 159 ASP 159 140 ?   ?   ?   A . n 
A 1 160 LYS 160 141 141 LYS LYS A . n 
A 1 161 GLU 161 142 142 GLU GLU A . n 
A 1 162 GLU 162 143 143 GLU GLU A . n 
A 1 163 VAL 163 144 144 VAL VAL A . n 
A 1 164 LYS 164 145 145 LYS LYS A . n 
A 1 165 LYS 165 146 146 LYS LYS A . n 
A 1 166 LEU 166 147 147 LEU LEU A . n 
A 1 167 LEU 167 148 148 LEU LEU A . n 
A 1 168 ALA 168 149 149 ALA ALA A . n 
A 1 169 LYS 169 150 150 LYS LYS A . n 
A 1 170 PHE 170 151 151 PHE PHE A . n 
A 1 171 VAL 171 152 152 VAL VAL A . n 
A 1 172 LEU 172 153 153 LEU LEU A . n 
A 1 173 LEU 173 154 154 LEU LEU A . n 
A 1 174 LEU 174 155 155 LEU LEU A . n 
A 1 175 LEU 175 156 156 LEU LEU A . n 
A 1 176 GLU 176 157 157 GLU GLU A . n 
A 1 177 MET 177 158 158 MET MET A . n 
A 1 178 VAL 178 159 159 VAL VAL A . n 
A 1 179 LYS 179 160 160 LYS LYS A . n 
A 1 180 ARG 180 161 161 ARG ARG A . n 
A 1 181 ALA 181 162 162 ALA ALA A . n 
A 1 182 ILE 182 163 163 ILE ILE A . n 
A 1 183 LYS 183 164 164 LYS LYS A . n 
A 1 184 LYS 184 165 165 LYS LYS A . n 
A 1 185 GLY 185 166 166 GLY GLY A . n 
A 1 186 ASP 186 167 167 ASP ASP A . n 
A 1 187 LYS 187 168 168 LYS LYS A . n 
A 1 188 GLU 188 169 169 GLU GLU A . n 
A 1 189 THR 189 170 170 THR THR A . n 
A 1 190 LEU 190 171 171 LEU LEU A . n 
A 1 191 LYS 191 172 172 LYS LYS A . n 
A 1 192 LEU 192 173 173 LEU LEU A . n 
A 1 193 ILE 193 174 174 ILE ILE A . n 
A 1 194 HIS 194 175 175 HIS HIS A . n 
A 1 195 GLU 195 176 176 GLU GLU A . n 
A 1 196 ILE 196 177 177 ILE ILE A . n 
A 1 197 LEU 197 178 178 LEU LEU A . n 
A 1 198 ASP 198 179 179 ASP ASP A . n 
A 1 199 ILE 199 180 180 ILE ILE A . n 
A 1 200 ILE 200 181 181 ILE ILE A . n 
A 1 201 ALA 201 182 182 ALA ALA A . n 
A 1 202 GLU 202 183 183 GLU GLU A . n 
A 1 203 ILE 203 184 184 ILE ILE A . n 
A 1 204 PHE 204 185 185 PHE PHE A . n 
A 1 205 GLU 205 186 186 GLU GLU A . n 
A 1 206 GLU 206 187 187 GLU GLU A . n 
A 1 207 LEU 207 188 188 LEU LEU A . n 
A 1 208 GLY 208 189 189 GLY GLY A . n 
A 1 209 ASP 209 190 190 ASP ASP A . n 
A 1 210 ASP 210 191 191 ASP ASP A . n 
A 1 211 GLU 211 192 192 GLU GLU A . n 
A 1 212 LEU 212 193 193 LEU LEU A . n 
A 1 213 ALA 213 194 194 ALA ALA A . n 
A 1 214 HIS 214 195 195 HIS HIS A . n 
A 1 215 ALA 215 196 196 ALA ALA A . n 
A 1 216 ALA 216 197 197 ALA ALA A . n 
A 1 217 ARG 217 198 198 ARG ARG A . n 
A 1 218 LEU 218 199 199 LEU LEU A . n 
A 1 219 VAL 219 200 200 VAL VAL A . n 
A 1 220 SER 220 201 201 SER SER A . n 
A 1 221 LYS 221 202 202 LYS LYS A . n 
A 1 222 ALA 222 203 203 ALA ALA A . n 
A 1 223 ALA 223 204 204 ALA ALA A . n 
A 1 224 GLU 224 205 205 GLU GLU A . n 
A 1 225 LEU 225 206 206 LEU LEU A . n 
A 1 226 ALA 226 207 207 ALA ALA A . n 
A 1 227 LEU 227 208 208 LEU LEU A . n 
A 1 228 LYS 228 209 209 LYS LYS A . n 
A 1 229 GLY 229 210 210 GLY GLY A . n 
A 1 230 LYS 230 211 211 LYS LYS A . n 
A 1 231 LYS 231 212 212 LYS LYS A . n 
A 1 232 GLU 232 213 213 GLU GLU A . n 
A 1 233 GLU 233 214 214 GLU GLU A . n 
A 1 234 ALA 234 215 215 ALA ALA A . n 
A 1 235 GLU 235 216 216 GLU GLU A . n 
A 1 236 LYS 236 217 217 LYS LYS A . n 
A 1 237 LEU 237 218 218 LEU LEU A . n 
A 1 238 PHE 238 219 219 PHE PHE A . n 
A 1 239 GLU 239 220 220 GLU GLU A . n 
A 1 240 ILE 240 221 221 ILE ILE A . n 
A 1 241 ALA 241 222 222 ALA ALA A . n 
A 1 242 GLU 242 223 223 GLU GLU A . n 
A 1 243 GLU 243 224 224 GLU GLU A . n 
A 1 244 GLU 244 225 225 GLU GLU A . n 
A 1 245 LEU 245 226 226 LEU LEU A . n 
A 1 246 LYS 246 227 227 LYS LYS A . n 
A 1 247 GLU 247 228 228 GLU GLU A . n 
A 1 248 LEU 248 229 229 LEU LEU A . n 
A 1 249 ILE 249 230 230 ILE ILE A . n 
A 1 250 GLU 250 231 231 GLU GLU A . n 
A 1 251 LYS 251 232 ?   ?   ?   A . n 
B 1 1   MET 1   -18 ?   ?   ?   B . n 
B 1 2   GLY 2   -17 ?   ?   ?   B . n 
B 1 3   HIS 3   -16 ?   ?   ?   B . n 
B 1 4   HIS 4   -15 ?   ?   ?   B . n 
B 1 5   HIS 5   -14 ?   ?   ?   B . n 
B 1 6   HIS 6   -13 ?   ?   ?   B . n 
B 1 7   HIS 7   -12 ?   ?   ?   B . n 
B 1 8   HIS 8   -11 ?   ?   ?   B . n 
B 1 9   HIS 9   -10 ?   ?   ?   B . n 
B 1 10  HIS 10  -9  ?   ?   ?   B . n 
B 1 11  SER 11  -8  ?   ?   ?   B . n 
B 1 12  SER 12  -7  ?   ?   ?   B . n 
B 1 13  GLY 13  -6  ?   ?   ?   B . n 
B 1 14  LEU 14  -5  ?   ?   ?   B . n 
B 1 15  GLU 15  -4  ?   ?   ?   B . n 
B 1 16  VAL 16  -3  ?   ?   ?   B . n 
B 1 17  LEU 17  -2  ?   ?   ?   B . n 
B 1 18  PHE 18  -1  ?   ?   ?   B . n 
B 1 19  GLN 19  0   ?   ?   ?   B . n 
B 1 20  GLY 20  1   ?   ?   ?   B . n 
B 1 21  PRO 21  2   ?   ?   ?   B . n 
B 1 22  GLY 22  3   ?   ?   ?   B . n 
B 1 23  GLY 23  4   ?   ?   ?   B . n 
B 1 24  THR 24  5   ?   ?   ?   B . n 
B 1 25  MET 25  6   ?   ?   ?   B . n 
B 1 26  GLU 26  7   ?   ?   ?   B . n 
B 1 27  GLU 27  8   ?   ?   ?   B . n 
B 1 28  LEU 28  9   ?   ?   ?   B . n 
B 1 29  ALA 29  10  ?   ?   ?   B . n 
B 1 30  ARG 30  11  ?   ?   ?   B . n 
B 1 31  ARG 31  12  ?   ?   ?   B . n 
B 1 32  VAL 32  13  ?   ?   ?   B . n 
B 1 33  GLY 33  14  ?   ?   ?   B . n 
B 1 34  ARG 34  15  ?   ?   ?   B . n 
B 1 35  ALA 35  16  ?   ?   ?   B . n 
B 1 36  ILE 36  17  ?   ?   ?   B . n 
B 1 37  GLU 37  18  ?   ?   ?   B . n 
B 1 38  ARG 38  19  ?   ?   ?   B . n 
B 1 39  TYR 39  20  ?   ?   ?   B . n 
B 1 40  LEU 40  21  ?   ?   ?   B . n 
B 1 41  ASN 41  22  ?   ?   ?   B . n 
B 1 42  GLY 42  23  ?   ?   ?   B . n 
B 1 43  GLU 43  24  ?   ?   ?   B . n 
B 1 44  ILE 44  25  ?   ?   ?   B . n 
B 1 45  ASN 45  26  ?   ?   ?   B . n 
B 1 46  GLU 46  27  ?   ?   ?   B . n 
B 1 47  VAL 47  28  ?   ?   ?   B . n 
B 1 48  GLU 48  29  ?   ?   ?   B . n 
B 1 49  LEU 49  30  ?   ?   ?   B . n 
B 1 50  ALA 50  31  ?   ?   ?   B . n 
B 1 51  LEU 51  32  ?   ?   ?   B . n 
B 1 52  ALA 52  33  ?   ?   ?   B . n 
B 1 53  VAL 53  34  ?   ?   ?   B . n 
B 1 54  GLY 54  35  ?   ?   ?   B . n 
B 1 55  HIS 55  36  ?   ?   ?   B . n 
B 1 56  ILE 56  37  ?   ?   ?   B . n 
B 1 57  PHE 57  38  ?   ?   ?   B . n 
B 1 58  ARG 58  39  ?   ?   ?   B . n 
B 1 59  ASP 59  40  ?   ?   ?   B . n 
B 1 60  TYR 60  41  ?   ?   ?   B . n 
B 1 61  GLY 61  42  ?   ?   ?   B . n 
B 1 62  LEU 62  43  ?   ?   ?   B . n 
B 1 63  GLU 63  44  ?   ?   ?   B . n 
B 1 64  GLU 64  45  ?   ?   ?   B . n 
B 1 65  LEU 65  46  ?   ?   ?   B . n 
B 1 66  HIS 66  47  ?   ?   ?   B . n 
B 1 67  GLU 67  48  ?   ?   ?   B . n 
B 1 68  ILE 68  49  ?   ?   ?   B . n 
B 1 69  VAL 69  50  ?   ?   ?   B . n 
B 1 70  ASP 70  51  ?   ?   ?   B . n 
B 1 71  ARG 71  52  ?   ?   ?   B . n 
B 1 72  LEU 72  53  ?   ?   ?   B . n 
B 1 73  LEU 73  54  ?   ?   ?   B . n 
B 1 74  ALA 74  55  ?   ?   ?   B . n 
B 1 75  GLY 75  56  ?   ?   ?   B . n 
B 1 76  GLU 76  57  ?   ?   ?   B . n 
B 1 77  ILE 77  58  ?   ?   ?   B . n 
B 1 78  SER 78  59  ?   ?   ?   B . n 
B 1 79  VAL 79  60  ?   ?   ?   B . n 
B 1 80  LEU 80  61  ?   ?   ?   B . n 
B 1 81  GLU 81  62  ?   ?   ?   B . n 
B 1 82  MET 82  63  ?   ?   ?   B . n 
B 1 83  LEU 83  64  ?   ?   ?   B . n 
B 1 84  PHE 84  65  ?   ?   ?   B . n 
B 1 85  ARG 85  66  ?   ?   ?   B . n 
B 1 86  LEU 86  67  ?   ?   ?   B . n 
B 1 87  TYR 87  68  ?   ?   ?   B . n 
B 1 88  GLU 88  69  ?   ?   ?   B . n 
B 1 89  ALA 89  70  ?   ?   ?   B . n 
B 1 90  ALA 90  71  ?   ?   ?   B . n 
B 1 91  VAL 91  72  ?   ?   ?   B . n 
B 1 92  LYS 92  73  ?   ?   ?   B . n 
B 1 93  LEU 93  74  ?   ?   ?   B . n 
B 1 94  GLY 94  75  ?   ?   ?   B . n 
B 1 95  LEU 95  76  ?   ?   ?   B . n 
B 1 96  ASP 96  77  ?   ?   ?   B . n 
B 1 97  ASP 97  78  ?   ?   ?   B . n 
B 1 98  LEU 98  79  ?   ?   ?   B . n 
B 1 99  LYS 99  80  ?   ?   ?   B . n 
B 1 100 PHE 100 81  ?   ?   ?   B . n 
B 1 101 VAL 101 82  ?   ?   ?   B . n 
B 1 102 LEU 102 83  ?   ?   ?   B . n 
B 1 103 LEU 103 84  ?   ?   ?   B . n 
B 1 104 LYS 104 85  ?   ?   ?   B . n 
B 1 105 ALA 105 86  ?   ?   ?   B . n 
B 1 106 ILE 106 87  ?   ?   ?   B . n 
B 1 107 PHE 107 88  ?   ?   ?   B . n 
B 1 108 LYS 108 89  ?   ?   ?   B . n 
B 1 109 LEU 109 90  ?   ?   ?   B . n 
B 1 110 LEU 110 91  ?   ?   ?   B . n 
B 1 111 ASN 111 92  ?   ?   ?   B . n 
B 1 112 GLU 112 93  ?   ?   ?   B . n 
B 1 113 PRO 113 94  ?   ?   ?   B . n 
B 1 114 LYS 114 95  ?   ?   ?   B . n 
B 1 115 MET 115 96  ?   ?   ?   B . n 
B 1 116 VAL 116 97  ?   ?   ?   B . n 
B 1 117 LYS 117 98  ?   ?   ?   B . n 
B 1 118 ILE 118 99  ?   ?   ?   B . n 
B 1 119 VAL 119 100 ?   ?   ?   B . n 
B 1 120 GLU 120 101 ?   ?   ?   B . n 
B 1 121 ILE 121 102 ?   ?   ?   B . n 
B 1 122 LEU 122 103 ?   ?   ?   B . n 
B 1 123 GLU 123 104 ?   ?   ?   B . n 
B 1 124 GLU 124 105 ?   ?   ?   B . n 
B 1 125 MET 125 106 ?   ?   ?   B . n 
B 1 126 TYR 126 107 ?   ?   ?   B . n 
B 1 127 LYS 127 108 ?   ?   ?   B . n 
B 1 128 ARG 128 109 ?   ?   ?   B . n 
B 1 129 ALA 129 110 ?   ?   ?   B . n 
B 1 130 VAL 130 111 ?   ?   ?   B . n 
B 1 131 LYS 131 112 ?   ?   ?   B . n 
B 1 132 LYS 132 113 ?   ?   ?   B . n 
B 1 133 GLY 133 114 ?   ?   ?   B . n 
B 1 134 ASP 134 115 ?   ?   ?   B . n 
B 1 135 GLU 135 116 ?   ?   ?   B . n 
B 1 136 GLU 136 117 ?   ?   ?   B . n 
B 1 137 THR 137 118 ?   ?   ?   B . n 
B 1 138 ILE 138 119 ?   ?   ?   B . n 
B 1 139 LYS 139 120 ?   ?   ?   B . n 
B 1 140 LEU 140 121 ?   ?   ?   B . n 
B 1 141 LEU 141 122 ?   ?   ?   B . n 
B 1 142 LYS 142 123 ?   ?   ?   B . n 
B 1 143 GLU 143 124 ?   ?   ?   B . n 
B 1 144 MET 144 125 ?   ?   ?   B . n 
B 1 145 LEU 145 126 ?   ?   ?   B . n 
B 1 146 GLU 146 127 ?   ?   ?   B . n 
B 1 147 VAL 147 128 ?   ?   ?   B . n 
B 1 148 LEU 148 129 ?   ?   ?   B . n 
B 1 149 PHE 149 130 ?   ?   ?   B . n 
B 1 150 GLU 150 131 ?   ?   ?   B . n 
B 1 151 ILE 151 132 ?   ?   ?   B . n 
B 1 152 ALA 152 133 ?   ?   ?   B . n 
B 1 153 LYS 153 134 ?   ?   ?   B . n 
B 1 154 ALA 154 135 ?   ?   ?   B . n 
B 1 155 ILE 155 136 ?   ?   ?   B . n 
B 1 156 ALA 156 137 ?   ?   ?   B . n 
B 1 157 ASN 157 138 ?   ?   ?   B . n 
B 1 158 ASN 158 139 ?   ?   ?   B . n 
B 1 159 ASP 159 140 ?   ?   ?   B . n 
B 1 160 LYS 160 141 141 LYS LYS B . n 
B 1 161 GLU 161 142 142 GLU GLU B . n 
B 1 162 GLU 162 143 143 GLU GLU B . n 
B 1 163 VAL 163 144 144 VAL VAL B . n 
B 1 164 LYS 164 145 145 LYS LYS B . n 
B 1 165 LYS 165 146 146 LYS LYS B . n 
B 1 166 LEU 166 147 147 LEU LEU B . n 
B 1 167 LEU 167 148 148 LEU LEU B . n 
B 1 168 ALA 168 149 149 ALA ALA B . n 
B 1 169 LYS 169 150 150 LYS LYS B . n 
B 1 170 PHE 170 151 151 PHE PHE B . n 
B 1 171 VAL 171 152 152 VAL VAL B . n 
B 1 172 LEU 172 153 153 LEU LEU B . n 
B 1 173 LEU 173 154 154 LEU LEU B . n 
B 1 174 LEU 174 155 155 LEU LEU B . n 
B 1 175 LEU 175 156 156 LEU LEU B . n 
B 1 176 GLU 176 157 157 GLU GLU B . n 
B 1 177 MET 177 158 158 MET MET B . n 
B 1 178 VAL 178 159 159 VAL VAL B . n 
B 1 179 LYS 179 160 160 LYS LYS B . n 
B 1 180 ARG 180 161 161 ARG ARG B . n 
B 1 181 ALA 181 162 162 ALA ALA B . n 
B 1 182 ILE 182 163 163 ILE ILE B . n 
B 1 183 LYS 183 164 164 LYS LYS B . n 
B 1 184 LYS 184 165 165 LYS LYS B . n 
B 1 185 GLY 185 166 166 GLY GLY B . n 
B 1 186 ASP 186 167 167 ASP ASP B . n 
B 1 187 LYS 187 168 168 LYS LYS B . n 
B 1 188 GLU 188 169 169 GLU GLU B . n 
B 1 189 THR 189 170 170 THR THR B . n 
B 1 190 LEU 190 171 171 LEU LEU B . n 
B 1 191 LYS 191 172 172 LYS LYS B . n 
B 1 192 LEU 192 173 173 LEU LEU B . n 
B 1 193 ILE 193 174 174 ILE ILE B . n 
B 1 194 HIS 194 175 175 HIS HIS B . n 
B 1 195 GLU 195 176 176 GLU GLU B . n 
B 1 196 ILE 196 177 177 ILE ILE B . n 
B 1 197 LEU 197 178 178 LEU LEU B . n 
B 1 198 ASP 198 179 179 ASP ASP B . n 
B 1 199 ILE 199 180 180 ILE ILE B . n 
B 1 200 ILE 200 181 181 ILE ILE B . n 
B 1 201 ALA 201 182 182 ALA ALA B . n 
B 1 202 GLU 202 183 183 GLU GLU B . n 
B 1 203 ILE 203 184 184 ILE ILE B . n 
B 1 204 PHE 204 185 185 PHE PHE B . n 
B 1 205 GLU 205 186 186 GLU GLU B . n 
B 1 206 GLU 206 187 187 GLU GLU B . n 
B 1 207 LEU 207 188 188 LEU LEU B . n 
B 1 208 GLY 208 189 189 GLY GLY B . n 
B 1 209 ASP 209 190 190 ASP ASP B . n 
B 1 210 ASP 210 191 191 ASP ASP B . n 
B 1 211 GLU 211 192 192 GLU GLU B . n 
B 1 212 LEU 212 193 193 LEU LEU B . n 
B 1 213 ALA 213 194 194 ALA ALA B . n 
B 1 214 HIS 214 195 195 HIS HIS B . n 
B 1 215 ALA 215 196 196 ALA ALA B . n 
B 1 216 ALA 216 197 197 ALA ALA B . n 
B 1 217 ARG 217 198 198 ARG ARG B . n 
B 1 218 LEU 218 199 199 LEU LEU B . n 
B 1 219 VAL 219 200 200 VAL VAL B . n 
B 1 220 SER 220 201 201 SER SER B . n 
B 1 221 LYS 221 202 202 LYS LYS B . n 
B 1 222 ALA 222 203 203 ALA ALA B . n 
B 1 223 ALA 223 204 204 ALA ALA B . n 
B 1 224 GLU 224 205 205 GLU GLU B . n 
B 1 225 LEU 225 206 206 LEU LEU B . n 
B 1 226 ALA 226 207 207 ALA ALA B . n 
B 1 227 LEU 227 208 208 LEU LEU B . n 
B 1 228 LYS 228 209 209 LYS LYS B . n 
B 1 229 GLY 229 210 210 GLY GLY B . n 
B 1 230 LYS 230 211 211 LYS LYS B . n 
B 1 231 LYS 231 212 212 LYS LYS B . n 
B 1 232 GLU 232 213 213 GLU GLU B . n 
B 1 233 GLU 233 214 214 GLU GLU B . n 
B 1 234 ALA 234 215 215 ALA ALA B . n 
B 1 235 GLU 235 216 216 GLU GLU B . n 
B 1 236 LYS 236 217 217 LYS LYS B . n 
B 1 237 LEU 237 218 218 LEU LEU B . n 
B 1 238 PHE 238 219 219 PHE PHE B . n 
B 1 239 GLU 239 220 220 GLU GLU B . n 
B 1 240 ILE 240 221 221 ILE ILE B . n 
B 1 241 ALA 241 222 222 ALA ALA B . n 
B 1 242 GLU 242 223 223 GLU GLU B . n 
B 1 243 GLU 243 224 224 GLU GLU B . n 
B 1 244 GLU 244 225 225 GLU GLU B . n 
B 1 245 LEU 245 226 226 LEU LEU B . n 
B 1 246 LYS 246 227 227 LYS LYS B . n 
B 1 247 GLU 247 228 228 GLU GLU B . n 
B 1 248 LEU 248 229 229 LEU LEU B . n 
B 1 249 ILE 249 230 230 ILE ILE B . n 
B 1 250 GLU 250 231 231 GLU GLU B . n 
B 1 251 LYS 251 232 ?   ?   ?   B . n 
# 
_pdbx_entity_instance_feature.ordinal        1 
_pdbx_entity_instance_feature.comp_id        ZN 
_pdbx_entity_instance_feature.asym_id        ? 
_pdbx_entity_instance_feature.seq_num        ? 
_pdbx_entity_instance_feature.auth_comp_id   ZN 
_pdbx_entity_instance_feature.auth_asym_id   ? 
_pdbx_entity_instance_feature.auth_seq_num   ? 
_pdbx_entity_instance_feature.feature_type   'SUBJECT OF INVESTIGATION' 
_pdbx_entity_instance_feature.details        ? 
# 
loop_
_pdbx_nonpoly_scheme.asym_id 
_pdbx_nonpoly_scheme.entity_id 
_pdbx_nonpoly_scheme.mon_id 
_pdbx_nonpoly_scheme.ndb_seq_num 
_pdbx_nonpoly_scheme.pdb_seq_num 
_pdbx_nonpoly_scheme.auth_seq_num 
_pdbx_nonpoly_scheme.pdb_mon_id 
_pdbx_nonpoly_scheme.auth_mon_id 
_pdbx_nonpoly_scheme.pdb_strand_id 
_pdbx_nonpoly_scheme.pdb_ins_code 
C 2 ZN 1 301 234 ZN ZN A . 
D 2 ZN 1 301 234 ZN ZN B . 
# 
_cell.angle_alpha                  90.00 
_cell.angle_alpha_esd              ? 
_cell.angle_beta                   90.00 
_cell.angle_beta_esd               ? 
_cell.angle_gamma                  90.00 
_cell.angle_gamma_esd              ? 
_cell.entry_id                     9K8H 
_cell.details                      ? 
_cell.formula_units_Z              ? 
_cell.length_a                     1.00 
_cell.length_a_esd                 ? 
_cell.length_b                     1.00 
_cell.length_b_esd                 ? 
_cell.length_c                     1.00 
_cell.length_c_esd                 ? 
_cell.volume                       ? 
_cell.volume_esd                   ? 
_cell.Z_PDB                        ? 
_cell.reciprocal_angle_alpha       ? 
_cell.reciprocal_angle_beta        ? 
_cell.reciprocal_angle_gamma       ? 
_cell.reciprocal_angle_alpha_esd   ? 
_cell.reciprocal_angle_beta_esd    ? 
_cell.reciprocal_angle_gamma_esd   ? 
_cell.reciprocal_length_a          ? 
_cell.reciprocal_length_b          ? 
_cell.reciprocal_length_c          ? 
_cell.reciprocal_length_a_esd      ? 
_cell.reciprocal_length_b_esd      ? 
_cell.reciprocal_length_c_esd      ? 
_cell.pdbx_unique_axis             ? 
_cell.pdbx_esd_method              ? 
# 
_symmetry.entry_id                         9K8H 
_symmetry.cell_setting                     ? 
_symmetry.Int_Tables_number                1 
_symmetry.space_group_name_Hall            ? 
_symmetry.space_group_name_H-M             'P 1' 
_symmetry.pdbx_full_space_group_name_H-M   ? 
# 
_exptl.absorpt_coefficient_mu     ? 
_exptl.absorpt_correction_T_max   ? 
_exptl.absorpt_correction_T_min   ? 
_exptl.absorpt_correction_type    ? 
_exptl.absorpt_process_details    ? 
_exptl.entry_id                   9K8H 
_exptl.crystals_number            ? 
_exptl.details                    ? 
_exptl.method                     'ELECTRON MICROSCOPY' 
_exptl.method_details             ? 
# 
_refine.pdbx_refine_id                           'ELECTRON MICROSCOPY' 
_refine.entry_id                                 9K8H 
_refine.pdbx_diffrn_id                           ? 
_refine.pdbx_TLS_residual_ADP_flag               ? 
_refine.ls_number_reflns_obs                     ? 
_refine.ls_number_reflns_all                     ? 
_refine.pdbx_ls_sigma_I                          ? 
_refine.pdbx_ls_sigma_F                          ? 
_refine.pdbx_data_cutoff_high_absF               ? 
_refine.pdbx_data_cutoff_low_absF                ? 
_refine.pdbx_data_cutoff_high_rms_absF           ? 
_refine.ls_d_res_low                             ? 
_refine.ls_d_res_high                            . 
_refine.ls_percent_reflns_obs                    ? 
_refine.ls_R_factor_obs                          ? 
_refine.ls_R_factor_all                          ? 
_refine.ls_R_factor_R_work                       ? 
_refine.ls_R_factor_R_free                       ? 
_refine.ls_R_factor_R_free_error                 ? 
_refine.ls_R_factor_R_free_error_details         ? 
_refine.ls_percent_reflns_R_free                 ? 
_refine.ls_number_reflns_R_free                  ? 
_refine.ls_number_parameters                     ? 
_refine.ls_number_restraints                     ? 
_refine.occupancy_min                            ? 
_refine.occupancy_max                            ? 
_refine.correlation_coeff_Fo_to_Fc               ? 
_refine.correlation_coeff_Fo_to_Fc_free          ? 
_refine.B_iso_mean                               ? 
_refine.aniso_B[1][1]                            ? 
_refine.aniso_B[2][2]                            ? 
_refine.aniso_B[3][3]                            ? 
_refine.aniso_B[1][2]                            ? 
_refine.aniso_B[1][3]                            ? 
_refine.aniso_B[2][3]                            ? 
_refine.solvent_model_details                    ? 
_refine.solvent_model_param_ksol                 ? 
_refine.solvent_model_param_bsol                 ? 
_refine.pdbx_solvent_vdw_probe_radii             ? 
_refine.pdbx_solvent_ion_probe_radii             ? 
_refine.pdbx_solvent_shrinkage_radii             ? 
_refine.pdbx_ls_cross_valid_method               ? 
_refine.details                                  ? 
_refine.pdbx_starting_model                      ? 
_refine.pdbx_method_to_determine_struct          ? 
_refine.pdbx_isotropic_thermal_model             ? 
_refine.pdbx_stereochemistry_target_values       ? 
_refine.pdbx_stereochem_target_val_spec_case     ? 
_refine.pdbx_R_Free_selection_details            ? 
_refine.pdbx_overall_ESU_R                       ? 
_refine.pdbx_overall_ESU_R_Free                  ? 
_refine.overall_SU_ML                            ? 
_refine.pdbx_overall_phase_error                 ? 
_refine.overall_SU_B                             ? 
_refine.overall_SU_R_Cruickshank_DPI             ? 
_refine.pdbx_overall_SU_R_free_Cruickshank_DPI   ? 
_refine.pdbx_overall_SU_R_Blow_DPI               ? 
_refine.pdbx_overall_SU_R_free_Blow_DPI          ? 
# 
loop_
_refine_ls_restr.pdbx_refine_id 
_refine_ls_restr.criterion 
_refine_ls_restr.dev_ideal 
_refine_ls_restr.dev_ideal_target 
_refine_ls_restr.number 
_refine_ls_restr.rejects 
_refine_ls_restr.type 
_refine_ls_restr.weight 
_refine_ls_restr.pdbx_restraint_function 
'ELECTRON MICROSCOPY' ? 0.004 ? 1468 ? f_bond_d           ? ? 
'ELECTRON MICROSCOPY' ? 0.619 ? 1954 ? f_angle_d          ? ? 
'ELECTRON MICROSCOPY' ? 4.441 ? 186  ? f_dihedral_angle_d ? ? 
'ELECTRON MICROSCOPY' ? 0.032 ? 236  ? f_chiral_restr     ? ? 
'ELECTRON MICROSCOPY' ? 0.003 ? 242  ? f_plane_restr      ? ? 
# 
_struct.entry_id                     9K8H 
_struct.title                        
'Cryo-EM structure of C2 symmetric interface of designed zinc-induced tetrahedron Cage-t32-Zn1-HEHE-35' 
_struct.pdbx_model_details           ? 
_struct.pdbx_formula_weight          ? 
_struct.pdbx_formula_weight_method   ? 
_struct.pdbx_model_type_details      ? 
_struct.pdbx_CASP_flag               N 
# 
_struct_keywords.entry_id        9K8H 
_struct_keywords.text            'Zinc-binding protein, METAL BINDING PROTEIN' 
_struct_keywords.pdbx_keywords   'METAL BINDING PROTEIN' 
# 
loop_
_struct_asym.id 
_struct_asym.pdbx_blank_PDB_chainid_flag 
_struct_asym.pdbx_modified 
_struct_asym.entity_id 
_struct_asym.details 
A N N 1 ? 
B N N 1 ? 
C N N 2 ? 
D N N 2 ? 
# 
_struct_ref.id                         1 
_struct_ref.db_name                    PDB 
_struct_ref.db_code                    9K8H 
_struct_ref.pdbx_db_accession          9K8H 
_struct_ref.pdbx_db_isoform            ? 
_struct_ref.entity_id                  1 
_struct_ref.pdbx_seq_one_letter_code   ? 
_struct_ref.pdbx_align_begin           1 
# 
loop_
_struct_ref_seq.align_id 
_struct_ref_seq.ref_id 
_struct_ref_seq.pdbx_PDB_id_code 
_struct_ref_seq.pdbx_strand_id 
_struct_ref_seq.seq_align_beg 
_struct_ref_seq.pdbx_seq_align_beg_ins_code 
_struct_ref_seq.seq_align_end 
_struct_ref_seq.pdbx_seq_align_end_ins_code 
_struct_ref_seq.pdbx_db_accession 
_struct_ref_seq.db_align_beg 
_struct_ref_seq.pdbx_db_align_beg_ins_code 
_struct_ref_seq.db_align_end 
_struct_ref_seq.pdbx_db_align_end_ins_code 
_struct_ref_seq.pdbx_auth_seq_align_beg 
_struct_ref_seq.pdbx_auth_seq_align_end 
1 1 9K8H A 1 ? 251 ? 9K8H -18 ? 232 ? -18 232 
2 1 9K8H B 1 ? 251 ? 9K8H -18 ? 232 ? -18 232 
# 
_pdbx_struct_assembly.id                   1 
_pdbx_struct_assembly.details              author_defined_assembly 
_pdbx_struct_assembly.method_details       ? 
_pdbx_struct_assembly.oligomeric_details   dimeric 
_pdbx_struct_assembly.oligomeric_count     2 
# 
_pdbx_struct_assembly_gen.assembly_id       1 
_pdbx_struct_assembly_gen.oper_expression   1 
_pdbx_struct_assembly_gen.asym_id_list      A,B,C,D 
# 
_pdbx_struct_assembly_auth_evidence.id                     1 
_pdbx_struct_assembly_auth_evidence.assembly_id            1 
_pdbx_struct_assembly_auth_evidence.experimental_support   'electron microscopy' 
_pdbx_struct_assembly_auth_evidence.details                'not applicable' 
# 
_pdbx_struct_oper_list.id                   1 
_pdbx_struct_oper_list.type                 'identity operation' 
_pdbx_struct_oper_list.name                 1_555 
_pdbx_struct_oper_list.symmetry_operation   ? 
_pdbx_struct_oper_list.matrix[1][1]         1.0000000000 
_pdbx_struct_oper_list.matrix[1][2]         0.0000000000 
_pdbx_struct_oper_list.matrix[1][3]         0.0000000000 
_pdbx_struct_oper_list.vector[1]            0.0000000000 
_pdbx_struct_oper_list.matrix[2][1]         0.0000000000 
_pdbx_struct_oper_list.matrix[2][2]         1.0000000000 
_pdbx_struct_oper_list.matrix[2][3]         0.0000000000 
_pdbx_struct_oper_list.vector[2]            0.0000000000 
_pdbx_struct_oper_list.matrix[3][1]         0.0000000000 
_pdbx_struct_oper_list.matrix[3][2]         0.0000000000 
_pdbx_struct_oper_list.matrix[3][3]         1.0000000000 
_pdbx_struct_oper_list.vector[3]            0.0000000000 
# 
loop_
_struct_conf.conf_type_id 
_struct_conf.id 
_struct_conf.pdbx_PDB_helix_id 
_struct_conf.beg_label_comp_id 
_struct_conf.beg_label_asym_id 
_struct_conf.beg_label_seq_id 
_struct_conf.pdbx_beg_PDB_ins_code 
_struct_conf.end_label_comp_id 
_struct_conf.end_label_asym_id 
_struct_conf.end_label_seq_id 
_struct_conf.pdbx_end_PDB_ins_code 
_struct_conf.beg_auth_comp_id 
_struct_conf.beg_auth_asym_id 
_struct_conf.beg_auth_seq_id 
_struct_conf.end_auth_comp_id 
_struct_conf.end_auth_asym_id 
_struct_conf.end_auth_seq_id 
_struct_conf.pdbx_PDB_helix_class 
_struct_conf.details 
_struct_conf.pdbx_PDB_helix_length 
HELX_P HELX_P1 AA1 LYS A 160 ? LYS A 183 ? LYS A 141 LYS A 164 1 ? 24 
HELX_P HELX_P2 AA2 LYS A 187 ? LEU A 207 ? LYS A 168 LEU A 188 1 ? 21 
HELX_P HELX_P3 AA3 ASP A 210 ? LYS A 228 ? ASP A 191 LYS A 209 1 ? 19 
HELX_P HELX_P4 AA4 GLU A 233 ? GLU A 250 ? GLU A 214 GLU A 231 1 ? 18 
HELX_P HELX_P5 AA5 GLU B 161 ? LYS B 183 ? GLU B 142 LYS B 164 1 ? 23 
HELX_P HELX_P6 AA6 LYS B 187 ? LEU B 207 ? LYS B 168 LEU B 188 1 ? 21 
HELX_P HELX_P7 AA7 ASP B 209 ? GLY B 229 ? ASP B 190 GLY B 210 1 ? 21 
HELX_P HELX_P8 AA8 LYS B 231 ? ILE B 249 ? LYS B 212 ILE B 230 1 ? 19 
# 
_struct_conf_type.id          HELX_P 
_struct_conf_type.criteria    ? 
_struct_conf_type.reference   ? 
# 
loop_
_struct_conn.id 
_struct_conn.conn_type_id 
_struct_conn.pdbx_leaving_atom_flag 
_struct_conn.pdbx_PDB_id 
_struct_conn.ptnr1_label_asym_id 
_struct_conn.ptnr1_label_comp_id 
_struct_conn.ptnr1_label_seq_id 
_struct_conn.ptnr1_label_atom_id 
_struct_conn.pdbx_ptnr1_label_alt_id 
_struct_conn.pdbx_ptnr1_PDB_ins_code 
_struct_conn.pdbx_ptnr1_standard_comp_id 
_struct_conn.ptnr1_symmetry 
_struct_conn.ptnr2_label_asym_id 
_struct_conn.ptnr2_label_comp_id 
_struct_conn.ptnr2_label_seq_id 
_struct_conn.ptnr2_label_atom_id 
_struct_conn.pdbx_ptnr2_label_alt_id 
_struct_conn.pdbx_ptnr2_PDB_ins_code 
_struct_conn.ptnr1_auth_asym_id 
_struct_conn.ptnr1_auth_comp_id 
_struct_conn.ptnr1_auth_seq_id 
_struct_conn.ptnr2_auth_asym_id 
_struct_conn.ptnr2_auth_comp_id 
_struct_conn.ptnr2_auth_seq_id 
_struct_conn.ptnr2_symmetry 
_struct_conn.pdbx_ptnr3_label_atom_id 
_struct_conn.pdbx_ptnr3_label_seq_id 
_struct_conn.pdbx_ptnr3_label_comp_id 
_struct_conn.pdbx_ptnr3_label_asym_id 
_struct_conn.pdbx_ptnr3_label_alt_id 
_struct_conn.pdbx_ptnr3_PDB_ins_code 
_struct_conn.details 
_struct_conn.pdbx_dist_value 
_struct_conn.pdbx_value_order 
_struct_conn.pdbx_role 
metalc1 metalc ? ? A HIS 194 NE2 ? ? ? 1_555 C ZN  .   ZN  ? ? A HIS 175 A ZN  301 1_555 ? ? ? ? ? ? ? 2.241 ? ? 
metalc2 metalc ? ? A ASP 198 OD2 ? ? ? 1_555 C ZN  .   ZN  ? ? A ASP 179 A ZN  301 1_555 ? ? ? ? ? ? ? 2.083 ? ? 
metalc3 metalc ? ? A ASP 210 OD1 ? ? ? 1_555 D ZN  .   ZN  ? ? A ASP 191 B ZN  301 1_555 ? ? ? ? ? ? ? 2.036 ? ? 
metalc4 metalc ? ? A HIS 214 NE2 ? ? ? 1_555 D ZN  .   ZN  ? ? A HIS 195 B ZN  301 1_555 ? ? ? ? ? ? ? 2.272 ? ? 
metalc5 metalc ? ? C ZN  .   ZN  ? ? ? 1_555 B ASP 210 OD2 ? ? A ZN  301 B ASP 191 1_555 ? ? ? ? ? ? ? 2.062 ? ? 
metalc6 metalc ? ? C ZN  .   ZN  ? ? ? 1_555 B HIS 214 NE2 ? ? A ZN  301 B HIS 195 1_555 ? ? ? ? ? ? ? 2.446 ? ? 
metalc7 metalc ? ? B HIS 194 NE2 ? ? ? 1_555 D ZN  .   ZN  ? ? B HIS 175 B ZN  301 1_555 ? ? ? ? ? ? ? 2.148 ? ? 
metalc8 metalc ? ? B ASP 198 OD2 ? ? ? 1_555 D ZN  .   ZN  ? ? B ASP 179 B ZN  301 1_555 ? ? ? ? ? ? ? 2.395 ? ? 
# 
_struct_conn_type.id          metalc 
_struct_conn_type.criteria    ? 
_struct_conn_type.reference   ? 
# 
loop_
_pdbx_struct_conn_angle.id 
_pdbx_struct_conn_angle.ptnr1_label_atom_id 
_pdbx_struct_conn_angle.ptnr1_label_alt_id 
_pdbx_struct_conn_angle.ptnr1_label_asym_id 
_pdbx_struct_conn_angle.ptnr1_label_comp_id 
_pdbx_struct_conn_angle.ptnr1_label_seq_id 
_pdbx_struct_conn_angle.ptnr1_auth_atom_id 
_pdbx_struct_conn_angle.ptnr1_auth_asym_id 
_pdbx_struct_conn_angle.ptnr1_auth_comp_id 
_pdbx_struct_conn_angle.ptnr1_auth_seq_id 
_pdbx_struct_conn_angle.ptnr1_PDB_ins_code 
_pdbx_struct_conn_angle.ptnr1_symmetry 
_pdbx_struct_conn_angle.ptnr2_label_atom_id 
_pdbx_struct_conn_angle.ptnr2_label_alt_id 
_pdbx_struct_conn_angle.ptnr2_label_asym_id 
_pdbx_struct_conn_angle.ptnr2_label_comp_id 
_pdbx_struct_conn_angle.ptnr2_label_seq_id 
_pdbx_struct_conn_angle.ptnr2_auth_atom_id 
_pdbx_struct_conn_angle.ptnr2_auth_asym_id 
_pdbx_struct_conn_angle.ptnr2_auth_comp_id 
_pdbx_struct_conn_angle.ptnr2_auth_seq_id 
_pdbx_struct_conn_angle.ptnr2_PDB_ins_code 
_pdbx_struct_conn_angle.ptnr2_symmetry 
_pdbx_struct_conn_angle.ptnr3_label_atom_id 
_pdbx_struct_conn_angle.ptnr3_label_alt_id 
_pdbx_struct_conn_angle.ptnr3_label_asym_id 
_pdbx_struct_conn_angle.ptnr3_label_comp_id 
_pdbx_struct_conn_angle.ptnr3_label_seq_id 
_pdbx_struct_conn_angle.ptnr3_auth_atom_id 
_pdbx_struct_conn_angle.ptnr3_auth_asym_id 
_pdbx_struct_conn_angle.ptnr3_auth_comp_id 
_pdbx_struct_conn_angle.ptnr3_auth_seq_id 
_pdbx_struct_conn_angle.ptnr3_PDB_ins_code 
_pdbx_struct_conn_angle.ptnr3_symmetry 
_pdbx_struct_conn_angle.value 
_pdbx_struct_conn_angle.value_esd 
1  NE2 ? A HIS 194 ? A HIS 175 ? 1_555 ZN ? C ZN . ? A ZN 301 ? 1_555 OD2 ? A ASP 198 ? A ASP 179 ? 1_555 99.0  ? 
2  NE2 ? A HIS 194 ? A HIS 175 ? 1_555 ZN ? C ZN . ? A ZN 301 ? 1_555 OD2 ? B ASP 210 ? B ASP 191 ? 1_555 102.3 ? 
3  OD2 ? A ASP 198 ? A ASP 179 ? 1_555 ZN ? C ZN . ? A ZN 301 ? 1_555 OD2 ? B ASP 210 ? B ASP 191 ? 1_555 112.5 ? 
4  NE2 ? A HIS 194 ? A HIS 175 ? 1_555 ZN ? C ZN . ? A ZN 301 ? 1_555 NE2 ? B HIS 214 ? B HIS 195 ? 1_555 110.2 ? 
5  OD2 ? A ASP 198 ? A ASP 179 ? 1_555 ZN ? C ZN . ? A ZN 301 ? 1_555 NE2 ? B HIS 214 ? B HIS 195 ? 1_555 138.4 ? 
6  OD2 ? B ASP 210 ? B ASP 191 ? 1_555 ZN ? C ZN . ? A ZN 301 ? 1_555 NE2 ? B HIS 214 ? B HIS 195 ? 1_555 89.9  ? 
7  OD1 ? A ASP 210 ? A ASP 191 ? 1_555 ZN ? D ZN . ? B ZN 301 ? 1_555 NE2 ? A HIS 214 ? A HIS 195 ? 1_555 121.4 ? 
8  OD1 ? A ASP 210 ? A ASP 191 ? 1_555 ZN ? D ZN . ? B ZN 301 ? 1_555 NE2 ? B HIS 194 ? B HIS 175 ? 1_555 110.8 ? 
9  NE2 ? A HIS 214 ? A HIS 195 ? 1_555 ZN ? D ZN . ? B ZN 301 ? 1_555 NE2 ? B HIS 194 ? B HIS 175 ? 1_555 117.5 ? 
10 OD1 ? A ASP 210 ? A ASP 191 ? 1_555 ZN ? D ZN . ? B ZN 301 ? 1_555 OD2 ? B ASP 198 ? B ASP 179 ? 1_555 86.3  ? 
11 NE2 ? A HIS 214 ? A HIS 195 ? 1_555 ZN ? D ZN . ? B ZN 301 ? 1_555 OD2 ? B ASP 198 ? B ASP 179 ? 1_555 122.7 ? 
12 NE2 ? B HIS 194 ? B HIS 175 ? 1_555 ZN ? D ZN . ? B ZN 301 ? 1_555 OD2 ? B ASP 198 ? B ASP 179 ? 1_555 90.7  ? 
# 
_pdbx_entry_details.entry_id                   9K8H 
_pdbx_entry_details.nonpolymer_details         ? 
_pdbx_entry_details.sequence_details           ? 
_pdbx_entry_details.compound_details           ? 
_pdbx_entry_details.source_details             ? 
_pdbx_entry_details.has_ligand_of_interest     Y 
_pdbx_entry_details.has_protein_modification   N 
# 
_pdbx_validate_torsion.id              1 
_pdbx_validate_torsion.PDB_model_num   1 
_pdbx_validate_torsion.auth_comp_id    LYS 
_pdbx_validate_torsion.auth_asym_id    A 
_pdbx_validate_torsion.auth_seq_id     164 
_pdbx_validate_torsion.PDB_ins_code    ? 
_pdbx_validate_torsion.label_alt_id    ? 
_pdbx_validate_torsion.phi             -65.94 
_pdbx_validate_torsion.psi             0.78 
# 
_em_3d_fitting.id                1 
_em_3d_fitting.entry_id          9K8H 
_em_3d_fitting.method            ? 
_em_3d_fitting.target_criteria   ? 
_em_3d_fitting.details           ? 
_em_3d_fitting.overall_b_value   ? 
_em_3d_fitting.ref_space         ? 
_em_3d_fitting.ref_protocol      ? 
# 
_em_3d_reconstruction.entry_id                    9K8H 
_em_3d_reconstruction.id                          1 
_em_3d_reconstruction.method                      ? 
_em_3d_reconstruction.algorithm                   ? 
_em_3d_reconstruction.citation_id                 ? 
_em_3d_reconstruction.details                     ? 
_em_3d_reconstruction.resolution                  2.71 
_em_3d_reconstruction.resolution_method           'FSC 0.143 CUT-OFF' 
_em_3d_reconstruction.magnification_calibration   ? 
_em_3d_reconstruction.nominal_pixel_size          ? 
_em_3d_reconstruction.actual_pixel_size           ? 
_em_3d_reconstruction.num_particles               1910830 
_em_3d_reconstruction.euler_angles_details        ? 
_em_3d_reconstruction.num_class_averages          ? 
_em_3d_reconstruction.refinement_type             ? 
_em_3d_reconstruction.image_processing_id         1 
_em_3d_reconstruction.symmetry_type               POINT 
# 
_em_buffer.id            1 
_em_buffer.specimen_id   1 
_em_buffer.name          ? 
_em_buffer.details       ? 
_em_buffer.pH            7 
# 
_em_entity_assembly.id                   1 
_em_entity_assembly.parent_id            0 
_em_entity_assembly.source               RECOMBINANT 
_em_entity_assembly.type                 COMPLEX 
_em_entity_assembly.name                 Cage-t32-Zn1-HEHE-35 
_em_entity_assembly.details              ? 
_em_entity_assembly.synonym              ? 
_em_entity_assembly.oligomeric_details   ? 
_em_entity_assembly.entity_id_list       1 
# 
_em_imaging.entry_id                        9K8H 
_em_imaging.id                              1 
_em_imaging.astigmatism                     ? 
_em_imaging.electron_beam_tilt_params       ? 
_em_imaging.residual_tilt                   ? 
_em_imaging.microscope_model                'TFS KRIOS' 
_em_imaging.specimen_holder_type            ? 
_em_imaging.specimen_holder_model           ? 
_em_imaging.details                         ? 
_em_imaging.date                            ? 
_em_imaging.accelerating_voltage            300 
_em_imaging.illumination_mode               'FLOOD BEAM' 
_em_imaging.mode                            'BRIGHT FIELD' 
_em_imaging.nominal_cs                      ? 
_em_imaging.nominal_defocus_min             1500 
_em_imaging.nominal_defocus_max             2000 
_em_imaging.calibrated_defocus_min          ? 
_em_imaging.calibrated_defocus_max          ? 
_em_imaging.tilt_angle_min                  ? 
_em_imaging.tilt_angle_max                  ? 
_em_imaging.nominal_magnification           ? 
_em_imaging.calibrated_magnification        ? 
_em_imaging.electron_source                 'FIELD EMISSION GUN' 
_em_imaging.citation_id                     ? 
_em_imaging.temperature                     ? 
_em_imaging.detector_distance               ? 
_em_imaging.recording_temperature_minimum   ? 
_em_imaging.recording_temperature_maximum   ? 
_em_imaging.alignment_procedure             ? 
_em_imaging.c2_aperture_diameter            ? 
_em_imaging.specimen_id                     1 
_em_imaging.cryogen                         ? 
# 
_em_vitrification.entry_id              9K8H 
_em_vitrification.id                    1 
_em_vitrification.specimen_id           1 
_em_vitrification.cryogen_name          ETHANE 
_em_vitrification.humidity              ? 
_em_vitrification.temp                  ? 
_em_vitrification.chamber_temperature   ? 
_em_vitrification.instrument            ? 
_em_vitrification.method                ? 
_em_vitrification.time_resolved_state   ? 
_em_vitrification.citation_id           ? 
_em_vitrification.details               ? 
# 
_em_experiment.entry_id                9K8H 
_em_experiment.id                      1 
_em_experiment.reconstruction_method   'SINGLE PARTICLE' 
_em_experiment.aggregation_state       PARTICLE 
_em_experiment.entity_assembly_id      1 
# 
loop_
_pdbx_unobs_or_zero_occ_residues.id 
_pdbx_unobs_or_zero_occ_residues.PDB_model_num 
_pdbx_unobs_or_zero_occ_residues.polymer_flag 
_pdbx_unobs_or_zero_occ_residues.occupancy_flag 
_pdbx_unobs_or_zero_occ_residues.auth_asym_id 
_pdbx_unobs_or_zero_occ_residues.auth_comp_id 
_pdbx_unobs_or_zero_occ_residues.auth_seq_id 
_pdbx_unobs_or_zero_occ_residues.PDB_ins_code 
_pdbx_unobs_or_zero_occ_residues.label_asym_id 
_pdbx_unobs_or_zero_occ_residues.label_comp_id 
_pdbx_unobs_or_zero_occ_residues.label_seq_id 
1   1 Y 1 A MET -18 ? A MET 1   
2   1 Y 1 A GLY -17 ? A GLY 2   
3   1 Y 1 A HIS -16 ? A HIS 3   
4   1 Y 1 A HIS -15 ? A HIS 4   
5   1 Y 1 A HIS -14 ? A HIS 5   
6   1 Y 1 A HIS -13 ? A HIS 6   
7   1 Y 1 A HIS -12 ? A HIS 7   
8   1 Y 1 A HIS -11 ? A HIS 8   
9   1 Y 1 A HIS -10 ? A HIS 9   
10  1 Y 1 A HIS -9  ? A HIS 10  
11  1 Y 1 A SER -8  ? A SER 11  
12  1 Y 1 A SER -7  ? A SER 12  
13  1 Y 1 A GLY -6  ? A GLY 13  
14  1 Y 1 A LEU -5  ? A LEU 14  
15  1 Y 1 A GLU -4  ? A GLU 15  
16  1 Y 1 A VAL -3  ? A VAL 16  
17  1 Y 1 A LEU -2  ? A LEU 17  
18  1 Y 1 A PHE -1  ? A PHE 18  
19  1 Y 1 A GLN 0   ? A GLN 19  
20  1 Y 1 A GLY 1   ? A GLY 20  
21  1 Y 1 A PRO 2   ? A PRO 21  
22  1 Y 1 A GLY 3   ? A GLY 22  
23  1 Y 1 A GLY 4   ? A GLY 23  
24  1 Y 1 A THR 5   ? A THR 24  
25  1 Y 1 A MET 6   ? A MET 25  
26  1 Y 1 A GLU 7   ? A GLU 26  
27  1 Y 1 A GLU 8   ? A GLU 27  
28  1 Y 1 A LEU 9   ? A LEU 28  
29  1 Y 1 A ALA 10  ? A ALA 29  
30  1 Y 1 A ARG 11  ? A ARG 30  
31  1 Y 1 A ARG 12  ? A ARG 31  
32  1 Y 1 A VAL 13  ? A VAL 32  
33  1 Y 1 A GLY 14  ? A GLY 33  
34  1 Y 1 A ARG 15  ? A ARG 34  
35  1 Y 1 A ALA 16  ? A ALA 35  
36  1 Y 1 A ILE 17  ? A ILE 36  
37  1 Y 1 A GLU 18  ? A GLU 37  
38  1 Y 1 A ARG 19  ? A ARG 38  
39  1 Y 1 A TYR 20  ? A TYR 39  
40  1 Y 1 A LEU 21  ? A LEU 40  
41  1 Y 1 A ASN 22  ? A ASN 41  
42  1 Y 1 A GLY 23  ? A GLY 42  
43  1 Y 1 A GLU 24  ? A GLU 43  
44  1 Y 1 A ILE 25  ? A ILE 44  
45  1 Y 1 A ASN 26  ? A ASN 45  
46  1 Y 1 A GLU 27  ? A GLU 46  
47  1 Y 1 A VAL 28  ? A VAL 47  
48  1 Y 1 A GLU 29  ? A GLU 48  
49  1 Y 1 A LEU 30  ? A LEU 49  
50  1 Y 1 A ALA 31  ? A ALA 50  
51  1 Y 1 A LEU 32  ? A LEU 51  
52  1 Y 1 A ALA 33  ? A ALA 52  
53  1 Y 1 A VAL 34  ? A VAL 53  
54  1 Y 1 A GLY 35  ? A GLY 54  
55  1 Y 1 A HIS 36  ? A HIS 55  
56  1 Y 1 A ILE 37  ? A ILE 56  
57  1 Y 1 A PHE 38  ? A PHE 57  
58  1 Y 1 A ARG 39  ? A ARG 58  
59  1 Y 1 A ASP 40  ? A ASP 59  
60  1 Y 1 A TYR 41  ? A TYR 60  
61  1 Y 1 A GLY 42  ? A GLY 61  
62  1 Y 1 A LEU 43  ? A LEU 62  
63  1 Y 1 A GLU 44  ? A GLU 63  
64  1 Y 1 A GLU 45  ? A GLU 64  
65  1 Y 1 A LEU 46  ? A LEU 65  
66  1 Y 1 A HIS 47  ? A HIS 66  
67  1 Y 1 A GLU 48  ? A GLU 67  
68  1 Y 1 A ILE 49  ? A ILE 68  
69  1 Y 1 A VAL 50  ? A VAL 69  
70  1 Y 1 A ASP 51  ? A ASP 70  
71  1 Y 1 A ARG 52  ? A ARG 71  
72  1 Y 1 A LEU 53  ? A LEU 72  
73  1 Y 1 A LEU 54  ? A LEU 73  
74  1 Y 1 A ALA 55  ? A ALA 74  
75  1 Y 1 A GLY 56  ? A GLY 75  
76  1 Y 1 A GLU 57  ? A GLU 76  
77  1 Y 1 A ILE 58  ? A ILE 77  
78  1 Y 1 A SER 59  ? A SER 78  
79  1 Y 1 A VAL 60  ? A VAL 79  
80  1 Y 1 A LEU 61  ? A LEU 80  
81  1 Y 1 A GLU 62  ? A GLU 81  
82  1 Y 1 A MET 63  ? A MET 82  
83  1 Y 1 A LEU 64  ? A LEU 83  
84  1 Y 1 A PHE 65  ? A PHE 84  
85  1 Y 1 A ARG 66  ? A ARG 85  
86  1 Y 1 A LEU 67  ? A LEU 86  
87  1 Y 1 A TYR 68  ? A TYR 87  
88  1 Y 1 A GLU 69  ? A GLU 88  
89  1 Y 1 A ALA 70  ? A ALA 89  
90  1 Y 1 A ALA 71  ? A ALA 90  
91  1 Y 1 A VAL 72  ? A VAL 91  
92  1 Y 1 A LYS 73  ? A LYS 92  
93  1 Y 1 A LEU 74  ? A LEU 93  
94  1 Y 1 A GLY 75  ? A GLY 94  
95  1 Y 1 A LEU 76  ? A LEU 95  
96  1 Y 1 A ASP 77  ? A ASP 96  
97  1 Y 1 A ASP 78  ? A ASP 97  
98  1 Y 1 A LEU 79  ? A LEU 98  
99  1 Y 1 A LYS 80  ? A LYS 99  
100 1 Y 1 A PHE 81  ? A PHE 100 
101 1 Y 1 A VAL 82  ? A VAL 101 
102 1 Y 1 A LEU 83  ? A LEU 102 
103 1 Y 1 A LEU 84  ? A LEU 103 
104 1 Y 1 A LYS 85  ? A LYS 104 
105 1 Y 1 A ALA 86  ? A ALA 105 
106 1 Y 1 A ILE 87  ? A ILE 106 
107 1 Y 1 A PHE 88  ? A PHE 107 
108 1 Y 1 A LYS 89  ? A LYS 108 
109 1 Y 1 A LEU 90  ? A LEU 109 
110 1 Y 1 A LEU 91  ? A LEU 110 
111 1 Y 1 A ASN 92  ? A ASN 111 
112 1 Y 1 A GLU 93  ? A GLU 112 
113 1 Y 1 A PRO 94  ? A PRO 113 
114 1 Y 1 A LYS 95  ? A LYS 114 
115 1 Y 1 A MET 96  ? A MET 115 
116 1 Y 1 A VAL 97  ? A VAL 116 
117 1 Y 1 A LYS 98  ? A LYS 117 
118 1 Y 1 A ILE 99  ? A ILE 118 
119 1 Y 1 A VAL 100 ? A VAL 119 
120 1 Y 1 A GLU 101 ? A GLU 120 
121 1 Y 1 A ILE 102 ? A ILE 121 
122 1 Y 1 A LEU 103 ? A LEU 122 
123 1 Y 1 A GLU 104 ? A GLU 123 
124 1 Y 1 A GLU 105 ? A GLU 124 
125 1 Y 1 A MET 106 ? A MET 125 
126 1 Y 1 A TYR 107 ? A TYR 126 
127 1 Y 1 A LYS 108 ? A LYS 127 
128 1 Y 1 A ARG 109 ? A ARG 128 
129 1 Y 1 A ALA 110 ? A ALA 129 
130 1 Y 1 A VAL 111 ? A VAL 130 
131 1 Y 1 A LYS 112 ? A LYS 131 
132 1 Y 1 A LYS 113 ? A LYS 132 
133 1 Y 1 A GLY 114 ? A GLY 133 
134 1 Y 1 A ASP 115 ? A ASP 134 
135 1 Y 1 A GLU 116 ? A GLU 135 
136 1 Y 1 A GLU 117 ? A GLU 136 
137 1 Y 1 A THR 118 ? A THR 137 
138 1 Y 1 A ILE 119 ? A ILE 138 
139 1 Y 1 A LYS 120 ? A LYS 139 
140 1 Y 1 A LEU 121 ? A LEU 140 
141 1 Y 1 A LEU 122 ? A LEU 141 
142 1 Y 1 A LYS 123 ? A LYS 142 
143 1 Y 1 A GLU 124 ? A GLU 143 
144 1 Y 1 A MET 125 ? A MET 144 
145 1 Y 1 A LEU 126 ? A LEU 145 
146 1 Y 1 A GLU 127 ? A GLU 146 
147 1 Y 1 A VAL 128 ? A VAL 147 
148 1 Y 1 A LEU 129 ? A LEU 148 
149 1 Y 1 A PHE 130 ? A PHE 149 
150 1 Y 1 A GLU 131 ? A GLU 150 
151 1 Y 1 A ILE 132 ? A ILE 151 
152 1 Y 1 A ALA 133 ? A ALA 152 
153 1 Y 1 A LYS 134 ? A LYS 153 
154 1 Y 1 A ALA 135 ? A ALA 154 
155 1 Y 1 A ILE 136 ? A ILE 155 
156 1 Y 1 A ALA 137 ? A ALA 156 
157 1 Y 1 A ASN 138 ? A ASN 157 
158 1 Y 1 A ASN 139 ? A ASN 158 
159 1 Y 1 A ASP 140 ? A ASP 159 
160 1 Y 1 A LYS 232 ? A LYS 251 
161 1 Y 1 B MET -18 ? B MET 1   
162 1 Y 1 B GLY -17 ? B GLY 2   
163 1 Y 1 B HIS -16 ? B HIS 3   
164 1 Y 1 B HIS -15 ? B HIS 4   
165 1 Y 1 B HIS -14 ? B HIS 5   
166 1 Y 1 B HIS -13 ? B HIS 6   
167 1 Y 1 B HIS -12 ? B HIS 7   
168 1 Y 1 B HIS -11 ? B HIS 8   
169 1 Y 1 B HIS -10 ? B HIS 9   
170 1 Y 1 B HIS -9  ? B HIS 10  
171 1 Y 1 B SER -8  ? B SER 11  
172 1 Y 1 B SER -7  ? B SER 12  
173 1 Y 1 B GLY -6  ? B GLY 13  
174 1 Y 1 B LEU -5  ? B LEU 14  
175 1 Y 1 B GLU -4  ? B GLU 15  
176 1 Y 1 B VAL -3  ? B VAL 16  
177 1 Y 1 B LEU -2  ? B LEU 17  
178 1 Y 1 B PHE -1  ? B PHE 18  
179 1 Y 1 B GLN 0   ? B GLN 19  
180 1 Y 1 B GLY 1   ? B GLY 20  
181 1 Y 1 B PRO 2   ? B PRO 21  
182 1 Y 1 B GLY 3   ? B GLY 22  
183 1 Y 1 B GLY 4   ? B GLY 23  
184 1 Y 1 B THR 5   ? B THR 24  
185 1 Y 1 B MET 6   ? B MET 25  
186 1 Y 1 B GLU 7   ? B GLU 26  
187 1 Y 1 B GLU 8   ? B GLU 27  
188 1 Y 1 B LEU 9   ? B LEU 28  
189 1 Y 1 B ALA 10  ? B ALA 29  
190 1 Y 1 B ARG 11  ? B ARG 30  
191 1 Y 1 B ARG 12  ? B ARG 31  
192 1 Y 1 B VAL 13  ? B VAL 32  
193 1 Y 1 B GLY 14  ? B GLY 33  
194 1 Y 1 B ARG 15  ? B ARG 34  
195 1 Y 1 B ALA 16  ? B ALA 35  
196 1 Y 1 B ILE 17  ? B ILE 36  
197 1 Y 1 B GLU 18  ? B GLU 37  
198 1 Y 1 B ARG 19  ? B ARG 38  
199 1 Y 1 B TYR 20  ? B TYR 39  
200 1 Y 1 B LEU 21  ? B LEU 40  
201 1 Y 1 B ASN 22  ? B ASN 41  
202 1 Y 1 B GLY 23  ? B GLY 42  
203 1 Y 1 B GLU 24  ? B GLU 43  
204 1 Y 1 B ILE 25  ? B ILE 44  
205 1 Y 1 B ASN 26  ? B ASN 45  
206 1 Y 1 B GLU 27  ? B GLU 46  
207 1 Y 1 B VAL 28  ? B VAL 47  
208 1 Y 1 B GLU 29  ? B GLU 48  
209 1 Y 1 B LEU 30  ? B LEU 49  
210 1 Y 1 B ALA 31  ? B ALA 50  
211 1 Y 1 B LEU 32  ? B LEU 51  
212 1 Y 1 B ALA 33  ? B ALA 52  
213 1 Y 1 B VAL 34  ? B VAL 53  
214 1 Y 1 B GLY 35  ? B GLY 54  
215 1 Y 1 B HIS 36  ? B HIS 55  
216 1 Y 1 B ILE 37  ? B ILE 56  
217 1 Y 1 B PHE 38  ? B PHE 57  
218 1 Y 1 B ARG 39  ? B ARG 58  
219 1 Y 1 B ASP 40  ? B ASP 59  
220 1 Y 1 B TYR 41  ? B TYR 60  
221 1 Y 1 B GLY 42  ? B GLY 61  
222 1 Y 1 B LEU 43  ? B LEU 62  
223 1 Y 1 B GLU 44  ? B GLU 63  
224 1 Y 1 B GLU 45  ? B GLU 64  
225 1 Y 1 B LEU 46  ? B LEU 65  
226 1 Y 1 B HIS 47  ? B HIS 66  
227 1 Y 1 B GLU 48  ? B GLU 67  
228 1 Y 1 B ILE 49  ? B ILE 68  
229 1 Y 1 B VAL 50  ? B VAL 69  
230 1 Y 1 B ASP 51  ? B ASP 70  
231 1 Y 1 B ARG 52  ? B ARG 71  
232 1 Y 1 B LEU 53  ? B LEU 72  
233 1 Y 1 B LEU 54  ? B LEU 73  
234 1 Y 1 B ALA 55  ? B ALA 74  
235 1 Y 1 B GLY 56  ? B GLY 75  
236 1 Y 1 B GLU 57  ? B GLU 76  
237 1 Y 1 B ILE 58  ? B ILE 77  
238 1 Y 1 B SER 59  ? B SER 78  
239 1 Y 1 B VAL 60  ? B VAL 79  
240 1 Y 1 B LEU 61  ? B LEU 80  
241 1 Y 1 B GLU 62  ? B GLU 81  
242 1 Y 1 B MET 63  ? B MET 82  
243 1 Y 1 B LEU 64  ? B LEU 83  
244 1 Y 1 B PHE 65  ? B PHE 84  
245 1 Y 1 B ARG 66  ? B ARG 85  
246 1 Y 1 B LEU 67  ? B LEU 86  
247 1 Y 1 B TYR 68  ? B TYR 87  
248 1 Y 1 B GLU 69  ? B GLU 88  
249 1 Y 1 B ALA 70  ? B ALA 89  
250 1 Y 1 B ALA 71  ? B ALA 90  
251 1 Y 1 B VAL 72  ? B VAL 91  
252 1 Y 1 B LYS 73  ? B LYS 92  
253 1 Y 1 B LEU 74  ? B LEU 93  
254 1 Y 1 B GLY 75  ? B GLY 94  
255 1 Y 1 B LEU 76  ? B LEU 95  
256 1 Y 1 B ASP 77  ? B ASP 96  
257 1 Y 1 B ASP 78  ? B ASP 97  
258 1 Y 1 B LEU 79  ? B LEU 98  
259 1 Y 1 B LYS 80  ? B LYS 99  
260 1 Y 1 B PHE 81  ? B PHE 100 
261 1 Y 1 B VAL 82  ? B VAL 101 
262 1 Y 1 B LEU 83  ? B LEU 102 
263 1 Y 1 B LEU 84  ? B LEU 103 
264 1 Y 1 B LYS 85  ? B LYS 104 
265 1 Y 1 B ALA 86  ? B ALA 105 
266 1 Y 1 B ILE 87  ? B ILE 106 
267 1 Y 1 B PHE 88  ? B PHE 107 
268 1 Y 1 B LYS 89  ? B LYS 108 
269 1 Y 1 B LEU 90  ? B LEU 109 
270 1 Y 1 B LEU 91  ? B LEU 110 
271 1 Y 1 B ASN 92  ? B ASN 111 
272 1 Y 1 B GLU 93  ? B GLU 112 
273 1 Y 1 B PRO 94  ? B PRO 113 
274 1 Y 1 B LYS 95  ? B LYS 114 
275 1 Y 1 B MET 96  ? B MET 115 
276 1 Y 1 B VAL 97  ? B VAL 116 
277 1 Y 1 B LYS 98  ? B LYS 117 
278 1 Y 1 B ILE 99  ? B ILE 118 
279 1 Y 1 B VAL 100 ? B VAL 119 
280 1 Y 1 B GLU 101 ? B GLU 120 
281 1 Y 1 B ILE 102 ? B ILE 121 
282 1 Y 1 B LEU 103 ? B LEU 122 
283 1 Y 1 B GLU 104 ? B GLU 123 
284 1 Y 1 B GLU 105 ? B GLU 124 
285 1 Y 1 B MET 106 ? B MET 125 
286 1 Y 1 B TYR 107 ? B TYR 126 
287 1 Y 1 B LYS 108 ? B LYS 127 
288 1 Y 1 B ARG 109 ? B ARG 128 
289 1 Y 1 B ALA 110 ? B ALA 129 
290 1 Y 1 B VAL 111 ? B VAL 130 
291 1 Y 1 B LYS 112 ? B LYS 131 
292 1 Y 1 B LYS 113 ? B LYS 132 
293 1 Y 1 B GLY 114 ? B GLY 133 
294 1 Y 1 B ASP 115 ? B ASP 134 
295 1 Y 1 B GLU 116 ? B GLU 135 
296 1 Y 1 B GLU 117 ? B GLU 136 
297 1 Y 1 B THR 118 ? B THR 137 
298 1 Y 1 B ILE 119 ? B ILE 138 
299 1 Y 1 B LYS 120 ? B LYS 139 
300 1 Y 1 B LEU 121 ? B LEU 140 
301 1 Y 1 B LEU 122 ? B LEU 141 
302 1 Y 1 B LYS 123 ? B LYS 142 
303 1 Y 1 B GLU 124 ? B GLU 143 
304 1 Y 1 B MET 125 ? B MET 144 
305 1 Y 1 B LEU 126 ? B LEU 145 
306 1 Y 1 B GLU 127 ? B GLU 146 
307 1 Y 1 B VAL 128 ? B VAL 147 
308 1 Y 1 B LEU 129 ? B LEU 148 
309 1 Y 1 B PHE 130 ? B PHE 149 
310 1 Y 1 B GLU 131 ? B GLU 150 
311 1 Y 1 B ILE 132 ? B ILE 151 
312 1 Y 1 B ALA 133 ? B ALA 152 
313 1 Y 1 B LYS 134 ? B LYS 153 
314 1 Y 1 B ALA 135 ? B ALA 154 
315 1 Y 1 B ILE 136 ? B ILE 155 
316 1 Y 1 B ALA 137 ? B ALA 156 
317 1 Y 1 B ASN 138 ? B ASN 157 
318 1 Y 1 B ASN 139 ? B ASN 158 
319 1 Y 1 B ASP 140 ? B ASP 159 
320 1 Y 1 B LYS 232 ? B LYS 251 
# 
loop_
_chem_comp_atom.comp_id 
_chem_comp_atom.atom_id 
_chem_comp_atom.type_symbol 
_chem_comp_atom.pdbx_aromatic_flag 
_chem_comp_atom.pdbx_stereo_config 
_chem_comp_atom.pdbx_ordinal 
ALA N    N  N N 1   
ALA CA   C  N S 2   
ALA C    C  N N 3   
ALA O    O  N N 4   
ALA CB   C  N N 5   
ALA OXT  O  N N 6   
ALA H    H  N N 7   
ALA H2   H  N N 8   
ALA HA   H  N N 9   
ALA HB1  H  N N 10  
ALA HB2  H  N N 11  
ALA HB3  H  N N 12  
ALA HXT  H  N N 13  
ARG N    N  N N 14  
ARG CA   C  N S 15  
ARG C    C  N N 16  
ARG O    O  N N 17  
ARG CB   C  N N 18  
ARG CG   C  N N 19  
ARG CD   C  N N 20  
ARG NE   N  N N 21  
ARG CZ   C  N N 22  
ARG NH1  N  N N 23  
ARG NH2  N  N N 24  
ARG OXT  O  N N 25  
ARG H    H  N N 26  
ARG H2   H  N N 27  
ARG HA   H  N N 28  
ARG HB2  H  N N 29  
ARG HB3  H  N N 30  
ARG HG2  H  N N 31  
ARG HG3  H  N N 32  
ARG HD2  H  N N 33  
ARG HD3  H  N N 34  
ARG HE   H  N N 35  
ARG HH11 H  N N 36  
ARG HH12 H  N N 37  
ARG HH21 H  N N 38  
ARG HH22 H  N N 39  
ARG HXT  H  N N 40  
ASN N    N  N N 41  
ASN CA   C  N S 42  
ASN C    C  N N 43  
ASN O    O  N N 44  
ASN CB   C  N N 45  
ASN CG   C  N N 46  
ASN OD1  O  N N 47  
ASN ND2  N  N N 48  
ASN OXT  O  N N 49  
ASN H    H  N N 50  
ASN H2   H  N N 51  
ASN HA   H  N N 52  
ASN HB2  H  N N 53  
ASN HB3  H  N N 54  
ASN HD21 H  N N 55  
ASN HD22 H  N N 56  
ASN HXT  H  N N 57  
ASP N    N  N N 58  
ASP CA   C  N S 59  
ASP C    C  N N 60  
ASP O    O  N N 61  
ASP CB   C  N N 62  
ASP CG   C  N N 63  
ASP OD1  O  N N 64  
ASP OD2  O  N N 65  
ASP OXT  O  N N 66  
ASP H    H  N N 67  
ASP H2   H  N N 68  
ASP HA   H  N N 69  
ASP HB2  H  N N 70  
ASP HB3  H  N N 71  
ASP HD2  H  N N 72  
ASP HXT  H  N N 73  
GLN N    N  N N 74  
GLN CA   C  N S 75  
GLN C    C  N N 76  
GLN O    O  N N 77  
GLN CB   C  N N 78  
GLN CG   C  N N 79  
GLN CD   C  N N 80  
GLN OE1  O  N N 81  
GLN NE2  N  N N 82  
GLN OXT  O  N N 83  
GLN H    H  N N 84  
GLN H2   H  N N 85  
GLN HA   H  N N 86  
GLN HB2  H  N N 87  
GLN HB3  H  N N 88  
GLN HG2  H  N N 89  
GLN HG3  H  N N 90  
GLN HE21 H  N N 91  
GLN HE22 H  N N 92  
GLN HXT  H  N N 93  
GLU N    N  N N 94  
GLU CA   C  N S 95  
GLU C    C  N N 96  
GLU O    O  N N 97  
GLU CB   C  N N 98  
GLU CG   C  N N 99  
GLU CD   C  N N 100 
GLU OE1  O  N N 101 
GLU OE2  O  N N 102 
GLU OXT  O  N N 103 
GLU H    H  N N 104 
GLU H2   H  N N 105 
GLU HA   H  N N 106 
GLU HB2  H  N N 107 
GLU HB3  H  N N 108 
GLU HG2  H  N N 109 
GLU HG3  H  N N 110 
GLU HE2  H  N N 111 
GLU HXT  H  N N 112 
GLY N    N  N N 113 
GLY CA   C  N N 114 
GLY C    C  N N 115 
GLY O    O  N N 116 
GLY OXT  O  N N 117 
GLY H    H  N N 118 
GLY H2   H  N N 119 
GLY HA2  H  N N 120 
GLY HA3  H  N N 121 
GLY HXT  H  N N 122 
HIS N    N  N N 123 
HIS CA   C  N S 124 
HIS C    C  N N 125 
HIS O    O  N N 126 
HIS CB   C  N N 127 
HIS CG   C  Y N 128 
HIS ND1  N  Y N 129 
HIS CD2  C  Y N 130 
HIS CE1  C  Y N 131 
HIS NE2  N  Y N 132 
HIS OXT  O  N N 133 
HIS H    H  N N 134 
HIS H2   H  N N 135 
HIS HA   H  N N 136 
HIS HB2  H  N N 137 
HIS HB3  H  N N 138 
HIS HD1  H  N N 139 
HIS HD2  H  N N 140 
HIS HE1  H  N N 141 
HIS HE2  H  N N 142 
HIS HXT  H  N N 143 
ILE N    N  N N 144 
ILE CA   C  N S 145 
ILE C    C  N N 146 
ILE O    O  N N 147 
ILE CB   C  N S 148 
ILE CG1  C  N N 149 
ILE CG2  C  N N 150 
ILE CD1  C  N N 151 
ILE OXT  O  N N 152 
ILE H    H  N N 153 
ILE H2   H  N N 154 
ILE HA   H  N N 155 
ILE HB   H  N N 156 
ILE HG12 H  N N 157 
ILE HG13 H  N N 158 
ILE HG21 H  N N 159 
ILE HG22 H  N N 160 
ILE HG23 H  N N 161 
ILE HD11 H  N N 162 
ILE HD12 H  N N 163 
ILE HD13 H  N N 164 
ILE HXT  H  N N 165 
LEU N    N  N N 166 
LEU CA   C  N S 167 
LEU C    C  N N 168 
LEU O    O  N N 169 
LEU CB   C  N N 170 
LEU CG   C  N N 171 
LEU CD1  C  N N 172 
LEU CD2  C  N N 173 
LEU OXT  O  N N 174 
LEU H    H  N N 175 
LEU H2   H  N N 176 
LEU HA   H  N N 177 
LEU HB2  H  N N 178 
LEU HB3  H  N N 179 
LEU HG   H  N N 180 
LEU HD11 H  N N 181 
LEU HD12 H  N N 182 
LEU HD13 H  N N 183 
LEU HD21 H  N N 184 
LEU HD22 H  N N 185 
LEU HD23 H  N N 186 
LEU HXT  H  N N 187 
LYS N    N  N N 188 
LYS CA   C  N S 189 
LYS C    C  N N 190 
LYS O    O  N N 191 
LYS CB   C  N N 192 
LYS CG   C  N N 193 
LYS CD   C  N N 194 
LYS CE   C  N N 195 
LYS NZ   N  N N 196 
LYS OXT  O  N N 197 
LYS H    H  N N 198 
LYS H2   H  N N 199 
LYS HA   H  N N 200 
LYS HB2  H  N N 201 
LYS HB3  H  N N 202 
LYS HG2  H  N N 203 
LYS HG3  H  N N 204 
LYS HD2  H  N N 205 
LYS HD3  H  N N 206 
LYS HE2  H  N N 207 
LYS HE3  H  N N 208 
LYS HZ1  H  N N 209 
LYS HZ2  H  N N 210 
LYS HZ3  H  N N 211 
LYS HXT  H  N N 212 
MET N    N  N N 213 
MET CA   C  N S 214 
MET C    C  N N 215 
MET O    O  N N 216 
MET CB   C  N N 217 
MET CG   C  N N 218 
MET SD   S  N N 219 
MET CE   C  N N 220 
MET OXT  O  N N 221 
MET H    H  N N 222 
MET H2   H  N N 223 
MET HA   H  N N 224 
MET HB2  H  N N 225 
MET HB3  H  N N 226 
MET HG2  H  N N 227 
MET HG3  H  N N 228 
MET HE1  H  N N 229 
MET HE2  H  N N 230 
MET HE3  H  N N 231 
MET HXT  H  N N 232 
PHE N    N  N N 233 
PHE CA   C  N S 234 
PHE C    C  N N 235 
PHE O    O  N N 236 
PHE CB   C  N N 237 
PHE CG   C  Y N 238 
PHE CD1  C  Y N 239 
PHE CD2  C  Y N 240 
PHE CE1  C  Y N 241 
PHE CE2  C  Y N 242 
PHE CZ   C  Y N 243 
PHE OXT  O  N N 244 
PHE H    H  N N 245 
PHE H2   H  N N 246 
PHE HA   H  N N 247 
PHE HB2  H  N N 248 
PHE HB3  H  N N 249 
PHE HD1  H  N N 250 
PHE HD2  H  N N 251 
PHE HE1  H  N N 252 
PHE HE2  H  N N 253 
PHE HZ   H  N N 254 
PHE HXT  H  N N 255 
PRO N    N  N N 256 
PRO CA   C  N S 257 
PRO C    C  N N 258 
PRO O    O  N N 259 
PRO CB   C  N N 260 
PRO CG   C  N N 261 
PRO CD   C  N N 262 
PRO OXT  O  N N 263 
PRO H    H  N N 264 
PRO HA   H  N N 265 
PRO HB2  H  N N 266 
PRO HB3  H  N N 267 
PRO HG2  H  N N 268 
PRO HG3  H  N N 269 
PRO HD2  H  N N 270 
PRO HD3  H  N N 271 
PRO HXT  H  N N 272 
SER N    N  N N 273 
SER CA   C  N S 274 
SER C    C  N N 275 
SER O    O  N N 276 
SER CB   C  N N 277 
SER OG   O  N N 278 
SER OXT  O  N N 279 
SER H    H  N N 280 
SER H2   H  N N 281 
SER HA   H  N N 282 
SER HB2  H  N N 283 
SER HB3  H  N N 284 
SER HG   H  N N 285 
SER HXT  H  N N 286 
THR N    N  N N 287 
THR CA   C  N S 288 
THR C    C  N N 289 
THR O    O  N N 290 
THR CB   C  N R 291 
THR OG1  O  N N 292 
THR CG2  C  N N 293 
THR OXT  O  N N 294 
THR H    H  N N 295 
THR H2   H  N N 296 
THR HA   H  N N 297 
THR HB   H  N N 298 
THR HG1  H  N N 299 
THR HG21 H  N N 300 
THR HG22 H  N N 301 
THR HG23 H  N N 302 
THR HXT  H  N N 303 
TYR N    N  N N 304 
TYR CA   C  N S 305 
TYR C    C  N N 306 
TYR O    O  N N 307 
TYR CB   C  N N 308 
TYR CG   C  Y N 309 
TYR CD1  C  Y N 310 
TYR CD2  C  Y N 311 
TYR CE1  C  Y N 312 
TYR CE2  C  Y N 313 
TYR CZ   C  Y N 314 
TYR OH   O  N N 315 
TYR OXT  O  N N 316 
TYR H    H  N N 317 
TYR H2   H  N N 318 
TYR HA   H  N N 319 
TYR HB2  H  N N 320 
TYR HB3  H  N N 321 
TYR HD1  H  N N 322 
TYR HD2  H  N N 323 
TYR HE1  H  N N 324 
TYR HE2  H  N N 325 
TYR HH   H  N N 326 
TYR HXT  H  N N 327 
VAL N    N  N N 328 
VAL CA   C  N S 329 
VAL C    C  N N 330 
VAL O    O  N N 331 
VAL CB   C  N N 332 
VAL CG1  C  N N 333 
VAL CG2  C  N N 334 
VAL OXT  O  N N 335 
VAL H    H  N N 336 
VAL H2   H  N N 337 
VAL HA   H  N N 338 
VAL HB   H  N N 339 
VAL HG11 H  N N 340 
VAL HG12 H  N N 341 
VAL HG13 H  N N 342 
VAL HG21 H  N N 343 
VAL HG22 H  N N 344 
VAL HG23 H  N N 345 
VAL HXT  H  N N 346 
ZN  ZN   ZN N N 347 
# 
loop_
_chem_comp_bond.comp_id 
_chem_comp_bond.atom_id_1 
_chem_comp_bond.atom_id_2 
_chem_comp_bond.value_order 
_chem_comp_bond.pdbx_aromatic_flag 
_chem_comp_bond.pdbx_stereo_config 
_chem_comp_bond.pdbx_ordinal 
ALA N   CA   sing N N 1   
ALA N   H    sing N N 2   
ALA N   H2   sing N N 3   
ALA CA  C    sing N N 4   
ALA CA  CB   sing N N 5   
ALA CA  HA   sing N N 6   
ALA C   O    doub N N 7   
ALA C   OXT  sing N N 8   
ALA CB  HB1  sing N N 9   
ALA CB  HB2  sing N N 10  
ALA CB  HB3  sing N N 11  
ALA OXT HXT  sing N N 12  
ARG N   CA   sing N N 13  
ARG N   H    sing N N 14  
ARG N   H2   sing N N 15  
ARG CA  C    sing N N 16  
ARG CA  CB   sing N N 17  
ARG CA  HA   sing N N 18  
ARG C   O    doub N N 19  
ARG C   OXT  sing N N 20  
ARG CB  CG   sing N N 21  
ARG CB  HB2  sing N N 22  
ARG CB  HB3  sing N N 23  
ARG CG  CD   sing N N 24  
ARG CG  HG2  sing N N 25  
ARG CG  HG3  sing N N 26  
ARG CD  NE   sing N N 27  
ARG CD  HD2  sing N N 28  
ARG CD  HD3  sing N N 29  
ARG NE  CZ   sing N N 30  
ARG NE  HE   sing N N 31  
ARG CZ  NH1  sing N N 32  
ARG CZ  NH2  doub N N 33  
ARG NH1 HH11 sing N N 34  
ARG NH1 HH12 sing N N 35  
ARG NH2 HH21 sing N N 36  
ARG NH2 HH22 sing N N 37  
ARG OXT HXT  sing N N 38  
ASN N   CA   sing N N 39  
ASN N   H    sing N N 40  
ASN N   H2   sing N N 41  
ASN CA  C    sing N N 42  
ASN CA  CB   sing N N 43  
ASN CA  HA   sing N N 44  
ASN C   O    doub N N 45  
ASN C   OXT  sing N N 46  
ASN CB  CG   sing N N 47  
ASN CB  HB2  sing N N 48  
ASN CB  HB3  sing N N 49  
ASN CG  OD1  doub N N 50  
ASN CG  ND2  sing N N 51  
ASN ND2 HD21 sing N N 52  
ASN ND2 HD22 sing N N 53  
ASN OXT HXT  sing N N 54  
ASP N   CA   sing N N 55  
ASP N   H    sing N N 56  
ASP N   H2   sing N N 57  
ASP CA  C    sing N N 58  
ASP CA  CB   sing N N 59  
ASP CA  HA   sing N N 60  
ASP C   O    doub N N 61  
ASP C   OXT  sing N N 62  
ASP CB  CG   sing N N 63  
ASP CB  HB2  sing N N 64  
ASP CB  HB3  sing N N 65  
ASP CG  OD1  doub N N 66  
ASP CG  OD2  sing N N 67  
ASP OD2 HD2  sing N N 68  
ASP OXT HXT  sing N N 69  
GLN N   CA   sing N N 70  
GLN N   H    sing N N 71  
GLN N   H2   sing N N 72  
GLN CA  C    sing N N 73  
GLN CA  CB   sing N N 74  
GLN CA  HA   sing N N 75  
GLN C   O    doub N N 76  
GLN C   OXT  sing N N 77  
GLN CB  CG   sing N N 78  
GLN CB  HB2  sing N N 79  
GLN CB  HB3  sing N N 80  
GLN CG  CD   sing N N 81  
GLN CG  HG2  sing N N 82  
GLN CG  HG3  sing N N 83  
GLN CD  OE1  doub N N 84  
GLN CD  NE2  sing N N 85  
GLN NE2 HE21 sing N N 86  
GLN NE2 HE22 sing N N 87  
GLN OXT HXT  sing N N 88  
GLU N   CA   sing N N 89  
GLU N   H    sing N N 90  
GLU N   H2   sing N N 91  
GLU CA  C    sing N N 92  
GLU CA  CB   sing N N 93  
GLU CA  HA   sing N N 94  
GLU C   O    doub N N 95  
GLU C   OXT  sing N N 96  
GLU CB  CG   sing N N 97  
GLU CB  HB2  sing N N 98  
GLU CB  HB3  sing N N 99  
GLU CG  CD   sing N N 100 
GLU CG  HG2  sing N N 101 
GLU CG  HG3  sing N N 102 
GLU CD  OE1  doub N N 103 
GLU CD  OE2  sing N N 104 
GLU OE2 HE2  sing N N 105 
GLU OXT HXT  sing N N 106 
GLY N   CA   sing N N 107 
GLY N   H    sing N N 108 
GLY N   H2   sing N N 109 
GLY CA  C    sing N N 110 
GLY CA  HA2  sing N N 111 
GLY CA  HA3  sing N N 112 
GLY C   O    doub N N 113 
GLY C   OXT  sing N N 114 
GLY OXT HXT  sing N N 115 
HIS N   CA   sing N N 116 
HIS N   H    sing N N 117 
HIS N   H2   sing N N 118 
HIS CA  C    sing N N 119 
HIS CA  CB   sing N N 120 
HIS CA  HA   sing N N 121 
HIS C   O    doub N N 122 
HIS C   OXT  sing N N 123 
HIS CB  CG   sing N N 124 
HIS CB  HB2  sing N N 125 
HIS CB  HB3  sing N N 126 
HIS CG  ND1  sing Y N 127 
HIS CG  CD2  doub Y N 128 
HIS ND1 CE1  doub Y N 129 
HIS ND1 HD1  sing N N 130 
HIS CD2 NE2  sing Y N 131 
HIS CD2 HD2  sing N N 132 
HIS CE1 NE2  sing Y N 133 
HIS CE1 HE1  sing N N 134 
HIS NE2 HE2  sing N N 135 
HIS OXT HXT  sing N N 136 
ILE N   CA   sing N N 137 
ILE N   H    sing N N 138 
ILE N   H2   sing N N 139 
ILE CA  C    sing N N 140 
ILE CA  CB   sing N N 141 
ILE CA  HA   sing N N 142 
ILE C   O    doub N N 143 
ILE C   OXT  sing N N 144 
ILE CB  CG1  sing N N 145 
ILE CB  CG2  sing N N 146 
ILE CB  HB   sing N N 147 
ILE CG1 CD1  sing N N 148 
ILE CG1 HG12 sing N N 149 
ILE CG1 HG13 sing N N 150 
ILE CG2 HG21 sing N N 151 
ILE CG2 HG22 sing N N 152 
ILE CG2 HG23 sing N N 153 
ILE CD1 HD11 sing N N 154 
ILE CD1 HD12 sing N N 155 
ILE CD1 HD13 sing N N 156 
ILE OXT HXT  sing N N 157 
LEU N   CA   sing N N 158 
LEU N   H    sing N N 159 
LEU N   H2   sing N N 160 
LEU CA  C    sing N N 161 
LEU CA  CB   sing N N 162 
LEU CA  HA   sing N N 163 
LEU C   O    doub N N 164 
LEU C   OXT  sing N N 165 
LEU CB  CG   sing N N 166 
LEU CB  HB2  sing N N 167 
LEU CB  HB3  sing N N 168 
LEU CG  CD1  sing N N 169 
LEU CG  CD2  sing N N 170 
LEU CG  HG   sing N N 171 
LEU CD1 HD11 sing N N 172 
LEU CD1 HD12 sing N N 173 
LEU CD1 HD13 sing N N 174 
LEU CD2 HD21 sing N N 175 
LEU CD2 HD22 sing N N 176 
LEU CD2 HD23 sing N N 177 
LEU OXT HXT  sing N N 178 
LYS N   CA   sing N N 179 
LYS N   H    sing N N 180 
LYS N   H2   sing N N 181 
LYS CA  C    sing N N 182 
LYS CA  CB   sing N N 183 
LYS CA  HA   sing N N 184 
LYS C   O    doub N N 185 
LYS C   OXT  sing N N 186 
LYS CB  CG   sing N N 187 
LYS CB  HB2  sing N N 188 
LYS CB  HB3  sing N N 189 
LYS CG  CD   sing N N 190 
LYS CG  HG2  sing N N 191 
LYS CG  HG3  sing N N 192 
LYS CD  CE   sing N N 193 
LYS CD  HD2  sing N N 194 
LYS CD  HD3  sing N N 195 
LYS CE  NZ   sing N N 196 
LYS CE  HE2  sing N N 197 
LYS CE  HE3  sing N N 198 
LYS NZ  HZ1  sing N N 199 
LYS NZ  HZ2  sing N N 200 
LYS NZ  HZ3  sing N N 201 
LYS OXT HXT  sing N N 202 
MET N   CA   sing N N 203 
MET N   H    sing N N 204 
MET N   H2   sing N N 205 
MET CA  C    sing N N 206 
MET CA  CB   sing N N 207 
MET CA  HA   sing N N 208 
MET C   O    doub N N 209 
MET C   OXT  sing N N 210 
MET CB  CG   sing N N 211 
MET CB  HB2  sing N N 212 
MET CB  HB3  sing N N 213 
MET CG  SD   sing N N 214 
MET CG  HG2  sing N N 215 
MET CG  HG3  sing N N 216 
MET SD  CE   sing N N 217 
MET CE  HE1  sing N N 218 
MET CE  HE2  sing N N 219 
MET CE  HE3  sing N N 220 
MET OXT HXT  sing N N 221 
PHE N   CA   sing N N 222 
PHE N   H    sing N N 223 
PHE N   H2   sing N N 224 
PHE CA  C    sing N N 225 
PHE CA  CB   sing N N 226 
PHE CA  HA   sing N N 227 
PHE C   O    doub N N 228 
PHE C   OXT  sing N N 229 
PHE CB  CG   sing N N 230 
PHE CB  HB2  sing N N 231 
PHE CB  HB3  sing N N 232 
PHE CG  CD1  doub Y N 233 
PHE CG  CD2  sing Y N 234 
PHE CD1 CE1  sing Y N 235 
PHE CD1 HD1  sing N N 236 
PHE CD2 CE2  doub Y N 237 
PHE CD2 HD2  sing N N 238 
PHE CE1 CZ   doub Y N 239 
PHE CE1 HE1  sing N N 240 
PHE CE2 CZ   sing Y N 241 
PHE CE2 HE2  sing N N 242 
PHE CZ  HZ   sing N N 243 
PHE OXT HXT  sing N N 244 
PRO N   CA   sing N N 245 
PRO N   CD   sing N N 246 
PRO N   H    sing N N 247 
PRO CA  C    sing N N 248 
PRO CA  CB   sing N N 249 
PRO CA  HA   sing N N 250 
PRO C   O    doub N N 251 
PRO C   OXT  sing N N 252 
PRO CB  CG   sing N N 253 
PRO CB  HB2  sing N N 254 
PRO CB  HB3  sing N N 255 
PRO CG  CD   sing N N 256 
PRO CG  HG2  sing N N 257 
PRO CG  HG3  sing N N 258 
PRO CD  HD2  sing N N 259 
PRO CD  HD3  sing N N 260 
PRO OXT HXT  sing N N 261 
SER N   CA   sing N N 262 
SER N   H    sing N N 263 
SER N   H2   sing N N 264 
SER CA  C    sing N N 265 
SER CA  CB   sing N N 266 
SER CA  HA   sing N N 267 
SER C   O    doub N N 268 
SER C   OXT  sing N N 269 
SER CB  OG   sing N N 270 
SER CB  HB2  sing N N 271 
SER CB  HB3  sing N N 272 
SER OG  HG   sing N N 273 
SER OXT HXT  sing N N 274 
THR N   CA   sing N N 275 
THR N   H    sing N N 276 
THR N   H2   sing N N 277 
THR CA  C    sing N N 278 
THR CA  CB   sing N N 279 
THR CA  HA   sing N N 280 
THR C   O    doub N N 281 
THR C   OXT  sing N N 282 
THR CB  OG1  sing N N 283 
THR CB  CG2  sing N N 284 
THR CB  HB   sing N N 285 
THR OG1 HG1  sing N N 286 
THR CG2 HG21 sing N N 287 
THR CG2 HG22 sing N N 288 
THR CG2 HG23 sing N N 289 
THR OXT HXT  sing N N 290 
TYR N   CA   sing N N 291 
TYR N   H    sing N N 292 
TYR N   H2   sing N N 293 
TYR CA  C    sing N N 294 
TYR CA  CB   sing N N 295 
TYR CA  HA   sing N N 296 
TYR C   O    doub N N 297 
TYR C   OXT  sing N N 298 
TYR CB  CG   sing N N 299 
TYR CB  HB2  sing N N 300 
TYR CB  HB3  sing N N 301 
TYR CG  CD1  doub Y N 302 
TYR CG  CD2  sing Y N 303 
TYR CD1 CE1  sing Y N 304 
TYR CD1 HD1  sing N N 305 
TYR CD2 CE2  doub Y N 306 
TYR CD2 HD2  sing N N 307 
TYR CE1 CZ   doub Y N 308 
TYR CE1 HE1  sing N N 309 
TYR CE2 CZ   sing Y N 310 
TYR CE2 HE2  sing N N 311 
TYR CZ  OH   sing N N 312 
TYR OH  HH   sing N N 313 
TYR OXT HXT  sing N N 314 
VAL N   CA   sing N N 315 
VAL N   H    sing N N 316 
VAL N   H2   sing N N 317 
VAL CA  C    sing N N 318 
VAL CA  CB   sing N N 319 
VAL CA  HA   sing N N 320 
VAL C   O    doub N N 321 
VAL C   OXT  sing N N 322 
VAL CB  CG1  sing N N 323 
VAL CB  CG2  sing N N 324 
VAL CB  HB   sing N N 325 
VAL CG1 HG11 sing N N 326 
VAL CG1 HG12 sing N N 327 
VAL CG1 HG13 sing N N 328 
VAL CG2 HG21 sing N N 329 
VAL CG2 HG22 sing N N 330 
VAL CG2 HG23 sing N N 331 
VAL OXT HXT  sing N N 332 
# 
_em_admin.current_status     REL 
_em_admin.deposition_date    2024-10-24 
_em_admin.deposition_site    PDBJ 
_em_admin.entry_id           9K8H 
_em_admin.last_update        2025-10-29 
_em_admin.map_release_date   2025-10-29 
_em_admin.title              
'Cryo-EM structure of C2 symmetric interface of designed zinc-induced tetrahedron Cage-t32-Zn1-HEHE-35' 
# 
_em_ctf_correction.details                  ? 
_em_ctf_correction.em_image_processing_id   1 
_em_ctf_correction.id                       1 
_em_ctf_correction.type                     'PHASE FLIPPING AND AMPLITUDE CORRECTION' 
# 
_em_entity_assembly_molwt.entity_assembly_id   1 
_em_entity_assembly_molwt.experimental_flag    YES 
_em_entity_assembly_molwt.id                   1 
_em_entity_assembly_molwt.units                MEGADALTONS 
_em_entity_assembly_molwt.value                0.317 
# 
_em_entity_assembly_naturalsource.cell                 ? 
_em_entity_assembly_naturalsource.cellular_location    ? 
_em_entity_assembly_naturalsource.entity_assembly_id   1 
_em_entity_assembly_naturalsource.id                   2 
_em_entity_assembly_naturalsource.ncbi_tax_id          562 
_em_entity_assembly_naturalsource.organism             'Escherichia coli' 
_em_entity_assembly_naturalsource.organelle            ? 
_em_entity_assembly_naturalsource.organ                ? 
_em_entity_assembly_naturalsource.strain               ? 
_em_entity_assembly_naturalsource.tissue               ? 
_em_entity_assembly_naturalsource.details              ? 
# 
_em_entity_assembly_recombinant.cell                 ? 
_em_entity_assembly_recombinant.entity_assembly_id   1 
_em_entity_assembly_recombinant.id                   2 
_em_entity_assembly_recombinant.ncbi_tax_id          562 
_em_entity_assembly_recombinant.organism             'Escherichia coli' 
_em_entity_assembly_recombinant.plasmid              ? 
_em_entity_assembly_recombinant.strain               ? 
# 
_em_image_processing.details              ? 
_em_image_processing.id                   1 
_em_image_processing.image_recording_id   1 
# 
_em_image_recording.average_exposure_time               ? 
_em_image_recording.avg_electron_dose_per_subtomogram   ? 
_em_image_recording.avg_electron_dose_per_image         50 
_em_image_recording.details                             ? 
_em_image_recording.detector_mode                       ? 
_em_image_recording.film_or_detector_model              'GATAN K3 (6k x 4k)' 
_em_image_recording.id                                  1 
_em_image_recording.imaging_id                          1 
_em_image_recording.num_diffraction_images              ? 
_em_image_recording.num_grids_imaged                    ? 
_em_image_recording.num_real_images                     ? 
# 
loop_
_em_software.category 
_em_software.details 
_em_software.id 
_em_software.image_processing_id 
_em_software.fitting_id 
_em_software.imaging_id 
_em_software.name 
_em_software.version 
'PARTICLE SELECTION'       ? 1  1 ? ? ?      ?            
'MODEL REFINEMENT'         ? 2  ? ? ? PHENIX 1.20.1_4487: 
'IMAGE ACQUISITION'        ? 3  1 1 1 ?      ?            
MASKING                    ? 4  1 1 1 ?      ?            
'CTF CORRECTION'           ? 5  1 ? ? ?      ?            
'LAYERLINE INDEXING'       ? 6  1 1 1 ?      ?            
'DIFFRACTION INDEXING'     ? 7  1 1 1 ?      ?            
'MODEL FITTING'            ? 8  1 1 1 ?      ?            
OTHER                      ? 9  1 1 1 ?      ?            
'INITIAL EULER ASSIGNMENT' ? 10 1 ? ? ?      ?            
'FINAL EULER ASSIGNMENT'   ? 11 1 ? ? ?      ?            
CLASSIFICATION             ? 12 1 ? ? ?      ?            
RECONSTRUCTION             ? 13 1 ? ? ?      ?            
# 
_em_specimen.concentration           ? 
_em_specimen.details                 ? 
_em_specimen.embedding_applied       NO 
_em_specimen.experiment_id           1 
_em_specimen.id                      1 
_em_specimen.shadowing_applied       NO 
_em_specimen.staining_applied        NO 
_em_specimen.vitrification_applied   YES 
# 
_pdbx_audit_support.funding_organization   'Ministry of Science and Technology (MoST, China)' 
_pdbx_audit_support.country                China 
_pdbx_audit_support.grant_number           ? 
_pdbx_audit_support.ordinal                1 
# 
_atom_sites.entry_id                    9K8H 
_atom_sites.Cartn_transf_matrix[1][1]   ? 
_atom_sites.Cartn_transf_matrix[1][2]   ? 
_atom_sites.Cartn_transf_matrix[1][3]   ? 
_atom_sites.Cartn_transf_matrix[2][1]   ? 
_atom_sites.Cartn_transf_matrix[2][2]   ? 
_atom_sites.Cartn_transf_matrix[2][3]   ? 
_atom_sites.Cartn_transf_matrix[3][1]   ? 
_atom_sites.Cartn_transf_matrix[3][2]   ? 
_atom_sites.Cartn_transf_matrix[3][3]   ? 
_atom_sites.Cartn_transf_vector[1]      ? 
_atom_sites.Cartn_transf_vector[2]      ? 
_atom_sites.Cartn_transf_vector[3]      ? 
_atom_sites.Cartn_transform_axes        ? 
_atom_sites.fract_transf_matrix[1][1]   1.000000 
_atom_sites.fract_transf_matrix[1][2]   0.000000 
_atom_sites.fract_transf_matrix[1][3]   0.000000 
_atom_sites.fract_transf_matrix[2][1]   0.000000 
_atom_sites.fract_transf_matrix[2][2]   1.000000 
_atom_sites.fract_transf_matrix[2][3]   0.000000 
_atom_sites.fract_transf_matrix[3][1]   0.000000 
_atom_sites.fract_transf_matrix[3][2]   0.000000 
_atom_sites.fract_transf_matrix[3][3]   1.000000 
_atom_sites.fract_transf_vector[1]      0.00000 
_atom_sites.fract_transf_vector[2]      0.00000 
_atom_sites.fract_transf_vector[3]      0.00000 
_atom_sites.solution_primary            ? 
_atom_sites.solution_secondary          ? 
_atom_sites.solution_hydrogens          ? 
_atom_sites.special_details             ? 
# 
loop_
_atom_type.symbol 
C  
N  
O  
S  
ZN 
# 
loop_
_atom_site.group_PDB 
_atom_site.id 
_atom_site.type_symbol 
_atom_site.label_atom_id 
_atom_site.label_alt_id 
_atom_site.label_comp_id 
_atom_site.label_asym_id 
_atom_site.label_entity_id 
_atom_site.label_seq_id 
_atom_site.pdbx_PDB_ins_code 
_atom_site.Cartn_x 
_atom_site.Cartn_y 
_atom_site.Cartn_z 
_atom_site.occupancy 
_atom_site.B_iso_or_equiv 
_atom_site.pdbx_formal_charge 
_atom_site.auth_seq_id 
_atom_site.auth_comp_id 
_atom_site.auth_asym_id 
_atom_site.auth_atom_id 
_atom_site.pdbx_PDB_model_num 
ATOM   1    N  N   . LYS A 1 160 ? 2.218   -24.526 3.250   1.00 35.52 ? 141 LYS A N   1 
ATOM   2    C  CA  . LYS A 1 160 ? 2.416   -23.143 2.832   1.00 34.35 ? 141 LYS A CA  1 
ATOM   3    C  C   . LYS A 1 160 ? 1.102   -22.497 2.415   1.00 35.05 ? 141 LYS A C   1 
ATOM   4    O  O   . LYS A 1 160 ? 0.848   -21.341 2.740   1.00 43.38 ? 141 LYS A O   1 
ATOM   5    C  CB  . LYS A 1 160 ? 3.420   -23.061 1.681   1.00 34.97 ? 141 LYS A CB  1 
ATOM   6    C  CG  . LYS A 1 160 ? 4.864   -22.876 2.117   1.00 38.20 ? 141 LYS A CG  1 
ATOM   7    C  CD  . LYS A 1 160 ? 5.410   -24.118 2.795   1.00 36.38 ? 141 LYS A CD  1 
ATOM   8    C  CE  . LYS A 1 160 ? 5.875   -25.139 1.770   1.00 36.49 ? 141 LYS A CE  1 
ATOM   9    N  NZ  . LYS A 1 160 ? 7.100   -25.857 2.215   1.00 38.32 ? 141 LYS A NZ  1 
ATOM   10   N  N   . GLU A 1 161 ? 0.274   -23.246 1.684   1.00 30.01 ? 142 GLU A N   1 
ATOM   11   C  CA  . GLU A 1 161 ? -1.015  -22.713 1.257   1.00 31.70 ? 142 GLU A CA  1 
ATOM   12   C  C   . GLU A 1 161 ? -1.904  -22.404 2.453   1.00 32.76 ? 142 GLU A C   1 
ATOM   13   O  O   . GLU A 1 161 ? -2.541  -21.341 2.512   1.00 35.28 ? 142 GLU A O   1 
ATOM   14   C  CB  . GLU A 1 161 ? -1.706  -23.704 0.320   1.00 36.12 ? 142 GLU A CB  1 
ATOM   15   C  CG  . GLU A 1 161 ? -0.907  -24.056 -0.927  1.00 39.31 ? 142 GLU A CG  1 
ATOM   16   C  CD  . GLU A 1 161 ? -0.971  -22.979 -1.993  1.00 39.72 ? 142 GLU A CD  1 
ATOM   17   O  OE1 . GLU A 1 161 ? -0.210  -21.994 -1.896  1.00 34.69 ? 142 GLU A OE1 1 
ATOM   18   O  OE2 . GLU A 1 161 ? -1.780  -23.123 -2.934  1.00 38.89 ? 142 GLU A OE2 1 
ATOM   19   N  N   . GLU A 1 162 ? -1.956  -23.318 3.424   1.00 29.96 ? 143 GLU A N   1 
ATOM   20   C  CA  . GLU A 1 162 ? -2.764  -23.083 4.613   1.00 28.54 ? 143 GLU A CA  1 
ATOM   21   C  C   . GLU A 1 162 ? -2.186  -21.967 5.469   1.00 32.26 ? 143 GLU A C   1 
ATOM   22   O  O   . GLU A 1 162 ? -2.940  -21.207 6.084   1.00 33.90 ? 143 GLU A O   1 
ATOM   23   C  CB  . GLU A 1 162 ? -2.904  -24.369 5.428   1.00 23.07 ? 143 GLU A CB  1 
ATOM   24   C  CG  . GLU A 1 162 ? -4.118  -24.419 6.367   1.00 33.94 ? 143 GLU A CG  1 
ATOM   25   C  CD  . GLU A 1 162 ? -5.398  -23.803 5.796   1.00 38.54 ? 143 GLU A CD  1 
ATOM   26   O  OE1 . GLU A 1 162 ? -6.229  -23.332 6.602   1.00 34.98 ? 143 GLU A OE1 1 
ATOM   27   O  OE2 . GLU A 1 162 ? -5.617  -23.841 4.566   1.00 35.56 ? 143 GLU A OE2 1 
ATOM   28   N  N   . VAL A 1 163 ? -0.857  -21.846 5.519   1.00 25.60 ? 144 VAL A N   1 
ATOM   29   C  CA  . VAL A 1 163 ? -0.247  -20.739 6.249   1.00 20.67 ? 144 VAL A CA  1 
ATOM   30   C  C   . VAL A 1 163 ? -0.683  -19.410 5.649   1.00 23.43 ? 144 VAL A C   1 
ATOM   31   O  O   . VAL A 1 163 ? -1.038  -18.472 6.369   1.00 26.92 ? 144 VAL A O   1 
ATOM   32   C  CB  . VAL A 1 163 ? 1.287   -20.880 6.258   1.00 12.16 ? 144 VAL A CB  1 
ATOM   33   C  CG1 . VAL A 1 163 ? 1.913   -19.757 7.059   1.00 14.69 ? 144 VAL A CG1 1 
ATOM   34   C  CG2 . VAL A 1 163 ? 1.691   -22.224 6.823   1.00 20.30 ? 144 VAL A CG2 1 
ATOM   35   N  N   . LYS A 1 164 ? -0.675  -19.317 4.318   1.00 23.21 ? 145 LYS A N   1 
ATOM   36   C  CA  . LYS A 1 164 ? -1.094  -18.091 3.646   1.00 21.70 ? 145 LYS A CA  1 
ATOM   37   C  C   . LYS A 1 164 ? -2.571  -17.799 3.885   1.00 22.90 ? 145 LYS A C   1 
ATOM   38   O  O   . LYS A 1 164 ? -2.948  -16.649 4.146   1.00 26.02 ? 145 LYS A O   1 
ATOM   39   C  CB  . LYS A 1 164 ? -0.804  -18.199 2.152   1.00 19.71 ? 145 LYS A CB  1 
ATOM   40   C  CG  . LYS A 1 164 ? 0.671   -18.260 1.817   1.00 23.46 ? 145 LYS A CG  1 
ATOM   41   C  CD  . LYS A 1 164 ? 0.951   -17.660 0.456   1.00 26.24 ? 145 LYS A CD  1 
ATOM   42   C  CE  . LYS A 1 164 ? 2.029   -18.438 -0.274  1.00 25.31 ? 145 LYS A CE  1 
ATOM   43   N  NZ  . LYS A 1 164 ? 1.469   -19.194 -1.427  1.00 28.21 ? 145 LYS A NZ  1 
ATOM   44   N  N   . LYS A 1 165 ? -3.423  -18.824 3.799   1.00 20.46 ? 146 LYS A N   1 
ATOM   45   C  CA  . LYS A 1 165 ? -4.846  -18.616 4.054   1.00 19.29 ? 146 LYS A CA  1 
ATOM   46   C  C   . LYS A 1 165 ? -5.090  -18.140 5.483   1.00 19.11 ? 146 LYS A C   1 
ATOM   47   O  O   . LYS A 1 165 ? -5.871  -17.207 5.716   1.00 24.32 ? 146 LYS A O   1 
ATOM   48   C  CB  . LYS A 1 165 ? -5.615  -19.906 3.777   1.00 21.38 ? 146 LYS A CB  1 
ATOM   49   C  CG  . LYS A 1 165 ? -7.126  -19.767 3.866   1.00 26.79 ? 146 LYS A CG  1 
ATOM   50   C  CD  . LYS A 1 165 ? -7.834  -20.350 2.647   1.00 30.04 ? 146 LYS A CD  1 
ATOM   51   C  CE  . LYS A 1 165 ? -6.884  -20.598 1.485   1.00 29.23 ? 146 LYS A CE  1 
ATOM   52   N  NZ  . LYS A 1 165 ? -7.109  -21.933 0.864   1.00 30.46 ? 146 LYS A NZ  1 
ATOM   53   N  N   . LEU A 1 166 ? -4.413  -18.758 6.452   1.00 17.21 ? 147 LEU A N   1 
ATOM   54   C  CA  . LEU A 1 166 ? -4.585  -18.376 7.845   1.00 15.54 ? 147 LEU A CA  1 
ATOM   55   C  C   . LEU A 1 166 ? -4.043  -16.982 8.119   1.00 15.84 ? 147 LEU A C   1 
ATOM   56   O  O   . LEU A 1 166 ? -4.617  -16.244 8.925   1.00 20.00 ? 147 LEU A O   1 
ATOM   57   C  CB  . LEU A 1 166 ? -3.909  -19.406 8.747   1.00 22.24 ? 147 LEU A CB  1 
ATOM   58   C  CG  . LEU A 1 166 ? -4.658  -20.733 8.848   1.00 15.78 ? 147 LEU A CG  1 
ATOM   59   C  CD1 . LEU A 1 166 ? -3.814  -21.766 9.556   1.00 14.39 ? 147 LEU A CD1 1 
ATOM   60   C  CD2 . LEU A 1 166 ? -5.986  -20.542 9.557   1.00 12.65 ? 147 LEU A CD2 1 
ATOM   61   N  N   . LEU A 1 167 ? -2.946  -16.600 7.463   1.00 15.62 ? 148 LEU A N   1 
ATOM   62   C  CA  . LEU A 1 167 ? -2.445  -15.240 7.607   1.00 13.75 ? 148 LEU A CA  1 
ATOM   63   C  C   . LEU A 1 167 ? -3.411  -14.227 7.009   1.00 13.99 ? 148 LEU A C   1 
ATOM   64   O  O   . LEU A 1 167 ? -3.554  -13.122 7.541   1.00 25.12 ? 148 LEU A O   1 
ATOM   65   C  CB  . LEU A 1 167 ? -1.067  -15.116 6.962   1.00 10.44 ? 148 LEU A CB  1 
ATOM   66   C  CG  . LEU A 1 167 ? 0.102   -15.724 7.739   1.00 16.32 ? 148 LEU A CG  1 
ATOM   67   C  CD1 . LEU A 1 167 ? 1.362   -15.722 6.894   1.00 13.35 ? 148 LEU A CD1 1 
ATOM   68   C  CD2 . LEU A 1 167 ? 0.326   -14.980 9.043   1.00 14.81 ? 148 LEU A CD2 1 
ATOM   69   N  N   . ALA A 1 168 ? -4.086  -14.580 5.914   1.00 6.18  ? 149 ALA A N   1 
ATOM   70   C  CA  . ALA A 1 168 ? -5.125  -13.705 5.380   1.00 6.64  ? 149 ALA A CA  1 
ATOM   71   C  C   . ALA A 1 168 ? -6.280  -13.544 6.366   1.00 15.54 ? 149 ALA A C   1 
ATOM   72   O  O   . ALA A 1 168 ? -6.814  -12.439 6.533   1.00 15.94 ? 149 ALA A O   1 
ATOM   73   C  CB  . ALA A 1 168 ? -5.623  -14.246 4.044   1.00 18.18 ? 149 ALA A CB  1 
ATOM   74   N  N   . LYS A 1 169 ? -6.681  -14.636 7.026   1.00 21.68 ? 150 LYS A N   1 
ATOM   75   C  CA  . LYS A 1 169 ? -7.698  -14.528 8.077   1.00 15.72 ? 150 LYS A CA  1 
ATOM   76   C  C   . LYS A 1 169 ? -7.222  -13.630 9.216   1.00 22.50 ? 150 LYS A C   1 
ATOM   77   O  O   . LYS A 1 169 ? -7.998  -12.831 9.760   1.00 26.11 ? 150 LYS A O   1 
ATOM   78   C  CB  . LYS A 1 169 ? -8.065  -15.909 8.619   1.00 14.37 ? 150 LYS A CB  1 
ATOM   79   C  CG  . LYS A 1 169 ? -8.240  -16.985 7.567   1.00 21.62 ? 150 LYS A CG  1 
ATOM   80   C  CD  . LYS A 1 169 ? -9.291  -18.009 7.974   1.00 26.54 ? 150 LYS A CD  1 
ATOM   81   C  CE  . LYS A 1 169 ? -9.256  -18.287 9.470   1.00 22.24 ? 150 LYS A CE  1 
ATOM   82   N  NZ  . LYS A 1 169 ? -10.054 -19.491 9.832   1.00 26.20 ? 150 LYS A NZ  1 
ATOM   83   N  N   . PHE A 1 170 ? -5.951  -13.761 9.595   1.00 13.60 ? 151 PHE A N   1 
ATOM   84   C  CA  . PHE A 1 170 ? -5.376  -12.910 10.633  1.00 9.26  ? 151 PHE A CA  1 
ATOM   85   C  C   . PHE A 1 170 ? -5.437  -11.441 10.232  1.00 19.37 ? 151 PHE A C   1 
ATOM   86   O  O   . PHE A 1 170 ? -5.752  -10.572 11.053  1.00 23.62 ? 151 PHE A O   1 
ATOM   87   C  CB  . PHE A 1 170 ? -3.934  -13.339 10.906  1.00 10.87 ? 151 PHE A CB  1 
ATOM   88   C  CG  . PHE A 1 170 ? -3.326  -12.706 12.121  1.00 14.68 ? 151 PHE A CG  1 
ATOM   89   C  CD1 . PHE A 1 170 ? -4.111  -12.342 13.200  1.00 18.46 ? 151 PHE A CD1 1 
ATOM   90   C  CD2 . PHE A 1 170 ? -1.966  -12.474 12.185  1.00 15.66 ? 151 PHE A CD2 1 
ATOM   91   C  CE1 . PHE A 1 170 ? -3.547  -11.758 14.315  1.00 12.45 ? 151 PHE A CE1 1 
ATOM   92   C  CE2 . PHE A 1 170 ? -1.400  -11.892 13.299  1.00 16.15 ? 151 PHE A CE2 1 
ATOM   93   C  CZ  . PHE A 1 170 ? -2.191  -11.535 14.362  1.00 9.16  ? 151 PHE A CZ  1 
ATOM   94   N  N   . VAL A 1 171 ? -5.125  -11.145 8.970   1.00 13.06 ? 152 VAL A N   1 
ATOM   95   C  CA  . VAL A 1 171 ? -5.165  -9.765  8.491   1.00 8.57  ? 152 VAL A CA  1 
ATOM   96   C  C   . VAL A 1 171 ? -6.593  -9.234  8.513   1.00 17.06 ? 152 VAL A C   1 
ATOM   97   O  O   . VAL A 1 171 ? -6.834  -8.067  8.835   1.00 24.80 ? 152 VAL A O   1 
ATOM   98   C  CB  . VAL A 1 171 ? -4.539  -9.659  7.088   1.00 15.63 ? 152 VAL A CB  1 
ATOM   99   C  CG1 . VAL A 1 171 ? -4.672  -8.247  6.550   1.00 12.72 ? 152 VAL A CG1 1 
ATOM   100  C  CG2 . VAL A 1 171 ? -3.080  -10.051 7.138   1.00 14.55 ? 152 VAL A CG2 1 
ATOM   101  N  N   . LEU A 1 172 ? -7.566  -10.080 8.163   1.00 19.91 ? 153 LEU A N   1 
ATOM   102  C  CA  . LEU A 1 172 ? -8.962  -9.649  8.241   1.00 17.69 ? 153 LEU A CA  1 
ATOM   103  C  C   . LEU A 1 172 ? -9.364  -9.322  9.677   1.00 16.01 ? 153 LEU A C   1 
ATOM   104  O  O   . LEU A 1 172 ? -10.048 -8.319  9.931   1.00 22.16 ? 153 LEU A O   1 
ATOM   105  C  CB  . LEU A 1 172 ? -9.881  -10.719 7.656   1.00 22.18 ? 153 LEU A CB  1 
ATOM   106  C  CG  . LEU A 1 172 ? -10.330 -10.525 6.206   1.00 21.21 ? 153 LEU A CG  1 
ATOM   107  C  CD1 . LEU A 1 172 ? -11.135 -11.720 5.742   1.00 19.39 ? 153 LEU A CD1 1 
ATOM   108  C  CD2 . LEU A 1 172 ? -11.137 -9.245  6.051   1.00 21.23 ? 153 LEU A CD2 1 
ATOM   109  N  N   . LEU A 1 173 ? -8.946  -10.157 10.632  1.00 14.64 ? 154 LEU A N   1 
ATOM   110  C  CA  . LEU A 1 173 ? -9.232  -9.875  12.038  1.00 16.05 ? 154 LEU A CA  1 
ATOM   111  C  C   . LEU A 1 173 ? -8.575  -8.574  12.490  1.00 19.42 ? 154 LEU A C   1 
ATOM   112  O  O   . LEU A 1 173 ? -9.187  -7.767  13.205  1.00 22.35 ? 154 LEU A O   1 
ATOM   113  C  CB  . LEU A 1 173 ? -8.764  -11.039 12.909  1.00 22.74 ? 154 LEU A CB  1 
ATOM   114  C  CG  . LEU A 1 173 ? -9.577  -12.329 12.828  1.00 23.92 ? 154 LEU A CG  1 
ATOM   115  C  CD1 . LEU A 1 173 ? -8.921  -13.414 13.659  1.00 18.41 ? 154 LEU A CD1 1 
ATOM   116  C  CD2 . LEU A 1 173 ? -11.009 -12.091 13.279  1.00 21.58 ? 154 LEU A CD2 1 
ATOM   117  N  N   . LEU A 1 174 ? -7.320  -8.354  12.084  1.00 21.66 ? 155 LEU A N   1 
ATOM   118  C  CA  . LEU A 1 174 ? -6.632  -7.113  12.417  1.00 19.27 ? 155 LEU A CA  1 
ATOM   119  C  C   . LEU A 1 174 ? -7.334  -5.905  11.818  1.00 19.02 ? 155 LEU A C   1 
ATOM   120  O  O   . LEU A 1 174 ? -7.393  -4.850  12.449  1.00 24.17 ? 155 LEU A O   1 
ATOM   121  C  CB  . LEU A 1 174 ? -5.186  -7.161  11.932  1.00 15.17 ? 155 LEU A CB  1 
ATOM   122  C  CG  . LEU A 1 174 ? -4.205  -8.009  12.733  1.00 12.80 ? 155 LEU A CG  1 
ATOM   123  C  CD1 . LEU A 1 174 ? -2.947  -8.243  11.922  1.00 15.59 ? 155 LEU A CD1 1 
ATOM   124  C  CD2 . LEU A 1 174 ? -3.884  -7.322  14.042  1.00 17.98 ? 155 LEU A CD2 1 
ATOM   125  N  N   . LEU A 1 175 ? -7.847  -6.036  10.597  1.00 25.67 ? 156 LEU A N   1 
ATOM   126  C  CA  . LEU A 1 175 ? -8.600  -4.956  9.969   1.00 25.29 ? 156 LEU A CA  1 
ATOM   127  C  C   . LEU A 1 175 ? -9.871  -4.642  10.747  1.00 25.58 ? 156 LEU A C   1 
ATOM   128  O  O   . LEU A 1 175 ? -10.234 -3.470  10.924  1.00 32.71 ? 156 LEU A O   1 
ATOM   129  C  CB  . LEU A 1 175 ? -8.917  -5.347  8.529   1.00 31.53 ? 156 LEU A CB  1 
ATOM   130  C  CG  . LEU A 1 175 ? -9.940  -4.567  7.715   1.00 31.57 ? 156 LEU A CG  1 
ATOM   131  C  CD1 . LEU A 1 175 ? -9.563  -3.113  7.638   1.00 29.87 ? 156 LEU A CD1 1 
ATOM   132  C  CD2 . LEU A 1 175 ? -9.992  -5.175  6.338   1.00 29.32 ? 156 LEU A CD2 1 
ATOM   133  N  N   . GLU A 1 176 ? -10.564 -5.682  11.214  1.00 27.10 ? 157 GLU A N   1 
ATOM   134  C  CA  . GLU A 1 176 ? -11.731 -5.475  12.067  1.00 31.47 ? 157 GLU A CA  1 
ATOM   135  C  C   . GLU A 1 176 ? -11.355 -4.707  13.330  1.00 33.29 ? 157 GLU A C   1 
ATOM   136  O  O   . GLU A 1 176 ? -12.045 -3.757  13.732  1.00 37.66 ? 157 GLU A O   1 
ATOM   137  C  CB  . GLU A 1 176 ? -12.351 -6.828  12.411  1.00 31.90 ? 157 GLU A CB  1 
ATOM   138  C  CG  . GLU A 1 176 ? -13.701 -6.770  13.088  1.00 36.15 ? 157 GLU A CG  1 
ATOM   139  C  CD  . GLU A 1 176 ? -13.848 -7.839  14.150  1.00 41.19 ? 157 GLU A CD  1 
ATOM   140  O  OE1 . GLU A 1 176 ? -13.287 -8.939  13.964  1.00 41.65 ? 157 GLU A OE1 1 
ATOM   141  O  OE2 . GLU A 1 176 ? -14.524 -7.586  15.168  1.00 40.95 ? 157 GLU A OE2 1 
ATOM   142  N  N   . MET A 1 177 ? -10.244 -5.092  13.958  1.00 32.29 ? 158 MET A N   1 
ATOM   143  C  CA  . MET A 1 177 ? -9.801  -4.403  15.166  1.00 32.42 ? 158 MET A CA  1 
ATOM   144  C  C   . MET A 1 177 ? -9.377  -2.967  14.860  1.00 33.23 ? 158 MET A C   1 
ATOM   145  O  O   . MET A 1 177 ? -9.542  -2.067  15.689  1.00 34.85 ? 158 MET A O   1 
ATOM   146  C  CB  . MET A 1 177 ? -8.664  -5.185  15.826  1.00 34.14 ? 158 MET A CB  1 
ATOM   147  C  CG  . MET A 1 177 ? -8.032  -4.491  17.016  1.00 36.75 ? 158 MET A CG  1 
ATOM   148  S  SD  . MET A 1 177 ? -7.542  -5.638  18.313  1.00 45.17 ? 158 MET A SD  1 
ATOM   149  C  CE  . MET A 1 177 ? -8.997  -6.679  18.406  1.00 33.68 ? 158 MET A CE  1 
ATOM   150  N  N   . VAL A 1 178 ? -8.830  -2.734  13.664  1.00 36.50 ? 159 VAL A N   1 
ATOM   151  C  CA  . VAL A 1 178 ? -8.446  -1.383  13.256  1.00 33.95 ? 159 VAL A CA  1 
ATOM   152  C  C   . VAL A 1 178 ? -9.676  -0.495  13.136  1.00 33.33 ? 159 VAL A C   1 
ATOM   153  O  O   . VAL A 1 178 ? -9.678  0.657   13.583  1.00 33.39 ? 159 VAL A O   1 
ATOM   154  C  CB  . VAL A 1 178 ? -7.657  -1.421  11.933  1.00 31.32 ? 159 VAL A CB  1 
ATOM   155  C  CG1 . VAL A 1 178 ? -7.651  -0.058  11.285  1.00 33.90 ? 159 VAL A CG1 1 
ATOM   156  C  CG2 . VAL A 1 178 ? -6.247  -1.854  12.177  1.00 32.23 ? 159 VAL A CG2 1 
ATOM   157  N  N   . LYS A 1 179 ? -10.733 -1.015  12.511  1.00 38.88 ? 160 LYS A N   1 
ATOM   158  C  CA  . LYS A 1 179 ? -11.980 -0.256  12.424  1.00 36.28 ? 160 LYS A CA  1 
ATOM   159  C  C   . LYS A 1 179 ? -12.534 0.038   13.814  1.00 38.61 ? 160 LYS A C   1 
ATOM   160  O  O   . LYS A 1 179 ? -12.978 1.159   14.098  1.00 39.94 ? 160 LYS A O   1 
ATOM   161  C  CB  . LYS A 1 179 ? -13.003 -1.024  11.590  1.00 39.28 ? 160 LYS A CB  1 
ATOM   162  C  CG  . LYS A 1 179 ? -12.912 -0.773  10.099  1.00 38.25 ? 160 LYS A CG  1 
ATOM   163  C  CD  . LYS A 1 179 ? -14.003 -1.526  9.360   1.00 38.62 ? 160 LYS A CD  1 
ATOM   164  C  CE  . LYS A 1 179 ? -13.647 -1.726  7.899   1.00 42.41 ? 160 LYS A CE  1 
ATOM   165  N  NZ  . LYS A 1 179 ? -14.795 -2.285  7.135   1.00 43.47 ? 160 LYS A NZ  1 
ATOM   166  N  N   . ARG A 1 180 ? -12.503 -0.964  14.698  1.00 44.64 ? 161 ARG A N   1 
ATOM   167  C  CA  . ARG A 1 180 ? -12.959 -0.756  16.070  1.00 45.90 ? 161 ARG A CA  1 
ATOM   168  C  C   . ARG A 1 180 ? -12.159 0.338   16.773  1.00 45.66 ? 161 ARG A C   1 
ATOM   169  O  O   . ARG A 1 180 ? -12.733 1.200   17.447  1.00 42.00 ? 161 ARG A O   1 
ATOM   170  C  CB  . ARG A 1 180 ? -12.883 -2.067  16.850  1.00 40.93 ? 161 ARG A CB  1 
ATOM   171  C  CG  . ARG A 1 180 ? -13.699 -2.074  18.128  1.00 44.84 ? 161 ARG A CG  1 
ATOM   172  C  CD  . ARG A 1 180 ? -14.392 -3.403  18.365  1.00 48.66 ? 161 ARG A CD  1 
ATOM   173  N  NE  . ARG A 1 180 ? -14.805 -4.030  17.116  1.00 49.42 ? 161 ARG A NE  1 
ATOM   174  C  CZ  . ARG A 1 180 ? -15.258 -5.272  17.017  1.00 45.32 ? 161 ARG A CZ  1 
ATOM   175  N  NH1 . ARG A 1 180 ? -15.352 -6.061  18.075  1.00 42.75 ? 161 ARG A NH1 1 
ATOM   176  N  NH2 . ARG A 1 180 ? -15.633 -5.732  15.827  1.00 43.85 ? 161 ARG A NH2 1 
ATOM   177  N  N   . ALA A 1 181 ? -10.834 0.322   16.627  1.00 44.95 ? 162 ALA A N   1 
ATOM   178  C  CA  . ALA A 1 181 ? -10.005 1.343   17.259  1.00 45.75 ? 162 ALA A CA  1 
ATOM   179  C  C   . ALA A 1 181 ? -10.215 2.718   16.644  1.00 47.71 ? 162 ALA A C   1 
ATOM   180  O  O   . ALA A 1 181 ? -10.092 3.724   17.349  1.00 50.12 ? 162 ALA A O   1 
ATOM   181  C  CB  . ALA A 1 181 ? -8.529  0.954   17.170  1.00 44.72 ? 162 ALA A CB  1 
ATOM   182  N  N   . ILE A 1 182 ? -10.509 2.782   15.345  1.00 49.41 ? 163 ILE A N   1 
ATOM   183  C  CA  . ILE A 1 182 ? -10.778 4.058   14.693  1.00 45.40 ? 163 ILE A CA  1 
ATOM   184  C  C   . ILE A 1 182 ? -12.100 4.661   15.144  1.00 49.05 ? 163 ILE A C   1 
ATOM   185  O  O   . ILE A 1 182 ? -12.191 5.885   15.302  1.00 49.84 ? 163 ILE A O   1 
ATOM   186  C  CB  . ILE A 1 182 ? -10.741 3.877   13.168  1.00 45.85 ? 163 ILE A CB  1 
ATOM   187  C  CG1 . ILE A 1 182 ? -9.309  4.037   12.670  1.00 44.81 ? 163 ILE A CG1 1 
ATOM   188  C  CG2 . ILE A 1 182 ? -11.658 4.869   12.465  1.00 45.40 ? 163 ILE A CG2 1 
ATOM   189  C  CD1 . ILE A 1 182 ? -9.053  3.322   11.390  1.00 49.25 ? 163 ILE A CD1 1 
ATOM   190  N  N   . LYS A 1 183 ? -13.121 3.840   15.393  1.00 50.83 ? 164 LYS A N   1 
ATOM   191  C  CA  . LYS A 1 183 ? -14.395 4.358   15.895  1.00 48.06 ? 164 LYS A CA  1 
ATOM   192  C  C   . LYS A 1 183 ? -14.266 4.945   17.297  1.00 48.98 ? 164 LYS A C   1 
ATOM   193  O  O   . LYS A 1 183 ? -15.241 5.440   17.870  1.00 50.89 ? 164 LYS A O   1 
ATOM   194  C  CB  . LYS A 1 183 ? -15.455 3.261   15.854  1.00 50.60 ? 164 LYS A CB  1 
ATOM   195  C  CG  . LYS A 1 183 ? -15.621 2.471   17.142  1.00 50.19 ? 164 LYS A CG  1 
ATOM   196  C  CD  . LYS A 1 183 ? -16.661 1.376   16.981  1.00 50.07 ? 164 LYS A CD  1 
ATOM   197  C  CE  . LYS A 1 183 ? -16.358 0.192   17.880  1.00 48.89 ? 164 LYS A CE  1 
ATOM   198  N  NZ  . LYS A 1 183 ? -17.545 -0.681  18.090  1.00 47.28 ? 164 LYS A NZ  1 
ATOM   199  N  N   . LYS A 1 184 ? -13.057 4.931   17.861  1.00 47.52 ? 165 LYS A N   1 
ATOM   200  C  CA  . LYS A 1 184 ? -12.769 5.563   19.142  1.00 49.08 ? 165 LYS A CA  1 
ATOM   201  C  C   . LYS A 1 184 ? -11.490 6.383   19.032  1.00 50.13 ? 165 LYS A C   1 
ATOM   202  O  O   . LYS A 1 184 ? -10.990 6.616   17.928  1.00 49.78 ? 165 LYS A O   1 
ATOM   203  C  CB  . LYS A 1 184 ? -12.635 4.522   20.255  1.00 49.46 ? 165 LYS A CB  1 
ATOM   204  C  CG  . LYS A 1 184 ? -13.863 3.655   20.466  1.00 48.55 ? 165 LYS A CG  1 
ATOM   205  C  CD  . LYS A 1 184 ? -13.504 2.180   20.417  1.00 49.84 ? 165 LYS A CD  1 
ATOM   206  C  CE  . LYS A 1 184 ? -14.620 1.321   20.982  1.00 53.59 ? 165 LYS A CE  1 
ATOM   207  N  NZ  . LYS A 1 184 ? -14.429 -0.120  20.666  1.00 50.51 ? 165 LYS A NZ  1 
ATOM   208  N  N   . GLY A 1 185 ? -10.956 6.830   20.164  1.00 51.95 ? 166 GLY A N   1 
ATOM   209  C  CA  . GLY A 1 185 ? -9.761  7.652   20.157  1.00 52.89 ? 166 GLY A CA  1 
ATOM   210  C  C   . GLY A 1 185 ? -8.479  6.893   20.432  1.00 55.81 ? 166 GLY A C   1 
ATOM   211  O  O   . GLY A 1 185 ? -7.467  7.494   20.803  1.00 53.97 ? 166 GLY A O   1 
ATOM   212  N  N   . ASP A 1 186 ? -8.510  5.574   20.262  1.00 53.46 ? 167 ASP A N   1 
ATOM   213  C  CA  . ASP A 1 186 ? -7.341  4.746   20.542  1.00 51.46 ? 167 ASP A CA  1 
ATOM   214  C  C   . ASP A 1 186 ? -6.209  5.068   19.577  1.00 52.03 ? 167 ASP A C   1 
ATOM   215  O  O   . ASP A 1 186 ? -6.366  4.954   18.359  1.00 53.83 ? 167 ASP A O   1 
ATOM   216  C  CB  . ASP A 1 186 ? -7.722  3.268   20.447  1.00 50.88 ? 167 ASP A CB  1 
ATOM   217  C  CG  . ASP A 1 186 ? -7.238  2.465   21.634  1.00 51.70 ? 167 ASP A CG  1 
ATOM   218  O  OD1 . ASP A 1 186 ? -6.686  3.069   22.576  1.00 50.40 ? 167 ASP A OD1 1 
ATOM   219  O  OD2 . ASP A 1 186 ? -7.413  1.230   21.627  1.00 52.35 ? 167 ASP A OD2 1 
ATOM   220  N  N   . LYS A 1 187 ? -5.063  5.468   20.129  1.00 49.91 ? 168 LYS A N   1 
ATOM   221  C  CA  . LYS A 1 187 ? -3.921  5.882   19.328  1.00 49.93 ? 168 LYS A CA  1 
ATOM   222  C  C   . LYS A 1 187 ? -2.714  4.967   19.470  1.00 51.58 ? 168 LYS A C   1 
ATOM   223  O  O   . LYS A 1 187 ? -1.815  5.022   18.624  1.00 50.78 ? 168 LYS A O   1 
ATOM   224  C  CB  . LYS A 1 187 ? -3.515  7.318   19.686  1.00 49.33 ? 168 LYS A CB  1 
ATOM   225  C  CG  . LYS A 1 187 ? -3.817  8.337   18.599  1.00 50.90 ? 168 LYS A CG  1 
ATOM   226  C  CD  . LYS A 1 187 ? -5.200  8.123   18.005  1.00 50.10 ? 168 LYS A CD  1 
ATOM   227  C  CE  . LYS A 1 187 ? -5.577  9.250   17.058  1.00 52.15 ? 168 LYS A CE  1 
ATOM   228  N  NZ  . LYS A 1 187 ? -7.048  9.320   16.835  1.00 51.09 ? 168 LYS A NZ  1 
ATOM   229  N  N   . GLU A 1 188 ? -2.659  4.139   20.511  1.00 45.83 ? 169 GLU A N   1 
ATOM   230  C  CA  . GLU A 1 188 ? -1.607  3.140   20.648  1.00 45.11 ? 169 GLU A CA  1 
ATOM   231  C  C   . GLU A 1 188 ? -1.959  1.828   19.968  1.00 43.32 ? 169 GLU A C   1 
ATOM   232  O  O   . GLU A 1 188 ? -1.063  1.133   19.474  1.00 44.47 ? 169 GLU A O   1 
ATOM   233  C  CB  . GLU A 1 188 ? -1.312  2.878   22.128  1.00 45.02 ? 169 GLU A CB  1 
ATOM   234  C  CG  . GLU A 1 188 ? -0.805  4.094   22.883  1.00 47.71 ? 169 GLU A CG  1 
ATOM   235  C  CD  . GLU A 1 188 ? -1.929  4.928   23.465  1.00 47.58 ? 169 GLU A CD  1 
ATOM   236  O  OE1 . GLU A 1 188 ? -3.049  4.396   23.614  1.00 44.30 ? 169 GLU A OE1 1 
ATOM   237  O  OE2 . GLU A 1 188 ? -1.691  6.115   23.774  1.00 47.92 ? 169 GLU A OE2 1 
ATOM   238  N  N   . THR A 1 189 ? -3.248  1.491   19.925  1.00 36.39 ? 170 THR A N   1 
ATOM   239  C  CA  . THR A 1 189 ? -3.685  0.306   19.199  1.00 34.33 ? 170 THR A CA  1 
ATOM   240  C  C   . THR A 1 189 ? -3.357  0.423   17.716  1.00 37.75 ? 170 THR A C   1 
ATOM   241  O  O   . THR A 1 189 ? -2.923  -0.551  17.093  1.00 40.59 ? 170 THR A O   1 
ATOM   242  C  CB  . THR A 1 189 ? -5.184  0.092   19.404  1.00 34.56 ? 170 THR A CB  1 
ATOM   243  O  OG1 . THR A 1 189 ? -5.469  0.042   20.806  1.00 36.93 ? 170 THR A OG1 1 
ATOM   244  C  CG2 . THR A 1 189 ? -5.633  -1.207  18.757  1.00 37.53 ? 170 THR A CG2 1 
ATOM   245  N  N   . LEU A 1 190 ? -3.554  1.609   17.134  1.00 34.60 ? 171 LEU A N   1 
ATOM   246  C  CA  . LEU A 1 190 ? -3.239  1.798   15.722  1.00 29.92 ? 171 LEU A CA  1 
ATOM   247  C  C   . LEU A 1 190 ? -1.749  1.619   15.453  1.00 30.99 ? 171 LEU A C   1 
ATOM   248  O  O   . LEU A 1 190 ? -1.368  0.972   14.472  1.00 40.67 ? 171 LEU A O   1 
ATOM   249  C  CB  . LEU A 1 190 ? -3.714  3.172   15.254  1.00 31.47 ? 171 LEU A CB  1 
ATOM   250  C  CG  . LEU A 1 190 ? -5.228  3.392   15.261  1.00 33.02 ? 171 LEU A CG  1 
ATOM   251  C  CD1 . LEU A 1 190 ? -5.562  4.869   15.174  1.00 34.38 ? 171 LEU A CD1 1 
ATOM   252  C  CD2 . LEU A 1 190 ? -5.887  2.628   14.131  1.00 32.84 ? 171 LEU A CD2 1 
ATOM   253  N  N   . LYS A 1 191 ? -0.893  2.170   16.318  1.00 25.57 ? 172 LYS A N   1 
ATOM   254  C  CA  . LYS A 1 191 ? 0.549   1.995   16.155  1.00 25.81 ? 172 LYS A CA  1 
ATOM   255  C  C   . LYS A 1 191 ? 0.946   0.528   16.270  1.00 25.50 ? 172 LYS A C   1 
ATOM   256  O  O   . LYS A 1 191 ? 1.735   0.016   15.458  1.00 33.38 ? 172 LYS A O   1 
ATOM   257  C  CB  . LYS A 1 191 ? 1.291   2.826   17.200  1.00 30.63 ? 172 LYS A CB  1 
ATOM   258  C  CG  . LYS A 1 191 ? 2.763   3.041   16.907  1.00 34.87 ? 172 LYS A CG  1 
ATOM   259  C  CD  . LYS A 1 191 ? 3.407   3.925   17.961  1.00 34.01 ? 172 LYS A CD  1 
ATOM   260  C  CE  . LYS A 1 191 ? 2.943   5.366   17.844  1.00 32.26 ? 172 LYS A CE  1 
ATOM   261  N  NZ  . LYS A 1 191 ? 4.012   6.250   17.305  1.00 30.18 ? 172 LYS A NZ  1 
ATOM   262  N  N   . LEU A 1 192 ? 0.404   -0.167  17.271  1.00 24.76 ? 173 LEU A N   1 
ATOM   263  C  CA  . LEU A 1 192 ? 0.745   -1.569  17.476  1.00 22.26 ? 173 LEU A CA  1 
ATOM   264  C  C   . LEU A 1 192 ? 0.285   -2.433  16.308  1.00 23.49 ? 173 LEU A C   1 
ATOM   265  O  O   . LEU A 1 192 ? 1.028   -3.314  15.852  1.00 24.90 ? 173 LEU A O   1 
ATOM   266  C  CB  . LEU A 1 192 ? 0.133   -2.055  18.789  1.00 23.36 ? 173 LEU A CB  1 
ATOM   267  C  CG  . LEU A 1 192 ? 1.024   -2.028  20.033  1.00 24.21 ? 173 LEU A CG  1 
ATOM   268  C  CD1 . LEU A 1 192 ? 1.696   -0.683  20.194  1.00 23.28 ? 173 LEU A CD1 1 
ATOM   269  C  CD2 . LEU A 1 192 ? 0.203   -2.346  21.265  1.00 23.68 ? 173 LEU A CD2 1 
ATOM   270  N  N   . ILE A 1 193 ? -0.922  -2.182  15.798  1.00 17.94 ? 174 ILE A N   1 
ATOM   271  C  CA  . ILE A 1 193 ? -1.419  -2.949  14.663  1.00 15.11 ? 174 ILE A CA  1 
ATOM   272  C  C   . ILE A 1 193 ? -0.618  -2.630  13.410  1.00 19.83 ? 174 ILE A C   1 
ATOM   273  O  O   . ILE A 1 193 ? -0.400  -3.501  12.564  1.00 29.26 ? 174 ILE A O   1 
ATOM   274  C  CB  . ILE A 1 193 ? -2.920  -2.694  14.456  1.00 17.59 ? 174 ILE A CB  1 
ATOM   275  C  CG1 . ILE A 1 193 ? -3.713  -3.182  15.664  1.00 23.78 ? 174 ILE A CG1 1 
ATOM   276  C  CG2 . ILE A 1 193 ? -3.401  -3.432  13.229  1.00 23.44 ? 174 ILE A CG2 1 
ATOM   277  C  CD1 . ILE A 1 193 ? -5.199  -3.066  15.488  1.00 26.74 ? 174 ILE A CD1 1 
ATOM   278  N  N   . HIS A 1 194 ? -0.182  -1.378  13.256  1.00 10.96 ? 175 HIS A N   1 
ATOM   279  C  CA  . HIS A 1 194 ? 0.668   -1.035  12.121  1.00 9.54  ? 175 HIS A CA  1 
ATOM   280  C  C   . HIS A 1 194 ? 1.966   -1.831  12.160  1.00 13.12 ? 175 HIS A C   1 
ATOM   281  O  O   . HIS A 1 194 ? 2.409   -2.364  11.135  1.00 19.15 ? 175 HIS A O   1 
ATOM   282  C  CB  . HIS A 1 194 ? 0.938   0.471   12.115  1.00 17.78 ? 175 HIS A CB  1 
ATOM   283  C  CG  . HIS A 1 194 ? 1.877   0.923   11.039  1.00 22.97 ? 175 HIS A CG  1 
ATOM   284  N  ND1 . HIS A 1 194 ? 1.456   1.606   9.917   1.00 21.63 ? 175 HIS A ND1 1 
ATOM   285  C  CD2 . HIS A 1 194 ? 3.216   0.777   10.908  1.00 18.53 ? 175 HIS A CD2 1 
ATOM   286  C  CE1 . HIS A 1 194 ? 2.496   1.868   9.147   1.00 22.38 ? 175 HIS A CE1 1 
ATOM   287  N  NE2 . HIS A 1 194 ? 3.576   1.377   9.726   1.00 19.05 ? 175 HIS A NE2 1 
ATOM   288  N  N   . GLU A 1 195 ? 2.575   -1.944  13.342  1.00 12.03 ? 176 GLU A N   1 
ATOM   289  C  CA  . GLU A 1 195 ? 3.780   -2.762  13.474  1.00 15.01 ? 176 GLU A CA  1 
ATOM   290  C  C   . GLU A 1 195 ? 3.503   -4.225  13.129  1.00 20.55 ? 176 GLU A C   1 
ATOM   291  O  O   . GLU A 1 195 ? 4.265   -4.864  12.383  1.00 22.32 ? 176 GLU A O   1 
ATOM   292  C  CB  . GLU A 1 195 ? 4.335   -2.641  14.892  1.00 13.39 ? 176 GLU A CB  1 
ATOM   293  C  CG  . GLU A 1 195 ? 5.734   -3.195  15.051  1.00 20.94 ? 176 GLU A CG  1 
ATOM   294  C  CD  . GLU A 1 195 ? 6.266   -3.025  16.455  1.00 28.88 ? 176 GLU A CD  1 
ATOM   295  O  OE1 . GLU A 1 195 ? 5.622   -2.308  17.250  1.00 28.13 ? 176 GLU A OE1 1 
ATOM   296  O  OE2 . GLU A 1 195 ? 7.325   -3.609  16.767  1.00 24.53 ? 176 GLU A OE2 1 
ATOM   297  N  N   . ILE A 1 196 ? 2.409   -4.771  13.666  1.00 18.64 ? 177 ILE A N   1 
ATOM   298  C  CA  . ILE A 1 196 ? 2.080   -6.174  13.420  1.00 7.28  ? 177 ILE A CA  1 
ATOM   299  C  C   . ILE A 1 196 ? 1.858   -6.419  11.932  1.00 11.08 ? 177 ILE A C   1 
ATOM   300  O  O   . ILE A 1 196 ? 2.359   -7.397  11.367  1.00 16.85 ? 177 ILE A O   1 
ATOM   301  C  CB  . ILE A 1 196 ? 0.852   -6.590  14.253  1.00 16.58 ? 177 ILE A CB  1 
ATOM   302  C  CG1 . ILE A 1 196 ? 1.252   -6.866  15.701  1.00 14.69 ? 177 ILE A CG1 1 
ATOM   303  C  CG2 . ILE A 1 196 ? 0.185   -7.818  13.659  1.00 10.20 ? 177 ILE A CG2 1 
ATOM   304  C  CD1 . ILE A 1 196 ? 0.119   -6.689  16.684  1.00 13.54 ? 177 ILE A CD1 1 
ATOM   305  N  N   . LEU A 1 197 ? 1.116   -5.527  11.273  1.00 14.21 ? 178 LEU A N   1 
ATOM   306  C  CA  . LEU A 1 197 ? 0.804   -5.697  9.860   1.00 8.66  ? 178 LEU A CA  1 
ATOM   307  C  C   . LEU A 1 197 ? 2.034   -5.520  8.981   1.00 9.66  ? 178 LEU A C   1 
ATOM   308  O  O   . LEU A 1 197 ? 2.139   -6.167  7.934   1.00 19.33 ? 178 LEU A O   1 
ATOM   309  C  CB  . LEU A 1 197 ? -0.292  -4.718  9.450   1.00 6.73  ? 178 LEU A CB  1 
ATOM   310  C  CG  . LEU A 1 197 ? -1.734  -5.169  9.664   1.00 10.46 ? 178 LEU A CG  1 
ATOM   311  C  CD1 . LEU A 1 197 ? -2.672  -3.981  9.614   1.00 10.18 ? 178 LEU A CD1 1 
ATOM   312  C  CD2 . LEU A 1 197 ? -2.122  -6.197  8.625   1.00 14.21 ? 178 LEU A CD2 1 
ATOM   313  N  N   . ASP A 1 198 ? 2.971   -4.659  9.379   1.00 13.94 ? 179 ASP A N   1 
ATOM   314  C  CA  . ASP A 1 198 ? 4.232   -4.584  8.651   1.00 9.21  ? 179 ASP A CA  1 
ATOM   315  C  C   . ASP A 1 198 ? 4.997   -5.901  8.741   1.00 19.76 ? 179 ASP A C   1 
ATOM   316  O  O   . ASP A 1 198 ? 5.538   -6.384  7.735   1.00 13.93 ? 179 ASP A O   1 
ATOM   317  C  CB  . ASP A 1 198 ? 5.073   -3.426  9.183   1.00 10.85 ? 179 ASP A CB  1 
ATOM   318  C  CG  . ASP A 1 198 ? 4.752   -2.113  8.498   1.00 16.86 ? 179 ASP A CG  1 
ATOM   319  O  OD1 . ASP A 1 198 ? 3.772   -2.067  7.725   1.00 16.03 ? 179 ASP A OD1 1 
ATOM   320  O  OD2 . ASP A 1 198 ? 5.472   -1.124  8.736   1.00 28.18 ? 179 ASP A OD2 1 
ATOM   321  N  N   . ILE A 1 199 ? 5.032   -6.509  9.933   1.00 15.01 ? 180 ILE A N   1 
ATOM   322  C  CA  . ILE A 1 199 ? 5.671   -7.821  10.058  1.00 10.31 ? 180 ILE A CA  1 
ATOM   323  C  C   . ILE A 1 199 ? 4.950   -8.856  9.197   1.00 13.25 ? 180 ILE A C   1 
ATOM   324  O  O   . ILE A 1 199 ? 5.581   -9.713  8.566   1.00 15.89 ? 180 ILE A O   1 
ATOM   325  C  CB  . ILE A 1 199 ? 5.738   -8.266  11.531  1.00 12.98 ? 180 ILE A CB  1 
ATOM   326  C  CG1 . ILE A 1 199 ? 6.457   -7.225  12.386  1.00 11.02 ? 180 ILE A CG1 1 
ATOM   327  C  CG2 . ILE A 1 199 ? 6.451   -9.601  11.649  1.00 14.51 ? 180 ILE A CG2 1 
ATOM   328  C  CD1 . ILE A 1 199 ? 6.230   -7.405  13.866  1.00 3.14  ? 180 ILE A CD1 1 
ATOM   329  N  N   . ILE A 1 200 ? 3.617   -8.802  9.171   1.00 11.34 ? 181 ILE A N   1 
ATOM   330  C  CA  . ILE A 1 200 ? 2.845   -9.759  8.381   1.00 9.47  ? 181 ILE A CA  1 
ATOM   331  C  C   . ILE A 1 200 ? 3.157   -9.607  6.899   1.00 11.79 ? 181 ILE A C   1 
ATOM   332  O  O   . ILE A 1 200 ? 3.264   -10.597 6.166   1.00 16.37 ? 181 ILE A O   1 
ATOM   333  C  CB  . ILE A 1 200 ? 1.339   -9.597  8.661   1.00 10.17 ? 181 ILE A CB  1 
ATOM   334  C  CG1 . ILE A 1 200 ? 1.020   -9.955  10.112  1.00 6.12  ? 181 ILE A CG1 1 
ATOM   335  C  CG2 . ILE A 1 200 ? 0.522   -10.466 7.722   1.00 3.56  ? 181 ILE A CG2 1 
ATOM   336  C  CD1 . ILE A 1 200 ? 1.582   -11.281 10.547  1.00 8.31  ? 181 ILE A CD1 1 
ATOM   337  N  N   . ALA A 1 201 ? 3.290   -8.365  6.429   1.00 14.48 ? 182 ALA A N   1 
ATOM   338  C  CA  . ALA A 1 201 ? 3.631   -8.132  5.029   1.00 6.61  ? 182 ALA A CA  1 
ATOM   339  C  C   . ALA A 1 201 ? 5.029   -8.650  4.704   1.00 7.10  ? 182 ALA A C   1 
ATOM   340  O  O   . ALA A 1 201 ? 5.253   -9.203  3.620   1.00 3.27  ? 182 ALA A O   1 
ATOM   341  C  CB  . ALA A 1 201 ? 3.509   -6.648  4.701   1.00 4.92  ? 182 ALA A CB  1 
ATOM   342  N  N   . GLU A 1 202 ? 5.983   -8.482  5.624   1.00 12.92 ? 183 GLU A N   1 
ATOM   343  C  CA  . GLU A 1 202 ? 7.305   -9.071  5.408   1.00 11.99 ? 183 GLU A CA  1 
ATOM   344  C  C   . GLU A 1 202 ? 7.234   -10.595 5.334   1.00 13.88 ? 183 GLU A C   1 
ATOM   345  O  O   . GLU A 1 202 ? 7.912   -11.216 4.505   1.00 20.15 ? 183 GLU A O   1 
ATOM   346  C  CB  . GLU A 1 202 ? 8.274   -8.640  6.508   1.00 12.98 ? 183 GLU A CB  1 
ATOM   347  C  CG  . GLU A 1 202 ? 8.383   -7.144  6.709   1.00 18.80 ? 183 GLU A CG  1 
ATOM   348  C  CD  . GLU A 1 202 ? 8.901   -6.787  8.087   1.00 28.58 ? 183 GLU A CD  1 
ATOM   349  O  OE1 . GLU A 1 202 ? 9.676   -7.584  8.654   1.00 24.11 ? 183 GLU A OE1 1 
ATOM   350  O  OE2 . GLU A 1 202 ? 8.529   -5.714  8.609   1.00 28.90 ? 183 GLU A OE2 1 
ATOM   351  N  N   . ILE A 1 203 ? 6.428   -11.215 6.199   1.00 17.93 ? 184 ILE A N   1 
ATOM   352  C  CA  . ILE A 1 203 ? 6.277   -12.668 6.156   1.00 18.97 ? 184 ILE A CA  1 
ATOM   353  C  C   . ILE A 1 203 ? 5.672   -13.107 4.827   1.00 21.15 ? 184 ILE A C   1 
ATOM   354  O  O   . ILE A 1 203 ? 6.123   -14.085 4.219   1.00 19.66 ? 184 ILE A O   1 
ATOM   355  C  CB  . ILE A 1 203 ? 5.445   -13.168 7.352   1.00 15.54 ? 184 ILE A CB  1 
ATOM   356  C  CG1 . ILE A 1 203 ? 6.253   -13.078 8.646   1.00 11.21 ? 184 ILE A CG1 1 
ATOM   357  C  CG2 . ILE A 1 203 ? 4.982   -14.595 7.127   1.00 13.18 ? 184 ILE A CG2 1 
ATOM   358  C  CD1 . ILE A 1 203 ? 5.409   -13.159 9.892   1.00 9.99  ? 184 ILE A CD1 1 
ATOM   359  N  N   . PHE A 1 204 ? 4.645   -12.396 4.352   1.00 18.77 ? 185 PHE A N   1 
ATOM   360  C  CA  . PHE A 1 204 ? 4.096   -12.682 3.029   1.00 12.92 ? 185 PHE A CA  1 
ATOM   361  C  C   . PHE A 1 204 ? 5.131   -12.559 1.923   1.00 17.86 ? 185 PHE A C   1 
ATOM   362  O  O   . PHE A 1 204 ? 5.178   -13.418 1.038   1.00 24.57 ? 185 PHE A O   1 
ATOM   363  C  CB  . PHE A 1 204 ? 2.930   -11.753 2.694   1.00 15.65 ? 185 PHE A CB  1 
ATOM   364  C  CG  . PHE A 1 204 ? 1.622   -12.164 3.290   1.00 16.95 ? 185 PHE A CG  1 
ATOM   365  C  CD1 . PHE A 1 204 ? 1.218   -13.485 3.256   1.00 18.72 ? 185 PHE A CD1 1 
ATOM   366  C  CD2 . PHE A 1 204 ? 0.768   -11.223 3.834   1.00 15.87 ? 185 PHE A CD2 1 
ATOM   367  C  CE1 . PHE A 1 204 ? 0.002   -13.862 3.781   1.00 16.55 ? 185 PHE A CE1 1 
ATOM   368  C  CE2 . PHE A 1 204 ? -0.448  -11.595 4.359   1.00 16.29 ? 185 PHE A CE2 1 
ATOM   369  C  CZ  . PHE A 1 204 ? -0.831  -12.916 4.331   1.00 15.17 ? 185 PHE A CZ  1 
ATOM   370  N  N   . GLU A 1 205 ? 5.948   -11.509 1.936   1.00 19.35 ? 186 GLU A N   1 
ATOM   371  C  CA  . GLU A 1 205 ? 6.929   -11.346 0.874   1.00 21.25 ? 186 GLU A CA  1 
ATOM   372  C  C   . GLU A 1 205 ? 8.059   -12.360 0.958   1.00 20.57 ? 186 GLU A C   1 
ATOM   373  O  O   . GLU A 1 205 ? 8.700   -12.636 -0.061  1.00 25.48 ? 186 GLU A O   1 
ATOM   374  C  CB  . GLU A 1 205 ? 7.498   -9.921  0.880   1.00 22.34 ? 186 GLU A CB  1 
ATOM   375  C  CG  . GLU A 1 205 ? 8.692   -9.704  1.784   1.00 19.37 ? 186 GLU A CG  1 
ATOM   376  C  CD  . GLU A 1 205 ? 9.015   -8.236  1.961   1.00 27.41 ? 186 GLU A CD  1 
ATOM   377  O  OE1 . GLU A 1 205 ? 8.279   -7.393  1.406   1.00 24.79 ? 186 GLU A OE1 1 
ATOM   378  O  OE2 . GLU A 1 205 ? 10.004  -7.922  2.656   1.00 31.88 ? 186 GLU A OE2 1 
ATOM   379  N  N   . GLU A 1 206 ? 8.314   -12.928 2.139   1.00 23.52 ? 187 GLU A N   1 
ATOM   380  C  CA  . GLU A 1 206 ? 9.267   -14.030 2.231   1.00 25.52 ? 187 GLU A CA  1 
ATOM   381  C  C   . GLU A 1 206 ? 8.660   -15.341 1.737   1.00 30.79 ? 187 GLU A C   1 
ATOM   382  O  O   . GLU A 1 206 ? 9.383   -16.221 1.261   1.00 31.96 ? 187 GLU A O   1 
ATOM   383  C  CB  . GLU A 1 206 ? 9.763   -14.180 3.668   1.00 27.01 ? 187 GLU A CB  1 
ATOM   384  C  CG  . GLU A 1 206 ? 11.101  -13.516 3.926   1.00 28.50 ? 187 GLU A CG  1 
ATOM   385  C  CD  . GLU A 1 206 ? 11.414  -13.395 5.401   1.00 38.46 ? 187 GLU A CD  1 
ATOM   386  O  OE1 . GLU A 1 206 ? 10.597  -13.861 6.223   1.00 34.86 ? 187 GLU A OE1 1 
ATOM   387  O  OE2 . GLU A 1 206 ? 12.480  -12.838 5.739   1.00 39.19 ? 187 GLU A OE2 1 
ATOM   388  N  N   . LEU A 1 207 ? 7.341   -15.487 1.845   1.00 31.36 ? 188 LEU A N   1 
ATOM   389  C  CA  . LEU A 1 207 ? 6.610   -16.664 1.374   1.00 22.11 ? 188 LEU A CA  1 
ATOM   390  C  C   . LEU A 1 207 ? 6.443   -16.694 -0.121  1.00 29.51 ? 188 LEU A C   1 
ATOM   391  O  O   . LEU A 1 207 ? 5.911   -17.679 -0.645  1.00 33.45 ? 188 LEU A O   1 
ATOM   392  C  CB  . LEU A 1 207 ? 5.234   -16.734 2.037   1.00 21.58 ? 188 LEU A CB  1 
ATOM   393  C  CG  . LEU A 1 207 ? 5.158   -17.175 3.498   1.00 24.05 ? 188 LEU A CG  1 
ATOM   394  C  CD1 . LEU A 1 207 ? 3.712   -17.366 3.907   1.00 26.19 ? 188 LEU A CD1 1 
ATOM   395  C  CD2 . LEU A 1 207 ? 5.952   -18.449 3.712   1.00 24.54 ? 188 LEU A CD2 1 
ATOM   396  N  N   . GLY A 1 208 ? 6.859   -15.646 -0.829  1.00 32.05 ? 189 GLY A N   1 
ATOM   397  C  CA  . GLY A 1 208 ? 6.746   -15.575 -2.264  1.00 30.17 ? 189 GLY A CA  1 
ATOM   398  C  C   . GLY A 1 208 ? 5.520   -14.839 -2.766  1.00 36.50 ? 189 GLY A C   1 
ATOM   399  O  O   . GLY A 1 208 ? 5.494   -14.420 -3.927  1.00 36.87 ? 189 GLY A O   1 
ATOM   400  N  N   . ASP A 1 209 ? 4.507   -14.666 -1.921  1.00 30.20 ? 190 ASP A N   1 
ATOM   401  C  CA  . ASP A 1 209 ? 3.297   -13.973 -2.331  1.00 22.31 ? 190 ASP A CA  1 
ATOM   402  C  C   . ASP A 1 209 ? 3.486   -12.465 -2.256  1.00 29.06 ? 190 ASP A C   1 
ATOM   403  O  O   . ASP A 1 209 ? 4.009   -11.928 -1.276  1.00 37.27 ? 190 ASP A O   1 
ATOM   404  C  CB  . ASP A 1 209 ? 2.112   -14.392 -1.462  1.00 25.80 ? 190 ASP A CB  1 
ATOM   405  C  CG  . ASP A 1 209 ? 0.806   -14.407 -2.231  1.00 35.04 ? 190 ASP A CG  1 
ATOM   406  O  OD1 . ASP A 1 209 ? -0.239  -14.721 -1.627  1.00 36.46 ? 190 ASP A OD1 1 
ATOM   407  O  OD2 . ASP A 1 209 ? 0.823   -14.103 -3.442  1.00 29.77 ? 190 ASP A OD2 1 
ATOM   408  N  N   . ASP A 1 210 ? 3.049   -11.781 -3.310  1.00 25.65 ? 191 ASP A N   1 
ATOM   409  C  CA  . ASP A 1 210 ? 3.173   -10.333 -3.378  1.00 24.40 ? 191 ASP A CA  1 
ATOM   410  C  C   . ASP A 1 210 ? 1.834   -9.618  -3.453  1.00 23.90 ? 191 ASP A C   1 
ATOM   411  O  O   . ASP A 1 210 ? 1.788   -8.414  -3.192  1.00 32.41 ? 191 ASP A O   1 
ATOM   412  C  CB  . ASP A 1 210 ? 4.034   -9.930  -4.586  1.00 27.69 ? 191 ASP A CB  1 
ATOM   413  C  CG  . ASP A 1 210 ? 4.569   -8.517  -4.475  1.00 34.13 ? 191 ASP A CG  1 
ATOM   414  O  OD1 . ASP A 1 210 ? 4.380   -7.732  -5.427  1.00 30.46 ? 191 ASP A OD1 1 
ATOM   415  O  OD2 . ASP A 1 210 ? 5.182   -8.191  -3.436  1.00 34.11 ? 191 ASP A OD2 1 
ATOM   416  N  N   . GLU A 1 211 ? 0.749   -10.312 -3.783  1.00 20.50 ? 192 GLU A N   1 
ATOM   417  C  CA  . GLU A 1 211 ? -0.568  -9.701  -3.860  1.00 22.97 ? 192 GLU A CA  1 
ATOM   418  C  C   . GLU A 1 211 ? -1.281  -9.680  -2.510  1.00 25.07 ? 192 GLU A C   1 
ATOM   419  O  O   . GLU A 1 211 ? -2.140  -8.819  -2.292  1.00 26.59 ? 192 GLU A O   1 
ATOM   420  C  CB  . GLU A 1 211 ? -1.408  -10.436 -4.918  1.00 26.38 ? 192 GLU A CB  1 
ATOM   421  C  CG  . GLU A 1 211 ? -2.913  -10.369 -4.763  1.00 25.97 ? 192 GLU A CG  1 
ATOM   422  C  CD  . GLU A 1 211 ? -3.632  -11.269 -5.748  1.00 32.98 ? 192 GLU A CD  1 
ATOM   423  O  OE1 . GLU A 1 211 ? -4.874  -11.367 -5.672  1.00 38.53 ? 192 GLU A OE1 1 
ATOM   424  O  OE2 . GLU A 1 211 ? -2.954  -11.879 -6.599  1.00 32.09 ? 192 GLU A OE2 1 
ATOM   425  N  N   . LEU A 1 212 ? -0.910  -10.572 -1.592  1.00 25.44 ? 193 LEU A N   1 
ATOM   426  C  CA  . LEU A 1 212 ? -1.389  -10.544 -0.215  1.00 17.34 ? 193 LEU A CA  1 
ATOM   427  C  C   . LEU A 1 212 ? -0.583  -9.610  0.675   1.00 12.51 ? 193 LEU A C   1 
ATOM   428  O  O   . LEU A 1 212 ? -1.157  -8.946  1.552   1.00 21.35 ? 193 LEU A O   1 
ATOM   429  C  CB  . LEU A 1 212 ? -1.354  -11.957 0.376   1.00 22.83 ? 193 LEU A CB  1 
ATOM   430  C  CG  . LEU A 1 212 ? -2.645  -12.776 0.342   1.00 20.76 ? 193 LEU A CG  1 
ATOM   431  C  CD1 . LEU A 1 212 ? -2.367  -14.204 0.764   1.00 20.58 ? 193 LEU A CD1 1 
ATOM   432  C  CD2 . LEU A 1 212 ? -3.701  -12.156 1.236   1.00 25.34 ? 193 LEU A CD2 1 
ATOM   433  N  N   . ALA A 1 213 ? 0.735   -9.547  0.467   1.00 16.43 ? 194 ALA A N   1 
ATOM   434  C  CA  . ALA A 1 213 ? 1.550   -8.554  1.154   1.00 17.72 ? 194 ALA A CA  1 
ATOM   435  C  C   . ALA A 1 213 ? 1.068   -7.149  0.837   1.00 14.05 ? 194 ALA A C   1 
ATOM   436  O  O   . ALA A 1 213 ? 1.101   -6.263  1.698   1.00 22.23 ? 194 ALA A O   1 
ATOM   437  C  CB  . ALA A 1 213 ? 3.018   -8.719  0.763   1.00 15.05 ? 194 ALA A CB  1 
ATOM   438  N  N   . HIS A 1 214 ? 0.607   -6.930  -0.395  1.00 9.07  ? 195 HIS A N   1 
ATOM   439  C  CA  . HIS A 1 214 ? 0.048   -5.636  -0.755  1.00 10.01 ? 195 HIS A CA  1 
ATOM   440  C  C   . HIS A 1 214 ? -1.203  -5.331  0.057   1.00 14.38 ? 195 HIS A C   1 
ATOM   441  O  O   . HIS A 1 214 ? -1.411  -4.191  0.472   1.00 18.67 ? 195 HIS A O   1 
ATOM   442  C  CB  . HIS A 1 214 ? -0.252  -5.589  -2.251  1.00 15.08 ? 195 HIS A CB  1 
ATOM   443  C  CG  . HIS A 1 214 ? 0.870   -5.038  -3.074  1.00 20.68 ? 195 HIS A CG  1 
ATOM   444  N  ND1 . HIS A 1 214 ? 1.454   -3.817  -2.815  1.00 22.66 ? 195 HIS A ND1 1 
ATOM   445  C  CD2 . HIS A 1 214 ? 1.515   -5.542  -4.153  1.00 21.91 ? 195 HIS A CD2 1 
ATOM   446  C  CE1 . HIS A 1 214 ? 2.412   -3.593  -3.696  1.00 24.27 ? 195 HIS A CE1 1 
ATOM   447  N  NE2 . HIS A 1 214 ? 2.469   -4.625  -4.520  1.00 27.74 ? 195 HIS A NE2 1 
ATOM   448  N  N   . ALA A 1 215 ? -2.047  -6.337  0.295   1.00 18.63 ? 196 ALA A N   1 
ATOM   449  C  CA  . ALA A 1 215 ? -3.242  -6.124  1.106   1.00 11.65 ? 196 ALA A CA  1 
ATOM   450  C  C   . ALA A 1 215 ? -2.884  -5.787  2.549   1.00 11.05 ? 196 ALA A C   1 
ATOM   451  O  O   . ALA A 1 215 ? -3.473  -4.876  3.151   1.00 22.73 ? 196 ALA A O   1 
ATOM   452  C  CB  . ALA A 1 215 ? -4.138  -7.359  1.050   1.00 16.20 ? 196 ALA A CB  1 
ATOM   453  N  N   . ALA A 1 216 ? -1.919  -6.510  3.122   1.00 0.47  ? 197 ALA A N   1 
ATOM   454  C  CA  . ALA A 1 216 ? -1.494  -6.201  4.484   1.00 6.63  ? 197 ALA A CA  1 
ATOM   455  C  C   . ALA A 1 216 ? -0.923  -4.789  4.577   1.00 22.68 ? 197 ALA A C   1 
ATOM   456  O  O   . ALA A 1 216 ? -1.241  -4.038  5.510   1.00 18.94 ? 197 ALA A O   1 
ATOM   457  C  CB  . ALA A 1 216 ? -0.470  -7.229  4.960   1.00 5.59  ? 197 ALA A CB  1 
ATOM   458  N  N   . ARG A 1 217 ? -0.094  -4.404  3.605   1.00 10.89 ? 198 ARG A N   1 
ATOM   459  C  CA  . ARG A 1 217 ? 0.488   -3.068  3.614   1.00 4.34  ? 198 ARG A CA  1 
ATOM   460  C  C   . ARG A 1 217 ? -0.563  -1.995  3.361   1.00 8.01  ? 198 ARG A C   1 
ATOM   461  O  O   . ARG A 1 217 ? -0.430  -0.872  3.852   1.00 10.50 ? 198 ARG A O   1 
ATOM   462  C  CB  . ARG A 1 217 ? 1.609   -2.991  2.582   1.00 6.97  ? 198 ARG A CB  1 
ATOM   463  C  CG  . ARG A 1 217 ? 2.956   -3.416  3.126   1.00 10.11 ? 198 ARG A CG  1 
ATOM   464  C  CD  . ARG A 1 217 ? 3.927   -3.708  2.003   1.00 13.11 ? 198 ARG A CD  1 
ATOM   465  N  NE  . ARG A 1 217 ? 4.963   -4.680  2.339   1.00 11.21 ? 198 ARG A NE  1 
ATOM   466  C  CZ  . ARG A 1 217 ? 5.890   -4.515  3.273   1.00 16.51 ? 198 ARG A CZ  1 
ATOM   467  N  NH1 . ARG A 1 217 ? 5.933   -3.429  4.026   1.00 14.50 ? 198 ARG A NH1 1 
ATOM   468  N  NH2 . ARG A 1 217 ? 6.803   -5.465  3.454   1.00 14.12 ? 198 ARG A NH2 1 
ATOM   469  N  N   . LEU A 1 218 ? -1.613  -2.321  2.613   1.00 6.48  ? 199 LEU A N   1 
ATOM   470  C  CA  . LEU A 1 218 ? -2.709  -1.381  2.415   1.00 8.98  ? 199 LEU A CA  1 
ATOM   471  C  C   . LEU A 1 218 ? -3.471  -1.137  3.710   1.00 18.25 ? 199 LEU A C   1 
ATOM   472  O  O   . LEU A 1 218 ? -3.854  0.002   4.011   1.00 21.75 ? 199 LEU A O   1 
ATOM   473  C  CB  . LEU A 1 218 ? -3.640  -1.911  1.330   1.00 12.09 ? 199 LEU A CB  1 
ATOM   474  C  CG  . LEU A 1 218 ? -3.894  -1.005  0.133   1.00 19.65 ? 199 LEU A CG  1 
ATOM   475  C  CD1 . LEU A 1 218 ? -5.187  -1.398  -0.524  1.00 15.54 ? 199 LEU A CD1 1 
ATOM   476  C  CD2 . LEU A 1 218 ? -3.940  0.442   0.568   1.00 25.39 ? 199 LEU A CD2 1 
ATOM   477  N  N   . VAL A 1 219 ? -3.711  -2.195  4.487   1.00 20.75 ? 200 VAL A N   1 
ATOM   478  C  CA  . VAL A 1 219 ? -4.347  -1.999  5.789   1.00 18.64 ? 200 VAL A CA  1 
ATOM   479  C  C   . VAL A 1 219 ? -3.436  -1.188  6.707   1.00 14.32 ? 200 VAL A C   1 
ATOM   480  O  O   . VAL A 1 219 ? -3.901  -0.328  7.467   1.00 11.64 ? 200 VAL A O   1 
ATOM   481  C  CB  . VAL A 1 219 ? -4.742  -3.350  6.416   1.00 20.65 ? 200 VAL A CB  1 
ATOM   482  C  CG1 . VAL A 1 219 ? -5.573  -3.122  7.667   1.00 18.99 ? 200 VAL A CG1 1 
ATOM   483  C  CG2 . VAL A 1 219 ? -5.528  -4.178  5.426   1.00 18.91 ? 200 VAL A CG2 1 
ATOM   484  N  N   . SER A 1 220 ? -2.124  -1.444  6.645   1.00 13.58 ? 201 SER A N   1 
ATOM   485  C  CA  . SER A 1 220 ? -1.167  -0.618  7.382   1.00 13.07 ? 201 SER A CA  1 
ATOM   486  C  C   . SER A 1 220 ? -1.283  0.849   6.989   1.00 22.04 ? 201 SER A C   1 
ATOM   487  O  O   . SER A 1 220 ? -1.260  1.740   7.844   1.00 31.20 ? 201 SER A O   1 
ATOM   488  C  CB  . SER A 1 220 ? 0.260   -1.105  7.134   1.00 16.30 ? 201 SER A CB  1 
ATOM   489  O  OG  . SER A 1 220 ? 0.574   -2.230  7.920   1.00 28.76 ? 201 SER A OG  1 
ATOM   490  N  N   . LYS A 1 221 ? -1.383  1.113   5.686   1.00 25.12 ? 202 LYS A N   1 
ATOM   491  C  CA  . LYS A 1 221 ? -1.486  2.481   5.193   1.00 22.07 ? 202 LYS A CA  1 
ATOM   492  C  C   . LYS A 1 221 ? -2.752  3.157   5.697   1.00 24.74 ? 202 LYS A C   1 
ATOM   493  O  O   . LYS A 1 221 ? -2.731  4.327   6.089   1.00 26.50 ? 202 LYS A O   1 
ATOM   494  C  CB  . LYS A 1 221 ? -1.450  2.482   3.665   1.00 28.62 ? 202 LYS A CB  1 
ATOM   495  C  CG  . LYS A 1 221 ? -1.192  3.841   3.056   1.00 31.73 ? 202 LYS A CG  1 
ATOM   496  C  CD  . LYS A 1 221 ? 0.145   4.384   3.508   1.00 27.35 ? 202 LYS A CD  1 
ATOM   497  C  CE  . LYS A 1 221 ? 0.242   5.873   3.271   1.00 30.07 ? 202 LYS A CE  1 
ATOM   498  N  NZ  . LYS A 1 221 ? 0.045   6.650   4.524   1.00 29.06 ? 202 LYS A NZ  1 
ATOM   499  N  N   . ALA A 1 222 ? -3.872  2.437   5.676   1.00 33.91 ? 203 ALA A N   1 
ATOM   500  C  CA  . ALA A 1 222 ? -5.122  3.020   6.157   1.00 33.93 ? 203 ALA A CA  1 
ATOM   501  C  C   . ALA A 1 222 ? -5.058  3.313   7.654   1.00 31.12 ? 203 ALA A C   1 
ATOM   502  O  O   . ALA A 1 222 ? -5.542  4.357   8.115   1.00 32.03 ? 203 ALA A O   1 
ATOM   503  C  CB  . ALA A 1 222 ? -6.289  2.094   5.831   1.00 29.66 ? 203 ALA A CB  1 
ATOM   504  N  N   . ALA A 1 223 ? -4.459  2.403   8.428   1.00 31.39 ? 204 ALA A N   1 
ATOM   505  C  CA  . ALA A 1 223 ? -4.281  2.647   9.856   1.00 32.51 ? 204 ALA A CA  1 
ATOM   506  C  C   . ALA A 1 223 ? -3.399  3.866   10.101  1.00 34.70 ? 204 ALA A C   1 
ATOM   507  O  O   . ALA A 1 223 ? -3.683  4.689   10.979  1.00 34.69 ? 204 ALA A O   1 
ATOM   508  C  CB  . ALA A 1 223 ? -3.690  1.407   10.530  1.00 29.65 ? 204 ALA A CB  1 
ATOM   509  N  N   . GLU A 1 224 ? -2.316  3.997   9.328   1.00 35.26 ? 205 GLU A N   1 
ATOM   510  C  CA  . GLU A 1 224 ? -1.447  5.165   9.443   1.00 33.62 ? 205 GLU A CA  1 
ATOM   511  C  C   . GLU A 1 224 ? -2.202  6.445   9.112   1.00 36.35 ? 205 GLU A C   1 
ATOM   512  O  O   . GLU A 1 224 ? -2.052  7.465   9.794   1.00 38.26 ? 205 GLU A O   1 
ATOM   513  C  CB  . GLU A 1 224 ? -0.239  5.010   8.519   1.00 32.06 ? 205 GLU A CB  1 
ATOM   514  C  CG  . GLU A 1 224 ? 1.102   5.305   9.162   1.00 33.21 ? 205 GLU A CG  1 
ATOM   515  C  CD  . GLU A 1 224 ? 2.262   5.089   8.206   1.00 43.06 ? 205 GLU A CD  1 
ATOM   516  O  OE1 . GLU A 1 224 ? 3.426   5.259   8.627   1.00 43.23 ? 205 GLU A OE1 1 
ATOM   517  O  OE2 . GLU A 1 224 ? 2.011   4.757   7.028   1.00 42.64 ? 205 GLU A OE2 1 
ATOM   518  N  N   . LEU A 1 225 ? -3.011  6.410   8.053   1.00 42.48 ? 206 LEU A N   1 
ATOM   519  C  CA  . LEU A 1 225 ? -3.766  7.589   7.646   1.00 39.52 ? 206 LEU A CA  1 
ATOM   520  C  C   . LEU A 1 225 ? -4.741  8.025   8.725   1.00 40.74 ? 206 LEU A C   1 
ATOM   521  O  O   . LEU A 1 225 ? -4.833  9.218   9.034   1.00 43.66 ? 206 LEU A O   1 
ATOM   522  C  CB  . LEU A 1 225 ? -4.513  7.307   6.343   1.00 38.40 ? 206 LEU A CB  1 
ATOM   523  C  CG  . LEU A 1 225 ? -3.729  7.507   5.047   1.00 44.14 ? 206 LEU A CG  1 
ATOM   524  C  CD1 . LEU A 1 225 ? -4.670  7.693   3.872   1.00 42.74 ? 206 LEU A CD1 1 
ATOM   525  C  CD2 . LEU A 1 225 ? -2.794  8.689   5.176   1.00 42.19 ? 206 LEU A CD2 1 
ATOM   526  N  N   . ALA A 1 226 ? -5.466  7.080   9.316   1.00 45.35 ? 207 ALA A N   1 
ATOM   527  C  CA  . ALA A 1 226 ? -6.413  7.428   10.367  1.00 41.51 ? 207 ALA A CA  1 
ATOM   528  C  C   . ALA A 1 226 ? -5.733  7.813   11.674  1.00 43.90 ? 207 ALA A C   1 
ATOM   529  O  O   . ALA A 1 226 ? -6.310  8.570   12.463  1.00 44.45 ? 207 ALA A O   1 
ATOM   530  C  CB  . ALA A 1 226 ? -7.375  6.270   10.614  1.00 42.03 ? 207 ALA A CB  1 
ATOM   531  N  N   . LEU A 1 227 ? -4.523  7.305   11.922  1.00 46.76 ? 208 LEU A N   1 
ATOM   532  C  CA  . LEU A 1 227 ? -3.801  7.657   13.139  1.00 44.37 ? 208 LEU A CA  1 
ATOM   533  C  C   . LEU A 1 227 ? -3.344  9.109   13.121  1.00 46.43 ? 208 LEU A C   1 
ATOM   534  O  O   . LEU A 1 227 ? -3.186  9.723   14.182  1.00 49.24 ? 208 LEU A O   1 
ATOM   535  C  CB  . LEU A 1 227 ? -2.611  6.707   13.317  1.00 45.97 ? 208 LEU A CB  1 
ATOM   536  C  CG  . LEU A 1 227 ? -1.607  6.763   14.476  1.00 47.18 ? 208 LEU A CG  1 
ATOM   537  C  CD1 . LEU A 1 227 ? -0.837  5.461   14.513  1.00 44.12 ? 208 LEU A CD1 1 
ATOM   538  C  CD2 . LEU A 1 227 ? -0.617  7.906   14.343  1.00 45.49 ? 208 LEU A CD2 1 
ATOM   539  N  N   . LYS A 1 228 ? -3.147  9.685   11.936  1.00 51.24 ? 209 LYS A N   1 
ATOM   540  C  CA  . LYS A 1 228 ? -2.481  10.973  11.789  1.00 52.76 ? 209 LYS A CA  1 
ATOM   541  C  C   . LYS A 1 228 ? -3.450  12.032  11.237  1.00 55.59 ? 209 LYS A C   1 
ATOM   542  O  O   . LYS A 1 228 ? -3.096  12.887  10.425  1.00 54.18 ? 209 LYS A O   1 
ATOM   543  C  CB  . LYS A 1 228 ? -1.204  10.753  10.955  1.00 48.76 ? 209 LYS A CB  1 
ATOM   544  C  CG  . LYS A 1 228 ? -0.639  11.829  10.027  1.00 53.71 ? 209 LYS A CG  1 
ATOM   545  C  CD  . LYS A 1 228 ? 0.588   11.326  9.284   1.00 53.15 ? 209 LYS A CD  1 
ATOM   546  C  CE  . LYS A 1 228 ? 0.444   11.521  7.784   1.00 53.18 ? 209 LYS A CE  1 
ATOM   547  N  NZ  . LYS A 1 228 ? -0.450  10.495  7.183   1.00 51.15 ? 209 LYS A NZ  1 
ATOM   548  N  N   . GLY A 1 229 ? -4.691  12.004  11.716  1.00 56.60 ? 210 GLY A N   1 
ATOM   549  C  CA  . GLY A 1 229 ? -5.613  13.091  11.453  1.00 58.40 ? 210 GLY A CA  1 
ATOM   550  C  C   . GLY A 1 229 ? -6.614  12.897  10.333  1.00 56.28 ? 210 GLY A C   1 
ATOM   551  O  O   . GLY A 1 229 ? -7.796  13.205  10.507  1.00 58.73 ? 210 GLY A O   1 
ATOM   552  N  N   . LYS A 1 230 ? -6.170  12.412  9.177   1.00 51.69 ? 211 LYS A N   1 
ATOM   553  C  CA  . LYS A 1 230 ? -7.058  12.286  8.021   1.00 55.33 ? 211 LYS A CA  1 
ATOM   554  C  C   . LYS A 1 230 ? -7.776  10.945  8.083   1.00 56.12 ? 211 LYS A C   1 
ATOM   555  O  O   . LYS A 1 230 ? -7.217  9.907   7.723   1.00 59.23 ? 211 LYS A O   1 
ATOM   556  C  CB  . LYS A 1 230 ? -6.278  12.443  6.721   1.00 55.55 ? 211 LYS A CB  1 
ATOM   557  C  CG  . LYS A 1 230 ? -5.306  13.612  6.720   1.00 56.73 ? 211 LYS A CG  1 
ATOM   558  C  CD  . LYS A 1 230 ? -4.043  13.285  5.946   1.00 56.42 ? 211 LYS A CD  1 
ATOM   559  C  CE  . LYS A 1 230 ? -3.434  11.982  6.421   1.00 56.24 ? 211 LYS A CE  1 
ATOM   560  N  NZ  . LYS A 1 230 ? -2.944  12.091  7.816   1.00 56.01 ? 211 LYS A NZ  1 
ATOM   561  N  N   . LYS A 1 231 ? -9.032  10.967  8.530   1.00 59.96 ? 212 LYS A N   1 
ATOM   562  C  CA  . LYS A 1 231 ? -9.862  9.773   8.611   1.00 61.46 ? 212 LYS A CA  1 
ATOM   563  C  C   . LYS A 1 231 ? -11.004 9.788   7.604   1.00 61.24 ? 212 LYS A C   1 
ATOM   564  O  O   . LYS A 1 231 ? -12.057 9.201   7.870   1.00 61.22 ? 212 LYS A O   1 
ATOM   565  C  CB  . LYS A 1 231 ? -10.429 9.600   10.023  1.00 58.21 ? 212 LYS A CB  1 
ATOM   566  C  CG  . LYS A 1 231 ? -9.392  9.430   11.118  1.00 58.22 ? 212 LYS A CG  1 
ATOM   567  C  CD  . LYS A 1 231 ? -9.160  10.732  11.859  1.00 59.73 ? 212 LYS A CD  1 
ATOM   568  C  CE  . LYS A 1 231 ? -9.108  10.510  13.361  1.00 59.82 ? 212 LYS A CE  1 
ATOM   569  N  NZ  . LYS A 1 231 ? -8.943  11.788  14.108  1.00 59.13 ? 212 LYS A NZ  1 
ATOM   570  N  N   . GLU A 1 232 ? -10.844 10.475  6.474   1.00 59.17 ? 213 GLU A N   1 
ATOM   571  C  CA  . GLU A 1 232 ? -11.840 10.451  5.413   1.00 60.94 ? 213 GLU A CA  1 
ATOM   572  C  C   . GLU A 1 232 ? -11.415 9.611   4.217   1.00 61.66 ? 213 GLU A C   1 
ATOM   573  O  O   . GLU A 1 232 ? -12.281 9.135   3.476   1.00 59.08 ? 213 GLU A O   1 
ATOM   574  C  CB  . GLU A 1 232 ? -12.158 11.878  4.948   1.00 62.22 ? 213 GLU A CB  1 
ATOM   575  C  CG  . GLU A 1 232 ? -13.648 12.182  4.874   1.00 61.32 ? 213 GLU A CG  1 
ATOM   576  C  CD  . GLU A 1 232 ? -14.296 11.608  3.629   1.00 61.95 ? 213 GLU A CD  1 
ATOM   577  O  OE1 . GLU A 1 232 ? -15.392 11.019  3.743   1.00 61.79 ? 213 GLU A OE1 1 
ATOM   578  O  OE2 . GLU A 1 232 ? -13.711 11.748  2.535   1.00 61.94 ? 213 GLU A OE2 1 
ATOM   579  N  N   . GLU A 1 233 ? -10.114 9.416   4.013   1.00 63.02 ? 214 GLU A N   1 
ATOM   580  C  CA  . GLU A 1 233 ? -9.606  8.596   2.924   1.00 60.71 ? 214 GLU A CA  1 
ATOM   581  C  C   . GLU A 1 233 ? -9.179  7.207   3.364   1.00 60.16 ? 214 GLU A C   1 
ATOM   582  O  O   . GLU A 1 233 ? -8.971  6.341   2.511   1.00 59.05 ? 214 GLU A O   1 
ATOM   583  C  CB  . GLU A 1 233 ? -8.421  9.288   2.234   1.00 57.88 ? 214 GLU A CB  1 
ATOM   584  C  CG  . GLU A 1 233 ? -7.404  9.920   3.174   1.00 60.34 ? 214 GLU A CG  1 
ATOM   585  C  CD  . GLU A 1 233 ? -7.822  11.294  3.663   1.00 62.53 ? 214 GLU A CD  1 
ATOM   586  O  OE1 . GLU A 1 233 ? -8.614  11.366  4.626   1.00 62.40 ? 214 GLU A OE1 1 
ATOM   587  O  OE2 . GLU A 1 233 ? -7.361  12.301  3.085   1.00 60.97 ? 214 GLU A OE2 1 
ATOM   588  N  N   . ALA A 1 234 ? -9.045  6.975   4.672   1.00 55.15 ? 215 ALA A N   1 
ATOM   589  C  CA  . ALA A 1 234 ? -8.708  5.643   5.160   1.00 53.62 ? 215 ALA A CA  1 
ATOM   590  C  C   . ALA A 1 234 ? -9.845  4.659   4.914   1.00 54.10 ? 215 ALA A C   1 
ATOM   591  O  O   . ALA A 1 234 ? -9.614  3.455   4.766   1.00 53.25 ? 215 ALA A O   1 
ATOM   592  C  CB  . ALA A 1 234 ? -8.365  5.701   6.648   1.00 46.86 ? 215 ALA A CB  1 
ATOM   593  N  N   . GLU A 1 235 ? -11.082 5.156   4.868   1.00 50.65 ? 216 GLU A N   1 
ATOM   594  C  CA  . GLU A 1 235 ? -12.233 4.276   4.688   1.00 51.96 ? 216 GLU A CA  1 
ATOM   595  C  C   . GLU A 1 235 ? -12.233 3.632   3.307   1.00 52.74 ? 216 GLU A C   1 
ATOM   596  O  O   . GLU A 1 235 ? -12.546 2.445   3.170   1.00 54.07 ? 216 GLU A O   1 
ATOM   597  C  CB  . GLU A 1 235 ? -13.533 5.047   4.928   1.00 54.40 ? 216 GLU A CB  1 
ATOM   598  C  CG  . GLU A 1 235 ? -13.846 5.367   6.394   1.00 55.33 ? 216 GLU A CG  1 
ATOM   599  C  CD  . GLU A 1 235 ? -12.629 5.785   7.194   1.00 55.30 ? 216 GLU A CD  1 
ATOM   600  O  OE1 . GLU A 1 235 ? -11.983 6.780   6.812   1.00 53.81 ? 216 GLU A OE1 1 
ATOM   601  O  OE2 . GLU A 1 235 ? -12.318 5.118   8.203   1.00 55.91 ? 216 GLU A OE2 1 
ATOM   602  N  N   . LYS A 1 236 ? -11.893 4.400   2.270   1.00 49.41 ? 217 LYS A N   1 
ATOM   603  C  CA  . LYS A 1 236 ? -11.825 3.832   0.926   1.00 49.59 ? 217 LYS A CA  1 
ATOM   604  C  C   . LYS A 1 236 ? -10.746 2.757   0.847   1.00 50.39 ? 217 LYS A C   1 
ATOM   605  O  O   . LYS A 1 236 ? -10.955 1.689   0.249   1.00 44.07 ? 217 LYS A O   1 
ATOM   606  C  CB  . LYS A 1 236 ? -11.558 4.940   -0.092  1.00 54.00 ? 217 LYS A CB  1 
ATOM   607  C  CG  . LYS A 1 236 ? -11.714 4.515   -1.542  1.00 53.97 ? 217 LYS A CG  1 
ATOM   608  C  CD  . LYS A 1 236 ? -13.142 4.082   -1.829  1.00 49.92 ? 217 LYS A CD  1 
ATOM   609  C  CE  . LYS A 1 236 ? -13.195 2.908   -2.790  1.00 49.95 ? 217 LYS A CE  1 
ATOM   610  N  NZ  . LYS A 1 236 ? -13.474 1.629   -2.084  1.00 53.22 ? 217 LYS A NZ  1 
ATOM   611  N  N   . LEU A 1 237 ? -9.584  3.029   1.450   1.00 48.70 ? 218 LEU A N   1 
ATOM   612  C  CA  . LEU A 1 237 ? -8.535  2.020   1.542   1.00 47.42 ? 218 LEU A CA  1 
ATOM   613  C  C   . LEU A 1 237 ? -9.045  0.777   2.251   1.00 46.99 ? 218 LEU A C   1 
ATOM   614  O  O   . LEU A 1 237 ? -8.749  -0.346  1.832   1.00 44.54 ? 218 LEU A O   1 
ATOM   615  C  CB  . LEU A 1 237 ? -7.318  2.588   2.271   1.00 41.80 ? 218 LEU A CB  1 
ATOM   616  C  CG  . LEU A 1 237 ? -6.475  3.618   1.522   1.00 42.96 ? 218 LEU A CG  1 
ATOM   617  C  CD1 . LEU A 1 237 ? -5.131  3.816   2.204   1.00 42.74 ? 218 LEU A CD1 1 
ATOM   618  C  CD2 . LEU A 1 237 ? -6.286  3.200   0.082   1.00 43.86 ? 218 LEU A CD2 1 
ATOM   619  N  N   . PHE A 1 238 ? -9.828  0.964   3.316   1.00 47.84 ? 219 PHE A N   1 
ATOM   620  C  CA  . PHE A 1 238 ? -10.436 -0.168  4.006   1.00 45.45 ? 219 PHE A CA  1 
ATOM   621  C  C   . PHE A 1 238 ? -11.305 -0.985  3.063   1.00 48.34 ? 219 PHE A C   1 
ATOM   622  O  O   . PHE A 1 238 ? -11.199 -2.214  3.018   1.00 46.82 ? 219 PHE A O   1 
ATOM   623  C  CB  . PHE A 1 238 ? -11.268 0.320   5.190   1.00 43.89 ? 219 PHE A CB  1 
ATOM   624  C  CG  . PHE A 1 238 ? -10.455 0.739   6.368   1.00 43.64 ? 219 PHE A CG  1 
ATOM   625  C  CD1 . PHE A 1 238 ? -9.267  0.098   6.666   1.00 46.75 ? 219 PHE A CD1 1 
ATOM   626  C  CD2 . PHE A 1 238 ? -10.878 1.769   7.183   1.00 45.52 ? 219 PHE A CD2 1 
ATOM   627  C  CE1 . PHE A 1 238 ? -8.521  0.470   7.758   1.00 43.20 ? 219 PHE A CE1 1 
ATOM   628  C  CE2 . PHE A 1 238 ? -10.131 2.153   8.269   1.00 46.84 ? 219 PHE A CE2 1 
ATOM   629  C  CZ  . PHE A 1 238 ? -8.950  1.503   8.553   1.00 42.70 ? 219 PHE A CZ  1 
ATOM   630  N  N   . GLU A 1 239 ? -12.190 -0.318  2.316   1.00 50.60 ? 220 GLU A N   1 
ATOM   631  C  CA  . GLU A 1 239 ? -13.099 -1.046  1.434   1.00 46.30 ? 220 GLU A CA  1 
ATOM   632  C  C   . GLU A 1 239 ? -12.331 -1.886  0.426   1.00 48.72 ? 220 GLU A C   1 
ATOM   633  O  O   . GLU A 1 239 ? -12.588 -3.090  0.278   1.00 50.17 ? 220 GLU A O   1 
ATOM   634  C  CB  . GLU A 1 239 ? -14.049 -0.092  0.705   1.00 47.49 ? 220 GLU A CB  1 
ATOM   635  C  CG  . GLU A 1 239 ? -14.550 1.079   1.512   1.00 52.36 ? 220 GLU A CG  1 
ATOM   636  C  CD  . GLU A 1 239 ? -15.568 1.914   0.761   1.00 54.58 ? 220 GLU A CD  1 
ATOM   637  O  OE1 . GLU A 1 239 ? -16.356 1.336   -0.016  1.00 50.92 ? 220 GLU A OE1 1 
ATOM   638  O  OE2 . GLU A 1 239 ? -15.576 3.149   0.945   1.00 54.65 ? 220 GLU A OE2 1 
ATOM   639  N  N   . ILE A 1 240 ? -11.371 -1.275  -0.272  1.00 48.66 ? 221 ILE A N   1 
ATOM   640  C  CA  . ILE A 1 240 ? -10.664 -2.039  -1.299  1.00 48.46 ? 221 ILE A CA  1 
ATOM   641  C  C   . ILE A 1 240 ? -9.783  -3.109  -0.663  1.00 47.97 ? 221 ILE A C   1 
ATOM   642  O  O   . ILE A 1 240 ? -9.563  -4.176  -1.250  1.00 45.66 ? 221 ILE A O   1 
ATOM   643  C  CB  . ILE A 1 240 ? -9.878  -1.116  -2.256  1.00 46.86 ? 221 ILE A CB  1 
ATOM   644  C  CG1 . ILE A 1 240 ? -8.393  -1.071  -1.916  1.00 44.94 ? 221 ILE A CG1 1 
ATOM   645  C  CG2 . ILE A 1 240 ? -10.489 0.267   -2.330  1.00 45.78 ? 221 ILE A CG2 1 
ATOM   646  C  CD1 . ILE A 1 240 ? -7.556  -0.481  -3.020  1.00 47.47 ? 221 ILE A CD1 1 
ATOM   647  N  N   . ALA A 1 241 ? -9.306  -2.873  0.564   1.00 44.16 ? 222 ALA A N   1 
ATOM   648  C  CA  . ALA A 1 241 ? -8.506  -3.884  1.250   1.00 42.72 ? 222 ALA A CA  1 
ATOM   649  C  C   . ALA A 1 241 ? -9.341  -5.115  1.584   1.00 42.05 ? 222 ALA A C   1 
ATOM   650  O  O   . ALA A 1 241 ? -8.913  -6.248  1.342   1.00 43.42 ? 222 ALA A O   1 
ATOM   651  C  CB  . ALA A 1 241 ? -7.881  -3.292  2.512   1.00 41.74 ? 222 ALA A CB  1 
ATOM   652  N  N   . GLU A 1 242 ? -10.541 -4.913  2.140   1.00 40.10 ? 223 GLU A N   1 
ATOM   653  C  CA  . GLU A 1 242 ? -11.416 -6.056  2.404   1.00 44.29 ? 223 GLU A CA  1 
ATOM   654  C  C   . GLU A 1 242 ? -11.798 -6.762  1.113   1.00 46.34 ? 223 GLU A C   1 
ATOM   655  O  O   . GLU A 1 242 ? -11.865 -7.996  1.073   1.00 42.92 ? 223 GLU A O   1 
ATOM   656  C  CB  . GLU A 1 242 ? -12.684 -5.648  3.158   1.00 43.17 ? 223 GLU A CB  1 
ATOM   657  C  CG  . GLU A 1 242 ? -12.545 -4.516  4.134   1.00 45.51 ? 223 GLU A CG  1 
ATOM   658  C  CD  . GLU A 1 242 ? -13.873 -4.057  4.694   1.00 46.87 ? 223 GLU A CD  1 
ATOM   659  O  OE1 . GLU A 1 242 ? -14.398 -4.728  5.607   1.00 43.93 ? 223 GLU A OE1 1 
ATOM   660  O  OE2 . GLU A 1 242 ? -14.392 -3.022  4.226   1.00 47.37 ? 223 GLU A OE2 1 
ATOM   661  N  N   . GLU A 1 243 ? -12.061 -6.000  0.049   1.00 47.11 ? 224 GLU A N   1 
ATOM   662  C  CA  . GLU A 1 243 ? -12.411 -6.618  -1.225  1.00 46.98 ? 224 GLU A CA  1 
ATOM   663  C  C   . GLU A 1 243 ? -11.295 -7.535  -1.716  1.00 48.94 ? 224 GLU A C   1 
ATOM   664  O  O   . GLU A 1 243 ? -11.529 -8.707  -2.035  1.00 47.76 ? 224 GLU A O   1 
ATOM   665  C  CB  . GLU A 1 243 ? -12.723 -5.537  -2.260  1.00 47.53 ? 224 GLU A CB  1 
ATOM   666  C  CG  . GLU A 1 243 ? -14.013 -4.781  -1.989  1.00 47.83 ? 224 GLU A CG  1 
ATOM   667  C  CD  . GLU A 1 243 ? -15.222 -5.451  -2.605  1.00 50.50 ? 224 GLU A CD  1 
ATOM   668  O  OE1 . GLU A 1 243 ? -16.321 -5.347  -2.022  1.00 50.69 ? 224 GLU A OE1 1 
ATOM   669  O  OE2 . GLU A 1 243 ? -15.074 -6.081  -3.673  1.00 50.16 ? 224 GLU A OE2 1 
ATOM   670  N  N   . GLU A 1 244 ? -10.063 -7.016  -1.761  1.00 46.48 ? 225 GLU A N   1 
ATOM   671  C  CA  . GLU A 1 244 ? -8.942  -7.824  -2.233  1.00 46.53 ? 225 GLU A CA  1 
ATOM   672  C  C   . GLU A 1 244 ? -8.690  -9.019  -1.323  1.00 44.06 ? 225 GLU A C   1 
ATOM   673  O  O   . GLU A 1 244 ? -8.404  -10.121 -1.802  1.00 45.64 ? 225 GLU A O   1 
ATOM   674  C  CB  . GLU A 1 244 ? -7.679  -6.968  -2.355  1.00 48.32 ? 225 GLU A CB  1 
ATOM   675  C  CG  . GLU A 1 244 ? -7.837  -5.731  -3.224  1.00 45.39 ? 225 GLU A CG  1 
ATOM   676  C  CD  . GLU A 1 244 ? -7.876  -6.051  -4.703  1.00 47.62 ? 225 GLU A CD  1 
ATOM   677  O  OE1 . GLU A 1 244 ? -6.799  -6.118  -5.329  1.00 49.06 ? 225 GLU A OE1 1 
ATOM   678  O  OE2 . GLU A 1 244 ? -8.988  -6.233  -5.242  1.00 49.59 ? 225 GLU A OE2 1 
ATOM   679  N  N   . LEU A 1 245 ? -8.794  -8.825  -0.005  1.00 41.00 ? 226 LEU A N   1 
ATOM   680  C  CA  . LEU A 1 245 ? -8.563  -9.927  0.924   1.00 39.64 ? 226 LEU A CA  1 
ATOM   681  C  C   . LEU A 1 245 ? -9.590  -11.036 0.733   1.00 41.09 ? 226 LEU A C   1 
ATOM   682  O  O   . LEU A 1 245 ? -9.247  -12.225 0.740   1.00 40.49 ? 226 LEU A O   1 
ATOM   683  C  CB  . LEU A 1 245 ? -8.592  -9.409  2.362   1.00 34.13 ? 226 LEU A CB  1 
ATOM   684  C  CG  . LEU A 1 245 ? -7.269  -8.928  2.956   1.00 35.39 ? 226 LEU A CG  1 
ATOM   685  C  CD1 . LEU A 1 245 ? -7.520  -8.190  4.254   1.00 36.73 ? 226 LEU A CD1 1 
ATOM   686  C  CD2 . LEU A 1 245 ? -6.322  -10.092 3.167   1.00 31.44 ? 226 LEU A CD2 1 
ATOM   687  N  N   . LYS A 1 246 ? -10.862 -10.666 0.568   1.00 47.22 ? 227 LYS A N   1 
ATOM   688  C  CA  . LYS A 1 246 ? -11.905 -11.666 0.380   1.00 46.65 ? 227 LYS A CA  1 
ATOM   689  C  C   . LYS A 1 246 ? -11.743 -12.392 -0.950  1.00 47.69 ? 227 LYS A C   1 
ATOM   690  O  O   . LYS A 1 246 ? -11.953 -13.607 -1.035  1.00 45.31 ? 227 LYS A O   1 
ATOM   691  C  CB  . LYS A 1 246 ? -13.282 -11.012 0.486   1.00 44.27 ? 227 LYS A CB  1 
ATOM   692  C  CG  . LYS A 1 246 ? -13.895 -11.120 1.874   1.00 45.11 ? 227 LYS A CG  1 
ATOM   693  C  CD  . LYS A 1 246 ? -14.402 -9.780  2.375   1.00 47.66 ? 227 LYS A CD  1 
ATOM   694  C  CE  . LYS A 1 246 ? -14.380 -9.722  3.893   1.00 43.75 ? 227 LYS A CE  1 
ATOM   695  N  NZ  . LYS A 1 246 ? -14.798 -8.391  4.412   1.00 47.08 ? 227 LYS A NZ  1 
ATOM   696  N  N   . GLU A 1 247 ? -11.367 -11.665 -2.005  1.00 47.37 ? 228 GLU A N   1 
ATOM   697  C  CA  . GLU A 1 247 ? -11.091 -12.327 -3.277  1.00 47.63 ? 228 GLU A CA  1 
ATOM   698  C  C   . GLU A 1 247 ? -9.919  -13.293 -3.146  1.00 47.44 ? 228 GLU A C   1 
ATOM   699  O  O   . GLU A 1 247 ? -9.930  -14.373 -3.743  1.00 46.01 ? 228 GLU A O   1 
ATOM   700  C  CB  . GLU A 1 247 ? -10.818 -11.308 -4.387  1.00 47.59 ? 228 GLU A CB  1 
ATOM   701  C  CG  . GLU A 1 247 ? -11.924 -10.286 -4.595  1.00 51.17 ? 228 GLU A CG  1 
ATOM   702  C  CD  . GLU A 1 247 ? -12.725 -10.540 -5.859  1.00 52.98 ? 228 GLU A CD  1 
ATOM   703  O  OE1 . GLU A 1 247 ? -13.610 -11.422 -5.837  1.00 48.50 ? 228 GLU A OE1 1 
ATOM   704  O  OE2 . GLU A 1 247 ? -12.469 -9.859  -6.873  1.00 51.63 ? 228 GLU A OE2 1 
ATOM   705  N  N   . LEU A 1 248 ? -8.904  -12.911 -2.368  1.00 41.69 ? 229 LEU A N   1 
ATOM   706  C  CA  . LEU A 1 248 ? -7.713  -13.740 -2.225  1.00 42.11 ? 229 LEU A CA  1 
ATOM   707  C  C   . LEU A 1 248 ? -7.950  -14.984 -1.377  1.00 39.16 ? 229 LEU A C   1 
ATOM   708  O  O   . LEU A 1 248 ? -7.359  -16.029 -1.664  1.00 36.06 ? 229 LEU A O   1 
ATOM   709  C  CB  . LEU A 1 248 ? -6.580  -12.917 -1.615  1.00 41.51 ? 229 LEU A CB  1 
ATOM   710  C  CG  . LEU A 1 248 ? -5.603  -12.264 -2.589  1.00 42.71 ? 229 LEU A CG  1 
ATOM   711  C  CD1 . LEU A 1 248 ? -5.024  -11.005 -1.973  1.00 41.98 ? 229 LEU A CD1 1 
ATOM   712  C  CD2 . LEU A 1 248 ? -4.502  -13.240 -2.964  1.00 38.46 ? 229 LEU A CD2 1 
ATOM   713  N  N   . ILE A 1 249 ? -8.783  -14.896 -0.337  1.00 41.87 ? 230 ILE A N   1 
ATOM   714  C  CA  . ILE A 1 249 ? -8.972  -16.038 0.553   1.00 43.28 ? 230 ILE A CA  1 
ATOM   715  C  C   . ILE A 1 249 ? -9.627  -17.197 -0.186  1.00 44.10 ? 230 ILE A C   1 
ATOM   716  O  O   . ILE A 1 249 ? -9.175  -18.345 -0.093  1.00 43.97 ? 230 ILE A O   1 
ATOM   717  C  CB  . ILE A 1 249 ? -9.786  -15.624 1.793   1.00 42.28 ? 230 ILE A CB  1 
ATOM   718  C  CG1 . ILE A 1 249 ? -8.886  -14.904 2.795   1.00 40.70 ? 230 ILE A CG1 1 
ATOM   719  C  CG2 . ILE A 1 249 ? -10.428 -16.836 2.443   1.00 42.41 ? 230 ILE A CG2 1 
ATOM   720  C  CD1 . ILE A 1 249 ? -9.590  -14.489 4.057   1.00 37.92 ? 230 ILE A CD1 1 
ATOM   721  N  N   . GLU A 1 250 ? -10.691 -16.924 -0.934  1.00 50.59 ? 231 GLU A N   1 
ATOM   722  C  CA  . GLU A 1 250 ? -11.375 -17.963 -1.693  1.00 50.46 ? 231 GLU A CA  1 
ATOM   723  C  C   . GLU A 1 250 ? -10.768 -18.111 -3.085  1.00 52.84 ? 231 GLU A C   1 
ATOM   724  O  O   . GLU A 1 250 ? -10.465 -19.217 -3.532  1.00 52.22 ? 231 GLU A O   1 
ATOM   725  C  CB  . GLU A 1 250 ? -12.871 -17.657 -1.797  1.00 49.95 ? 231 GLU A CB  1 
ATOM   726  C  CG  . GLU A 1 250 ? -13.662 -17.963 -0.534  1.00 52.86 ? 231 GLU A CG  1 
ATOM   727  C  CD  . GLU A 1 250 ? -13.647 -16.822 0.465   1.00 54.03 ? 231 GLU A CD  1 
ATOM   728  O  OE1 . GLU A 1 250 ? -14.462 -16.851 1.411   1.00 52.11 ? 231 GLU A OE1 1 
ATOM   729  O  OE2 . GLU A 1 250 ? -12.824 -15.896 0.308   1.00 52.15 ? 231 GLU A OE2 1 
ATOM   730  N  N   . LYS B 1 160 ? 22.435  11.293  2.518   1.00 41.52 ? 141 LYS B N   1 
ATOM   731  C  CA  . LYS B 1 160 ? 21.480  10.195  2.598   1.00 39.72 ? 141 LYS B CA  1 
ATOM   732  C  C   . LYS B 1 160 ? 20.042  10.703  2.645   1.00 37.39 ? 141 LYS B C   1 
ATOM   733  O  O   . LYS B 1 160 ? 19.101  9.922   2.536   1.00 40.23 ? 141 LYS B O   1 
ATOM   734  C  CB  . LYS B 1 160 ? 21.773  9.316   3.814   1.00 36.29 ? 141 LYS B CB  1 
ATOM   735  C  CG  . LYS B 1 160 ? 22.335  7.951   3.458   1.00 36.88 ? 141 LYS B CG  1 
ATOM   736  C  CD  . LYS B 1 160 ? 23.064  7.317   4.629   1.00 40.62 ? 141 LYS B CD  1 
ATOM   737  C  CE  . LYS B 1 160 ? 24.457  7.899   4.797   1.00 38.48 ? 141 LYS B CE  1 
ATOM   738  N  NZ  . LYS B 1 160 ? 24.998  7.661   6.162   1.00 38.35 ? 141 LYS B NZ  1 
ATOM   739  N  N   . GLU B 1 161 ? 19.877  12.016  2.812   1.00 33.56 ? 142 GLU B N   1 
ATOM   740  C  CA  . GLU B 1 161 ? 18.576  12.654  2.681   1.00 32.63 ? 142 GLU B CA  1 
ATOM   741  C  C   . GLU B 1 161 ? 18.295  13.141  1.270   1.00 37.96 ? 142 GLU B C   1 
ATOM   742  O  O   . GLU B 1 161 ? 17.141  13.079  0.825   1.00 40.44 ? 142 GLU B O   1 
ATOM   743  C  CB  . GLU B 1 161 ? 18.459  13.841  3.650   1.00 34.54 ? 142 GLU B CB  1 
ATOM   744  C  CG  . GLU B 1 161 ? 18.753  13.494  5.103   1.00 39.71 ? 142 GLU B CG  1 
ATOM   745  C  CD  . GLU B 1 161 ? 17.588  12.807  5.791   1.00 44.73 ? 142 GLU B CD  1 
ATOM   746  O  OE1 . GLU B 1 161 ? 16.466  13.351  5.752   1.00 44.85 ? 142 GLU B OE1 1 
ATOM   747  O  OE2 . GLU B 1 161 ? 17.797  11.723  6.378   1.00 39.61 ? 142 GLU B OE2 1 
ATOM   748  N  N   . GLU B 1 162 ? 19.320  13.614  0.557   1.00 32.78 ? 143 GLU B N   1 
ATOM   749  C  CA  . GLU B 1 162 ? 19.159  13.935  -0.855  1.00 26.76 ? 143 GLU B CA  1 
ATOM   750  C  C   . GLU B 1 162 ? 18.779  12.699  -1.656  1.00 32.74 ? 143 GLU B C   1 
ATOM   751  O  O   . GLU B 1 162 ? 18.023  12.793  -2.628  1.00 35.02 ? 143 GLU B O   1 
ATOM   752  C  CB  . GLU B 1 162 ? 20.442  14.562  -1.403  1.00 26.07 ? 143 GLU B CB  1 
ATOM   753  C  CG  . GLU B 1 162 ? 20.374  15.051  -2.854  1.00 33.98 ? 143 GLU B CG  1 
ATOM   754  C  CD  . GLU B 1 162 ? 19.446  16.243  -3.086  1.00 38.15 ? 143 GLU B CD  1 
ATOM   755  O  OE1 . GLU B 1 162 ? 19.753  17.049  -3.987  1.00 40.01 ? 143 GLU B OE1 1 
ATOM   756  O  OE2 . GLU B 1 162 ? 18.415  16.381  -2.397  1.00 37.69 ? 143 GLU B OE2 1 
ATOM   757  N  N   . VAL B 1 163 ? 19.285  11.529  -1.259  1.00 25.44 ? 144 VAL B N   1 
ATOM   758  C  CA  . VAL B 1 163 ? 18.896  10.288  -1.924  1.00 23.47 ? 144 VAL B CA  1 
ATOM   759  C  C   . VAL B 1 163 ? 17.399  10.052  -1.765  1.00 28.54 ? 144 VAL B C   1 
ATOM   760  O  O   . VAL B 1 163 ? 16.706  9.676   -2.716  1.00 30.17 ? 144 VAL B O   1 
ATOM   761  C  CB  . VAL B 1 163 ? 19.716  9.104   -1.382  1.00 17.70 ? 144 VAL B CB  1 
ATOM   762  C  CG1 . VAL B 1 163 ? 19.420  7.852   -2.177  1.00 17.39 ? 144 VAL B CG1 1 
ATOM   763  C  CG2 . VAL B 1 163 ? 21.195  9.422   -1.435  1.00 27.36 ? 144 VAL B CG2 1 
ATOM   764  N  N   . LYS B 1 164 ? 16.878  10.276  -0.556  1.00 26.49 ? 145 LYS B N   1 
ATOM   765  C  CA  . LYS B 1 164 ? 15.448  10.101  -0.317  1.00 21.52 ? 145 LYS B CA  1 
ATOM   766  C  C   . LYS B 1 164 ? 14.626  11.101  -1.121  1.00 22.56 ? 145 LYS B C   1 
ATOM   767  O  O   . LYS B 1 164 ? 13.589  10.748  -1.698  1.00 22.32 ? 145 LYS B O   1 
ATOM   768  C  CB  . LYS B 1 164 ? 15.145  10.229  1.176   1.00 21.02 ? 145 LYS B CB  1 
ATOM   769  C  CG  . LYS B 1 164 ? 15.808  9.170   2.038   1.00 27.18 ? 145 LYS B CG  1 
ATOM   770  C  CD  . LYS B 1 164 ? 16.035  9.678   3.450   1.00 29.84 ? 145 LYS B CD  1 
ATOM   771  C  CE  . LYS B 1 164 ? 15.913  8.563   4.474   1.00 26.01 ? 145 LYS B CE  1 
ATOM   772  N  NZ  . LYS B 1 164 ? 15.858  7.223   3.832   1.00 30.33 ? 145 LYS B NZ  1 
ATOM   773  N  N   . LYS B 1 165 ? 15.071  12.359  -1.173  1.00 21.07 ? 146 LYS B N   1 
ATOM   774  C  CA  . LYS B 1 165 ? 14.352  13.360  -1.958  1.00 19.32 ? 146 LYS B CA  1 
ATOM   775  C  C   . LYS B 1 165 ? 14.338  13.002  -3.441  1.00 24.18 ? 146 LYS B C   1 
ATOM   776  O  O   . LYS B 1 165 ? 13.301  13.114  -4.113  1.00 27.20 ? 146 LYS B O   1 
ATOM   777  C  CB  . LYS B 1 165 ? 14.976  14.737  -1.750  1.00 23.54 ? 146 LYS B CB  1 
ATOM   778  C  CG  . LYS B 1 165 ? 14.558  15.424  -0.465  1.00 26.83 ? 146 LYS B CG  1 
ATOM   779  C  CD  . LYS B 1 165 ? 14.437  16.924  -0.664  1.00 28.60 ? 146 LYS B CD  1 
ATOM   780  C  CE  . LYS B 1 165 ? 13.676  17.254  -1.940  1.00 31.43 ? 146 LYS B CE  1 
ATOM   781  N  NZ  . LYS B 1 165 ? 13.434  18.717  -2.084  1.00 30.44 ? 146 LYS B NZ  1 
ATOM   782  N  N   . LEU B 1 166 ? 15.480  12.560  -3.970  1.00 16.89 ? 147 LEU B N   1 
ATOM   783  C  CA  . LEU B 1 166 ? 15.559  12.213  -5.383  1.00 16.54 ? 147 LEU B CA  1 
ATOM   784  C  C   . LEU B 1 166 ? 14.737  10.970  -5.693  1.00 14.76 ? 147 LEU B C   1 
ATOM   785  O  O   . LEU B 1 166 ? 14.124  10.877  -6.761  1.00 18.15 ? 147 LEU B O   1 
ATOM   786  C  CB  . LEU B 1 166 ? 17.018  12.022  -5.790  1.00 23.77 ? 147 LEU B CB  1 
ATOM   787  C  CG  . LEU B 1 166 ? 17.851  13.304  -5.802  1.00 15.28 ? 147 LEU B CG  1 
ATOM   788  C  CD1 . LEU B 1 166 ? 19.327  12.983  -5.889  1.00 15.67 ? 147 LEU B CD1 1 
ATOM   789  C  CD2 . LEU B 1 166 ? 17.427  14.211  -6.940  1.00 11.79 ? 147 LEU B CD2 1 
ATOM   790  N  N   . LEU B 1 167 ? 14.708  10.003  -4.773  1.00 9.44  ? 148 LEU B N   1 
ATOM   791  C  CA  . LEU B 1 167 ? 13.876  8.822   -4.977  1.00 10.72 ? 148 LEU B CA  1 
ATOM   792  C  C   . LEU B 1 167 ? 12.395  9.177   -4.937  1.00 15.89 ? 148 LEU B C   1 
ATOM   793  O  O   . LEU B 1 167 ? 11.596  8.601   -5.682  1.00 25.74 ? 148 LEU B O   1 
ATOM   794  C  CB  . LEU B 1 167 ? 14.210  7.756   -3.936  1.00 11.50 ? 148 LEU B CB  1 
ATOM   795  C  CG  . LEU B 1 167 ? 15.467  6.922   -4.189  1.00 12.44 ? 148 LEU B CG  1 
ATOM   796  C  CD1 . LEU B 1 167 ? 15.809  6.099   -2.961  1.00 14.39 ? 148 LEU B CD1 1 
ATOM   797  C  CD2 . LEU B 1 167 ? 15.292  6.028   -5.402  1.00 7.95  ? 148 LEU B CD2 1 
ATOM   798  N  N   . ALA B 1 168 ? 12.008  10.123  -4.078  1.00 11.63 ? 149 ALA B N   1 
ATOM   799  C  CA  . ALA B 1 168 ? 10.627  10.599  -4.086  1.00 11.77 ? 149 ALA B CA  1 
ATOM   800  C  C   . ALA B 1 168 ? 10.282  11.273  -5.410  1.00 18.28 ? 149 ALA B C   1 
ATOM   801  O  O   . ALA B 1 168 ? 9.184   11.080  -5.950  1.00 19.23 ? 149 ALA B O   1 
ATOM   802  C  CB  . ALA B 1 168 ? 10.400  11.555  -2.916  1.00 18.26 ? 149 ALA B CB  1 
ATOM   803  N  N   . LYS B 1 169 ? 11.209  12.069  -5.947  1.00 21.25 ? 150 LYS B N   1 
ATOM   804  C  CA  . LYS B 1 169 ? 10.987  12.680  -7.257  1.00 21.28 ? 150 LYS B CA  1 
ATOM   805  C  C   . LYS B 1 169 ? 10.860  11.623  -8.351  1.00 26.95 ? 150 LYS B C   1 
ATOM   806  O  O   . LYS B 1 169 ? 10.022  11.741  -9.256  1.00 27.70 ? 150 LYS B O   1 
ATOM   807  C  CB  . LYS B 1 169 ? 12.121  13.652  -7.576  1.00 19.92 ? 150 LYS B CB  1 
ATOM   808  C  CG  . LYS B 1 169 ? 11.863  15.068  -7.102  1.00 26.15 ? 150 LYS B CG  1 
ATOM   809  C  CD  . LYS B 1 169 ? 13.156  15.779  -6.749  1.00 30.49 ? 150 LYS B CD  1 
ATOM   810  C  CE  . LYS B 1 169 ? 12.925  16.812  -5.659  1.00 28.53 ? 150 LYS B CE  1 
ATOM   811  N  NZ  . LYS B 1 169 ? 11.816  17.741  -6.007  1.00 28.93 ? 150 LYS B NZ  1 
ATOM   812  N  N   . PHE B 1 170 ? 11.691  10.581  -8.281  1.00 16.23 ? 151 PHE B N   1 
ATOM   813  C  CA  . PHE B 1 170 ? 11.612  9.483   -9.237  1.00 11.89 ? 151 PHE B CA  1 
ATOM   814  C  C   . PHE B 1 170 ? 10.269  8.767   -9.147  1.00 15.76 ? 151 PHE B C   1 
ATOM   815  O  O   . PHE B 1 170 ? 9.682   8.405   -10.172 1.00 20.61 ? 151 PHE B O   1 
ATOM   816  C  CB  . PHE B 1 170 ? 12.767  8.508   -8.996  1.00 10.39 ? 151 PHE B CB  1 
ATOM   817  C  CG  . PHE B 1 170 ? 12.919  7.466   -10.062 1.00 16.94 ? 151 PHE B CG  1 
ATOM   818  C  CD1 . PHE B 1 170 ? 12.679  7.769   -11.388 1.00 21.08 ? 151 PHE B CD1 1 
ATOM   819  C  CD2 . PHE B 1 170 ? 13.312  6.182   -9.738  1.00 18.70 ? 151 PHE B CD2 1 
ATOM   820  C  CE1 . PHE B 1 170 ? 12.822  6.809   -12.368 1.00 21.49 ? 151 PHE B CE1 1 
ATOM   821  C  CE2 . PHE B 1 170 ? 13.455  5.220   -10.715 1.00 14.75 ? 151 PHE B CE2 1 
ATOM   822  C  CZ  . PHE B 1 170 ? 13.210  5.534   -12.031 1.00 8.57  ? 151 PHE B CZ  1 
ATOM   823  N  N   . VAL B 1 171 ? 9.771   8.553   -7.928  1.00 9.75  ? 152 VAL B N   1 
ATOM   824  C  CA  . VAL B 1 171 ? 8.473   7.905   -7.754  1.00 11.56 ? 152 VAL B CA  1 
ATOM   825  C  C   . VAL B 1 171 ? 7.357   8.784   -8.304  1.00 17.92 ? 152 VAL B C   1 
ATOM   826  O  O   . VAL B 1 171 ? 6.375   8.285   -8.864  1.00 26.23 ? 152 VAL B O   1 
ATOM   827  C  CB  . VAL B 1 171 ? 8.246   7.544   -6.274  1.00 13.83 ? 152 VAL B CB  1 
ATOM   828  C  CG1 . VAL B 1 171 ? 6.828   7.050   -6.048  1.00 8.14  ? 152 VAL B CG1 1 
ATOM   829  C  CG2 . VAL B 1 171 ? 9.236   6.484   -5.840  1.00 15.99 ? 152 VAL B CG2 1 
ATOM   830  N  N   . LEU B 1 172 ? 7.483   10.105  -8.159  1.00 12.82 ? 153 LEU B N   1 
ATOM   831  C  CA  . LEU B 1 172 ? 6.491   11.000  -8.756  1.00 20.44 ? 153 LEU B CA  1 
ATOM   832  C  C   . LEU B 1 172 ? 6.508   10.912  -10.281 1.00 18.69 ? 153 LEU B C   1 
ATOM   833  O  O   . LEU B 1 172 ? 5.450   10.911  -10.931 1.00 20.78 ? 153 LEU B O   1 
ATOM   834  C  CB  . LEU B 1 172 ? 6.733   12.435  -8.293  1.00 20.91 ? 153 LEU B CB  1 
ATOM   835  C  CG  . LEU B 1 172 ? 5.727   12.988  -7.283  1.00 21.70 ? 153 LEU B CG  1 
ATOM   836  C  CD1 . LEU B 1 172 ? 6.413   13.908  -6.292  1.00 18.88 ? 153 LEU B CD1 1 
ATOM   837  C  CD2 . LEU B 1 172 ? 4.595   13.712  -7.993  1.00 24.24 ? 153 LEU B CD2 1 
ATOM   838  N  N   . LEU B 1 173 ? 7.704   10.833  -10.871 1.00 18.51 ? 154 LEU B N   1 
ATOM   839  C  CA  . LEU B 1 173 ? 7.805   10.644  -12.317 1.00 18.93 ? 154 LEU B CA  1 
ATOM   840  C  C   . LEU B 1 173 ? 7.179   9.321   -12.747 1.00 20.62 ? 154 LEU B C   1 
ATOM   841  O  O   . LEU B 1 173 ? 6.498   9.248   -13.780 1.00 19.44 ? 154 LEU B O   1 
ATOM   842  C  CB  . LEU B 1 173 ? 9.267   10.709  -12.751 1.00 25.08 ? 154 LEU B CB  1 
ATOM   843  C  CG  . LEU B 1 173 ? 9.950   12.075  -12.678 1.00 23.29 ? 154 LEU B CG  1 
ATOM   844  C  CD1 . LEU B 1 173 ? 11.419  11.949  -13.034 1.00 20.52 ? 154 LEU B CD1 1 
ATOM   845  C  CD2 . LEU B 1 173 ? 9.256   13.073  -13.589 1.00 21.94 ? 154 LEU B CD2 1 
ATOM   846  N  N   . LEU B 1 174 ? 7.401   8.260   -11.967 1.00 18.10 ? 155 LEU B N   1 
ATOM   847  C  CA  . LEU B 1 174 ? 6.780   6.971   -12.264 1.00 14.63 ? 155 LEU B CA  1 
ATOM   848  C  C   . LEU B 1 174 ? 5.262   7.046   -12.153 1.00 18.12 ? 155 LEU B C   1 
ATOM   849  O  O   . LEU B 1 174 ? 4.548   6.407   -12.931 1.00 23.30 ? 155 LEU B O   1 
ATOM   850  C  CB  . LEU B 1 174 ? 7.326   5.893   -11.330 1.00 16.71 ? 155 LEU B CB  1 
ATOM   851  C  CG  . LEU B 1 174 ? 8.790   5.499   -11.503 1.00 15.81 ? 155 LEU B CG  1 
ATOM   852  C  CD1 . LEU B 1 174 ? 9.240   4.633   -10.346 1.00 10.61 ? 155 LEU B CD1 1 
ATOM   853  C  CD2 . LEU B 1 174 ? 8.990   4.781   -12.821 1.00 20.45 ? 155 LEU B CD2 1 
ATOM   854  N  N   . LEU B 1 175 ? 4.753   7.801   -11.178 1.00 21.09 ? 156 LEU B N   1 
ATOM   855  C  CA  . LEU B 1 175 ? 3.311   7.989   -11.053 1.00 22.85 ? 156 LEU B CA  1 
ATOM   856  C  C   . LEU B 1 175 ? 2.743   8.663   -12.292 1.00 27.53 ? 156 LEU B C   1 
ATOM   857  O  O   . LEU B 1 175 ? 1.686   8.271   -12.805 1.00 29.66 ? 156 LEU B O   1 
ATOM   858  C  CB  . LEU B 1 175 ? 3.002   8.815   -9.805  1.00 30.18 ? 156 LEU B CB  1 
ATOM   859  C  CG  . LEU B 1 175 ? 1.730   8.501   -9.011  1.00 32.72 ? 156 LEU B CG  1 
ATOM   860  C  CD1 . LEU B 1 175 ? 1.795   9.148   -7.641  1.00 33.64 ? 156 LEU B CD1 1 
ATOM   861  C  CD2 . LEU B 1 175 ? 0.489   8.958   -9.752  1.00 31.44 ? 156 LEU B CD2 1 
ATOM   862  N  N   . GLU B 1 176 ? 3.435   9.692   -12.786 1.00 29.78 ? 157 GLU B N   1 
ATOM   863  C  CA  . GLU B 1 176 ? 3.001   10.339  -14.022 1.00 31.18 ? 157 GLU B CA  1 
ATOM   864  C  C   . GLU B 1 176 ? 3.016   9.355   -15.187 1.00 28.83 ? 157 GLU B C   1 
ATOM   865  O  O   . GLU B 1 176 ? 2.095   9.333   -16.016 1.00 30.35 ? 157 GLU B O   1 
ATOM   866  C  CB  . GLU B 1 176 ? 3.889   11.546  -14.322 1.00 30.44 ? 157 GLU B CB  1 
ATOM   867  C  CG  . GLU B 1 176 ? 3.699   12.112  -15.717 1.00 30.68 ? 157 GLU B CG  1 
ATOM   868  C  CD  . GLU B 1 176 ? 4.857   12.981  -16.155 1.00 38.13 ? 157 GLU B CD  1 
ATOM   869  O  OE1 . GLU B 1 176 ? 4.741   13.638  -17.210 1.00 39.30 ? 157 GLU B OE1 1 
ATOM   870  O  OE2 . GLU B 1 176 ? 5.881   13.010  -15.440 1.00 39.50 ? 157 GLU B OE2 1 
ATOM   871  N  N   . MET B 1 177 ? 4.055   8.520   -15.257 1.00 30.63 ? 158 MET B N   1 
ATOM   872  C  CA  . MET B 1 177 ? 4.140   7.526   -16.324 1.00 31.79 ? 158 MET B CA  1 
ATOM   873  C  C   . MET B 1 177 ? 2.994   6.521   -16.251 1.00 33.05 ? 158 MET B C   1 
ATOM   874  O  O   . MET B 1 177 ? 2.454   6.110   -17.282 1.00 34.91 ? 158 MET B O   1 
ATOM   875  C  CB  . MET B 1 177 ? 5.488   6.808   -16.262 1.00 34.84 ? 158 MET B CB  1 
ATOM   876  C  CG  . MET B 1 177 ? 5.765   5.909   -17.449 1.00 36.60 ? 158 MET B CG  1 
ATOM   877  S  SD  . MET B 1 177 ? 7.514   5.820   -17.869 1.00 43.69 ? 158 MET B SD  1 
ATOM   878  C  CE  . MET B 1 177 ? 7.512   6.608   -19.475 1.00 34.36 ? 158 MET B CE  1 
ATOM   879  N  N   . VAL B 1 178 ? 2.615   6.104   -15.040 1.00 35.02 ? 159 VAL B N   1 
ATOM   880  C  CA  . VAL B 1 178 ? 1.509   5.156   -14.888 1.00 32.88 ? 159 VAL B CA  1 
ATOM   881  C  C   . VAL B 1 178 ? 0.194   5.802   -15.300 1.00 33.71 ? 159 VAL B C   1 
ATOM   882  O  O   . VAL B 1 178 ? -0.647  5.182   -15.964 1.00 33.59 ? 159 VAL B O   1 
ATOM   883  C  CB  . VAL B 1 178 ? 1.435   4.628   -13.445 1.00 29.42 ? 159 VAL B CB  1 
ATOM   884  C  CG1 . VAL B 1 178 ? 0.256   3.694   -13.296 1.00 31.11 ? 159 VAL B CG1 1 
ATOM   885  C  CG2 . VAL B 1 178 ? 2.691   3.908   -13.081 1.00 28.63 ? 159 VAL B CG2 1 
ATOM   886  N  N   . LYS B 1 179 ? -0.018  7.052   -14.881 1.00 37.57 ? 160 LYS B N   1 
ATOM   887  C  CA  . LYS B 1 179 ? -1.232  7.758   -15.275 1.00 35.68 ? 160 LYS B CA  1 
ATOM   888  C  C   . LYS B 1 179 ? -1.317  7.892   -16.788 1.00 37.97 ? 160 LYS B C   1 
ATOM   889  O  O   . LYS B 1 179 ? -2.407  7.813   -17.366 1.00 38.55 ? 160 LYS B O   1 
ATOM   890  C  CB  . LYS B 1 179 ? -1.281  9.134   -14.612 1.00 36.45 ? 160 LYS B CB  1 
ATOM   891  C  CG  . LYS B 1 179 ? -2.060  9.173   -13.310 1.00 36.40 ? 160 LYS B CG  1 
ATOM   892  C  CD  . LYS B 1 179 ? -1.880  10.504  -12.600 1.00 36.87 ? 160 LYS B CD  1 
ATOM   893  C  CE  . LYS B 1 179 ? -0.435  10.973  -12.656 1.00 41.88 ? 160 LYS B CE  1 
ATOM   894  N  NZ  . LYS B 1 179 ? -0.107  11.931  -11.566 1.00 43.26 ? 160 LYS B NZ  1 
ATOM   895  N  N   . ARG B 1 180 ? -0.176  8.100   -17.447 1.00 41.50 ? 161 ARG B N   1 
ATOM   896  C  CA  . ARG B 1 180 ? -0.170  8.137   -18.905 1.00 44.62 ? 161 ARG B CA  1 
ATOM   897  C  C   . ARG B 1 180 ? -0.462  6.762   -19.501 1.00 44.10 ? 161 ARG B C   1 
ATOM   898  O  O   . ARG B 1 180 ? -1.240  6.643   -20.455 1.00 43.16 ? 161 ARG B O   1 
ATOM   899  C  CB  . ARG B 1 180 ? 1.168   8.669   -19.411 1.00 40.07 ? 161 ARG B CB  1 
ATOM   900  C  CG  . ARG B 1 180 ? 1.337   8.582   -20.916 1.00 43.62 ? 161 ARG B CG  1 
ATOM   901  C  CD  . ARG B 1 180 ? 2.298   9.641   -21.430 1.00 48.25 ? 161 ARG B CD  1 
ATOM   902  N  NE  . ARG B 1 180 ? 3.412   9.868   -20.516 1.00 49.85 ? 161 ARG B NE  1 
ATOM   903  C  CZ  . ARG B 1 180 ? 4.483   9.089   -20.430 1.00 48.29 ? 161 ARG B CZ  1 
ATOM   904  N  NH1 . ARG B 1 180 ? 4.608   8.002   -21.172 1.00 44.67 ? 161 ARG B NH1 1 
ATOM   905  N  NH2 . ARG B 1 180 ? 5.451   9.410   -19.577 1.00 45.16 ? 161 ARG B NH2 1 
ATOM   906  N  N   . ALA B 1 181 ? 0.149   5.710   -18.951 1.00 43.35 ? 162 ALA B N   1 
ATOM   907  C  CA  . ALA B 1 181 ? 0.008   4.376   -19.525 1.00 44.08 ? 162 ALA B CA  1 
ATOM   908  C  C   . ALA B 1 181 ? -1.382  3.795   -19.322 1.00 48.76 ? 162 ALA B C   1 
ATOM   909  O  O   . ALA B 1 181 ? -1.765  2.874   -20.051 1.00 49.69 ? 162 ALA B O   1 
ATOM   910  C  CB  . ALA B 1 181 ? 1.051   3.432   -18.927 1.00 44.02 ? 162 ALA B CB  1 
ATOM   911  N  N   . ILE B 1 182 ? -2.136  4.294   -18.342 1.00 51.49 ? 163 ILE B N   1 
ATOM   912  C  CA  . ILE B 1 182 ? -3.496  3.798   -18.147 1.00 48.16 ? 163 ILE B CA  1 
ATOM   913  C  C   . ILE B 1 182 ? -4.393  4.146   -19.330 1.00 50.87 ? 163 ILE B C   1 
ATOM   914  O  O   . ILE B 1 182 ? -5.147  3.294   -19.815 1.00 51.36 ? 163 ILE B O   1 
ATOM   915  C  CB  . ILE B 1 182 ? -4.083  4.336   -16.831 1.00 46.48 ? 163 ILE B CB  1 
ATOM   916  C  CG1 . ILE B 1 182 ? -3.476  3.603   -15.639 1.00 49.75 ? 163 ILE B CG1 1 
ATOM   917  C  CG2 . ILE B 1 182 ? -5.598  4.198   -16.819 1.00 49.01 ? 163 ILE B CG2 1 
ATOM   918  C  CD1 . ILE B 1 182 ? -4.130  3.956   -14.338 1.00 45.69 ? 163 ILE B CD1 1 
ATOM   919  N  N   . LYS B 1 183 ? -4.323  5.381   -19.827 1.00 52.52 ? 164 LYS B N   1 
ATOM   920  C  CA  . LYS B 1 183 ? -5.308  5.850   -20.797 1.00 49.68 ? 164 LYS B CA  1 
ATOM   921  C  C   . LYS B 1 183 ? -5.003  5.383   -22.216 1.00 52.38 ? 164 LYS B C   1 
ATOM   922  O  O   . LYS B 1 183 ? -5.563  5.919   -23.177 1.00 55.02 ? 164 LYS B O   1 
ATOM   923  C  CB  . LYS B 1 183 ? -5.408  7.376   -20.767 1.00 49.87 ? 164 LYS B CB  1 
ATOM   924  C  CG  . LYS B 1 183 ? -4.098  8.100   -20.518 1.00 51.95 ? 164 LYS B CG  1 
ATOM   925  C  CD  . LYS B 1 183 ? -3.541  8.682   -21.812 1.00 53.88 ? 164 LYS B CD  1 
ATOM   926  C  CE  . LYS B 1 183 ? -2.237  9.424   -21.572 1.00 52.83 ? 164 LYS B CE  1 
ATOM   927  N  NZ  . LYS B 1 183 ? -1.821  10.242  -22.743 1.00 52.40 ? 164 LYS B NZ  1 
ATOM   928  N  N   . LYS B 1 184 ? -4.125  4.392   -22.368 1.00 51.12 ? 165 LYS B N   1 
ATOM   929  C  CA  . LYS B 1 184 ? -3.898  3.811   -23.684 1.00 55.16 ? 165 LYS B CA  1 
ATOM   930  C  C   . LYS B 1 184 ? -3.791  2.295   -23.610 1.00 54.68 ? 165 LYS B C   1 
ATOM   931  O  O   . LYS B 1 184 ? -3.177  1.668   -24.480 1.00 57.29 ? 165 LYS B O   1 
ATOM   932  C  CB  . LYS B 1 184 ? -2.646  4.403   -24.336 1.00 53.04 ? 165 LYS B CB  1 
ATOM   933  C  CG  . LYS B 1 184 ? -1.623  4.960   -23.369 1.00 54.80 ? 165 LYS B CG  1 
ATOM   934  C  CD  . LYS B 1 184 ? -0.378  5.409   -24.116 1.00 54.61 ? 165 LYS B CD  1 
ATOM   935  C  CE  . LYS B 1 184 ? -0.279  6.924   -24.163 1.00 54.99 ? 165 LYS B CE  1 
ATOM   936  N  NZ  . LYS B 1 184 ? 1.086   7.382   -24.535 1.00 54.31 ? 165 LYS B NZ  1 
ATOM   937  N  N   . GLY B 1 185 ? -4.385  1.700   -22.577 1.00 52.41 ? 166 GLY B N   1 
ATOM   938  C  CA  . GLY B 1 185 ? -4.508  0.258   -22.479 1.00 53.98 ? 166 GLY B CA  1 
ATOM   939  C  C   . GLY B 1 185 ? -3.199  -0.499  -22.540 1.00 55.18 ? 166 GLY B C   1 
ATOM   940  O  O   . GLY B 1 185 ? -3.094  -1.511  -23.240 1.00 54.82 ? 166 GLY B O   1 
ATOM   941  N  N   . ASP B 1 186 ? -2.194  -0.021  -21.820 1.00 55.54 ? 167 ASP B N   1 
ATOM   942  C  CA  . ASP B 1 186 ? -0.898  -0.679  -21.796 1.00 53.28 ? 167 ASP B CA  1 
ATOM   943  C  C   . ASP B 1 186 ? -0.892  -1.790  -20.752 1.00 52.21 ? 167 ASP B C   1 
ATOM   944  O  O   . ASP B 1 186 ? -1.563  -1.711  -19.721 1.00 55.93 ? 167 ASP B O   1 
ATOM   945  C  CB  . ASP B 1 186 ? 0.210   0.331   -21.507 1.00 49.10 ? 167 ASP B CB  1 
ATOM   946  C  CG  . ASP B 1 186 ? 1.333   0.265   -22.518 1.00 52.21 ? 167 ASP B CG  1 
ATOM   947  O  OD1 . ASP B 1 186 ? 1.602   -0.837  -23.035 1.00 54.87 ? 167 ASP B OD1 1 
ATOM   948  O  OD2 . ASP B 1 186 ? 1.946   1.316   -22.800 1.00 51.95 ? 167 ASP B OD2 1 
ATOM   949  N  N   . LYS B 1 187 ? -0.135  -2.847  -21.043 1.00 47.69 ? 168 LYS B N   1 
ATOM   950  C  CA  . LYS B 1 187 ? -0.073  -3.998  -20.150 1.00 50.36 ? 168 LYS B CA  1 
ATOM   951  C  C   . LYS B 1 187 ? 1.364   -4.461  -19.953 1.00 53.16 ? 168 LYS B C   1 
ATOM   952  O  O   . LYS B 1 187 ? 1.660   -5.206  -19.013 1.00 53.42 ? 168 LYS B O   1 
ATOM   953  C  CB  . LYS B 1 187 ? -0.925  -5.144  -20.698 1.00 53.67 ? 168 LYS B CB  1 
ATOM   954  C  CG  . LYS B 1 187 ? -2.283  -5.276  -20.037 1.00 53.87 ? 168 LYS B CG  1 
ATOM   955  C  CD  . LYS B 1 187 ? -3.303  -4.353  -20.675 1.00 53.97 ? 168 LYS B CD  1 
ATOM   956  C  CE  . LYS B 1 187 ? -4.575  -4.292  -19.849 1.00 53.80 ? 168 LYS B CE  1 
ATOM   957  N  NZ  . LYS B 1 187 ? -5.176  -5.640  -19.651 1.00 55.12 ? 168 LYS B NZ  1 
ATOM   958  N  N   . GLU B 1 188 ? 2.264   -4.025  -20.834 1.00 44.60 ? 169 GLU B N   1 
ATOM   959  C  CA  . GLU B 1 188 ? 3.668   -4.391  -20.735 1.00 42.26 ? 169 GLU B CA  1 
ATOM   960  C  C   . GLU B 1 188 ? 4.512   -3.348  -20.024 1.00 43.71 ? 169 GLU B C   1 
ATOM   961  O  O   . GLU B 1 188 ? 5.618   -3.671  -19.585 1.00 48.98 ? 169 GLU B O   1 
ATOM   962  C  CB  . GLU B 1 188 ? 4.265   -4.648  -22.128 1.00 45.56 ? 169 GLU B CB  1 
ATOM   963  C  CG  . GLU B 1 188 ? 3.285   -5.196  -23.159 1.00 48.91 ? 169 GLU B CG  1 
ATOM   964  C  CD  . GLU B 1 188 ? 2.434   -4.113  -23.798 1.00 50.61 ? 169 GLU B CD  1 
ATOM   965  O  OE1 . GLU B 1 188 ? 2.982   -3.037  -24.116 1.00 48.64 ? 169 GLU B OE1 1 
ATOM   966  O  OE2 . GLU B 1 188 ? 1.217   -4.337  -23.976 1.00 48.37 ? 169 GLU B OE2 1 
ATOM   967  N  N   . THR B 1 189 ? 4.022   -2.116  -19.895 1.00 38.48 ? 170 THR B N   1 
ATOM   968  C  CA  . THR B 1 189 ? 4.721   -1.102  -19.118 1.00 37.28 ? 170 THR B CA  1 
ATOM   969  C  C   . THR B 1 189 ? 4.255   -1.055  -17.672 1.00 39.25 ? 170 THR B C   1 
ATOM   970  O  O   . THR B 1 189 ? 5.051   -0.722  -16.788 1.00 43.30 ? 170 THR B O   1 
ATOM   971  C  CB  . THR B 1 189 ? 4.545   0.279   -19.756 1.00 36.66 ? 170 THR B CB  1 
ATOM   972  O  OG1 . THR B 1 189 ? 3.267   0.815   -19.397 1.00 40.09 ? 170 THR B OG1 1 
ATOM   973  C  CG2 . THR B 1 189 ? 4.640   0.182   -21.267 1.00 38.38 ? 170 THR B CG2 1 
ATOM   974  N  N   . LEU B 1 190 ? 2.987   -1.385  -17.409 1.00 35.50 ? 171 LEU B N   1 
ATOM   975  C  CA  . LEU B 1 190 ? 2.490   -1.363  -16.037 1.00 29.83 ? 171 LEU B CA  1 
ATOM   976  C  C   . LEU B 1 190 ? 3.196   -2.399  -15.171 1.00 27.91 ? 171 LEU B C   1 
ATOM   977  O  O   . LEU B 1 190 ? 3.527   -2.120  -14.014 1.00 38.79 ? 171 LEU B O   1 
ATOM   978  C  CB  . LEU B 1 190 ? 0.978   -1.578  -16.013 1.00 30.48 ? 171 LEU B CB  1 
ATOM   979  C  CG  . LEU B 1 190 ? 0.132   -0.415  -16.531 1.00 30.76 ? 171 LEU B CG  1 
ATOM   980  C  CD1 . LEU B 1 190 ? -1.316  -0.829  -16.702 1.00 27.57 ? 171 LEU B CD1 1 
ATOM   981  C  CD2 . LEU B 1 190 ? 0.238   0.777   -15.603 1.00 33.21 ? 171 LEU B CD2 1 
ATOM   982  N  N   . LYS B 1 191 ? 3.440   -3.597  -15.708 1.00 20.71 ? 172 LYS B N   1 
ATOM   983  C  CA  . LYS B 1 191 ? 4.145   -4.619  -14.937 1.00 26.05 ? 172 LYS B CA  1 
ATOM   984  C  C   . LYS B 1 191 ? 5.595   -4.221  -14.676 1.00 27.29 ? 172 LYS B C   1 
ATOM   985  O  O   . LYS B 1 191 ? 6.126   -4.460  -13.583 1.00 28.71 ? 172 LYS B O   1 
ATOM   986  C  CB  . LYS B 1 191 ? 4.057   -5.965  -15.656 1.00 26.08 ? 172 LYS B CB  1 
ATOM   987  C  CG  . LYS B 1 191 ? 4.781   -6.030  -16.987 1.00 31.55 ? 172 LYS B CG  1 
ATOM   988  C  CD  . LYS B 1 191 ? 5.093   -7.459  -17.384 1.00 31.51 ? 172 LYS B CD  1 
ATOM   989  C  CE  . LYS B 1 191 ? 5.437   -7.552  -18.860 1.00 35.37 ? 172 LYS B CE  1 
ATOM   990  N  NZ  . LYS B 1 191 ? 6.135   -6.331  -19.347 1.00 27.01 ? 172 LYS B NZ  1 
ATOM   991  N  N   . LEU B 1 192 ? 6.246   -3.595  -15.659 1.00 26.45 ? 173 LEU B N   1 
ATOM   992  C  CA  . LEU B 1 192 ? 7.614   -3.129  -15.467 1.00 24.58 ? 173 LEU B CA  1 
ATOM   993  C  C   . LEU B 1 192 ? 7.679   -2.030  -14.415 1.00 24.25 ? 173 LEU B C   1 
ATOM   994  O  O   . LEU B 1 192 ? 8.592   -2.011  -13.578 1.00 22.20 ? 173 LEU B O   1 
ATOM   995  C  CB  . LEU B 1 192 ? 8.183   -2.644  -16.799 1.00 25.82 ? 173 LEU B CB  1 
ATOM   996  C  CG  . LEU B 1 192 ? 8.624   -3.736  -17.775 1.00 21.68 ? 173 LEU B CG  1 
ATOM   997  C  CD1 . LEU B 1 192 ? 9.271   -3.127  -19.003 1.00 23.30 ? 173 LEU B CD1 1 
ATOM   998  C  CD2 . LEU B 1 192 ? 9.568   -4.709  -17.096 1.00 22.49 ? 173 LEU B CD2 1 
ATOM   999  N  N   . ILE B 1 193 ? 6.716   -1.107  -14.436 1.00 18.34 ? 174 ILE B N   1 
ATOM   1000 C  CA  . ILE B 1 193 ? 6.683   -0.051  -13.432 1.00 15.36 ? 174 ILE B CA  1 
ATOM   1001 C  C   . ILE B 1 193 ? 6.381   -0.631  -12.056 1.00 22.17 ? 174 ILE B C   1 
ATOM   1002 O  O   . ILE B 1 193 ? 6.914   -0.165  -11.045 1.00 29.84 ? 174 ILE B O   1 
ATOM   1003 C  CB  . ILE B 1 193 ? 5.673   1.037   -13.826 1.00 18.58 ? 174 ILE B CB  1 
ATOM   1004 C  CG1 . ILE B 1 193 ? 6.099   1.711   -15.128 1.00 23.49 ? 174 ILE B CG1 1 
ATOM   1005 C  CG2 . ILE B 1 193 ? 5.579   2.078   -12.735 1.00 19.70 ? 174 ILE B CG2 1 
ATOM   1006 C  CD1 . ILE B 1 193 ? 5.320   2.961   -15.451 1.00 23.07 ? 174 ILE B CD1 1 
ATOM   1007 N  N   . HIS B 1 194 ? 5.523   -1.650  -11.992 1.00 12.23 ? 175 HIS B N   1 
ATOM   1008 C  CA  . HIS B 1 194 ? 5.263   -2.326  -10.726 1.00 10.83 ? 175 HIS B CA  1 
ATOM   1009 C  C   . HIS B 1 194 ? 6.539   -2.942  -10.167 1.00 13.92 ? 175 HIS B C   1 
ATOM   1010 O  O   . HIS B 1 194 ? 6.829   -2.818  -8.970  1.00 22.04 ? 175 HIS B O   1 
ATOM   1011 C  CB  . HIS B 1 194 ? 4.180   -3.388  -10.925 1.00 17.52 ? 175 HIS B CB  1 
ATOM   1012 C  CG  . HIS B 1 194 ? 3.832   -4.150  -9.684  1.00 24.66 ? 175 HIS B CG  1 
ATOM   1013 N  ND1 . HIS B 1 194 ? 2.793   -3.790  -8.854  1.00 21.12 ? 175 HIS B ND1 1 
ATOM   1014 C  CD2 . HIS B 1 194 ? 4.397   -5.244  -9.123  1.00 23.08 ? 175 HIS B CD2 1 
ATOM   1015 C  CE1 . HIS B 1 194 ? 2.727   -4.636  -7.841  1.00 18.08 ? 175 HIS B CE1 1 
ATOM   1016 N  NE2 . HIS B 1 194 ? 3.690   -5.528  -7.982  1.00 18.53 ? 175 HIS B NE2 1 
ATOM   1017 N  N   . GLU B 1 195 ? 7.327   -3.589  -11.027 1.00 11.13 ? 176 GLU B N   1 
ATOM   1018 C  CA  . GLU B 1 195 ? 8.607   -4.145  -10.597 1.00 14.08 ? 176 GLU B CA  1 
ATOM   1019 C  C   . GLU B 1 195 ? 9.542   -3.056  -10.076 1.00 18.43 ? 176 GLU B C   1 
ATOM   1020 O  O   . GLU B 1 195 ? 10.133  -3.188  -8.994  1.00 22.90 ? 176 GLU B O   1 
ATOM   1021 C  CB  . GLU B 1 195 ? 9.256   -4.893  -11.761 1.00 16.48 ? 176 GLU B CB  1 
ATOM   1022 C  CG  . GLU B 1 195 ? 10.209  -5.994  -11.347 1.00 20.64 ? 176 GLU B CG  1 
ATOM   1023 C  CD  . GLU B 1 195 ? 10.691  -6.807  -12.526 1.00 31.38 ? 176 GLU B CD  1 
ATOM   1024 O  OE1 . GLU B 1 195 ? 10.064  -6.720  -13.602 1.00 28.61 ? 176 GLU B OE1 1 
ATOM   1025 O  OE2 . GLU B 1 195 ? 11.702  -7.526  -12.381 1.00 27.65 ? 176 GLU B OE2 1 
ATOM   1026 N  N   . ILE B 1 196 ? 9.682   -1.968  -10.837 1.00 20.22 ? 177 ILE B N   1 
ATOM   1027 C  CA  . ILE B 1 196 ? 10.589  -0.891  -10.442 1.00 15.18 ? 177 ILE B CA  1 
ATOM   1028 C  C   . ILE B 1 196 ? 10.158  -0.291  -9.111  1.00 13.37 ? 177 ILE B C   1 
ATOM   1029 O  O   . ILE B 1 196 ? 10.986  -0.046  -8.225  1.00 16.65 ? 177 ILE B O   1 
ATOM   1030 C  CB  . ILE B 1 196 ? 10.665  0.182   -11.544 1.00 18.48 ? 177 ILE B CB  1 
ATOM   1031 C  CG1 . ILE B 1 196 ? 11.390  -0.357  -12.776 1.00 18.64 ? 177 ILE B CG1 1 
ATOM   1032 C  CG2 . ILE B 1 196 ? 11.361  1.434   -11.032 1.00 7.81  ? 177 ILE B CG2 1 
ATOM   1033 C  CD1 . ILE B 1 196 ? 11.255  0.532   -13.988 1.00 14.50 ? 177 ILE B CD1 1 
ATOM   1034 N  N   . LEU B 1 197 ? 8.858   -0.044  -8.950  1.00 8.80  ? 178 LEU B N   1 
ATOM   1035 C  CA  . LEU B 1 197 ? 8.342   0.564   -7.733  1.00 3.88  ? 178 LEU B CA  1 
ATOM   1036 C  C   . LEU B 1 197 ? 8.486   -0.354  -6.529  1.00 10.62 ? 178 LEU B C   1 
ATOM   1037 O  O   . LEU B 1 197 ? 8.740   0.127   -5.422  1.00 20.49 ? 178 LEU B O   1 
ATOM   1038 C  CB  . LEU B 1 197 ? 6.879   0.952   -7.930  1.00 9.72  ? 178 LEU B CB  1 
ATOM   1039 C  CG  . LEU B 1 197 ? 6.586   2.279   -8.622  1.00 10.63 ? 178 LEU B CG  1 
ATOM   1040 C  CD1 . LEU B 1 197 ? 5.141   2.314   -9.074  1.00 6.66  ? 178 LEU B CD1 1 
ATOM   1041 C  CD2 . LEU B 1 197 ? 6.884   3.438   -7.697  1.00 10.02 ? 178 LEU B CD2 1 
ATOM   1042 N  N   . ASP B 1 198 ? 8.332   -1.667  -6.714  1.00 14.01 ? 179 ASP B N   1 
ATOM   1043 C  CA  . ASP B 1 198 ? 8.598   -2.588  -5.614  1.00 8.42  ? 179 ASP B CA  1 
ATOM   1044 C  C   . ASP B 1 198 ? 10.067  -2.554  -5.209  1.00 17.44 ? 179 ASP B C   1 
ATOM   1045 O  O   . ASP B 1 198 ? 10.387  -2.573  -4.011  1.00 16.77 ? 179 ASP B O   1 
ATOM   1046 C  CB  . ASP B 1 198 ? 8.166   -3.999  -6.002  1.00 13.16 ? 179 ASP B CB  1 
ATOM   1047 C  CG  . ASP B 1 198 ? 6.683   -4.231  -5.790  1.00 19.33 ? 179 ASP B CG  1 
ATOM   1048 O  OD1 . ASP B 1 198 ? 5.974   -3.267  -5.439  1.00 19.99 ? 179 ASP B OD1 1 
ATOM   1049 O  OD2 . ASP B 1 198 ? 6.224   -5.375  -5.974  1.00 24.18 ? 179 ASP B OD2 1 
ATOM   1050 N  N   . ILE B 1 199 ? 10.978  -2.487  -6.188  1.00 16.16 ? 180 ILE B N   1 
ATOM   1051 C  CA  . ILE B 1 199 ? 12.399  -2.359  -5.860  1.00 11.15 ? 180 ILE B CA  1 
ATOM   1052 C  C   . ILE B 1 199 ? 12.659  -1.067  -5.092  1.00 8.02  ? 180 ILE B C   1 
ATOM   1053 O  O   . ILE B 1 199 ? 13.435  -1.041  -4.128  1.00 13.78 ? 180 ILE B O   1 
ATOM   1054 C  CB  . ILE B 1 199 ? 13.265  -2.438  -7.130  1.00 13.78 ? 180 ILE B CB  1 
ATOM   1055 C  CG1 . ILE B 1 199 ? 13.012  -3.739  -7.888  1.00 13.23 ? 180 ILE B CG1 1 
ATOM   1056 C  CG2 . ILE B 1 199 ? 14.737  -2.327  -6.777  1.00 14.90 ? 180 ILE B CG2 1 
ATOM   1057 C  CD1 . ILE B 1 199 ? 13.453  -3.685  -9.330  1.00 5.60  ? 180 ILE B CD1 1 
ATOM   1058 N  N   . ILE B 1 200 ? 12.026  0.027   -5.514  1.00 10.31 ? 181 ILE B N   1 
ATOM   1059 C  CA  . ILE B 1 200 ? 12.236  1.313   -4.853  1.00 8.97  ? 181 ILE B CA  1 
ATOM   1060 C  C   . ILE B 1 200 ? 11.680  1.287   -3.435  1.00 12.50 ? 181 ILE B C   1 
ATOM   1061 O  O   . ILE B 1 200 ? 12.257  1.877   -2.516  1.00 15.41 ? 181 ILE B O   1 
ATOM   1062 C  CB  . ILE B 1 200 ? 11.622  2.445   -5.693  1.00 7.12  ? 181 ILE B CB  1 
ATOM   1063 C  CG1 . ILE B 1 200 ? 12.435  2.644   -6.971  1.00 3.77  ? 181 ILE B CG1 1 
ATOM   1064 C  CG2 . ILE B 1 200 ? 11.551  3.737   -4.900  1.00 6.26  ? 181 ILE B CG2 1 
ATOM   1065 C  CD1 . ILE B 1 200 ? 11.764  3.530   -7.978  1.00 11.32 ? 181 ILE B CD1 1 
ATOM   1066 N  N   . ALA B 1 201 ? 10.551  0.608   -3.234  1.00 16.09 ? 182 ALA B N   1 
ATOM   1067 C  CA  . ALA B 1 201 ? 10.004  0.459   -1.890  1.00 4.87  ? 182 ALA B CA  1 
ATOM   1068 C  C   . ALA B 1 201 ? 10.939  -0.347  -0.999  1.00 4.19  ? 182 ALA B C   1 
ATOM   1069 O  O   . ALA B 1 201 ? 11.112  -0.024  0.181   1.00 2.30  ? 182 ALA B O   1 
ATOM   1070 C  CB  . ALA B 1 201 ? 8.624   -0.189  -1.959  1.00 0.00  ? 182 ALA B CB  1 
ATOM   1071 N  N   . GLU B 1 202 ? 11.560  -1.397  -1.544  1.00 9.71  ? 183 GLU B N   1 
ATOM   1072 C  CA  . GLU B 1 202 ? 12.560  -2.132  -0.770  1.00 12.88 ? 183 GLU B CA  1 
ATOM   1073 C  C   . GLU B 1 202 ? 13.756  -1.250  -0.426  1.00 9.29  ? 183 GLU B C   1 
ATOM   1074 O  O   . GLU B 1 202 ? 14.287  -1.322  0.689   1.00 14.28 ? 183 GLU B O   1 
ATOM   1075 C  CB  . GLU B 1 202 ? 13.017  -3.376  -1.529  1.00 11.50 ? 183 GLU B CB  1 
ATOM   1076 C  CG  . GLU B 1 202 ? 11.905  -4.349  -1.864  1.00 14.97 ? 183 GLU B CG  1 
ATOM   1077 C  CD  . GLU B 1 202 ? 12.389  -5.508  -2.713  1.00 28.83 ? 183 GLU B CD  1 
ATOM   1078 O  OE1 . GLU B 1 202 ? 13.026  -6.427  -2.156  1.00 29.27 ? 183 GLU B OE1 1 
ATOM   1079 O  OE2 . GLU B 1 202 ? 12.134  -5.501  -3.936  1.00 26.26 ? 183 GLU B OE2 1 
ATOM   1080 N  N   . ILE B 1 203 ? 14.202  -0.422  -1.374  1.00 13.31 ? 184 ILE B N   1 
ATOM   1081 C  CA  . ILE B 1 203 ? 15.303  0.502   -1.099  1.00 13.27 ? 184 ILE B CA  1 
ATOM   1082 C  C   . ILE B 1 203 ? 14.929  1.454   0.029   1.00 14.61 ? 184 ILE B C   1 
ATOM   1083 O  O   . ILE B 1 203 ? 15.725  1.701   0.943   1.00 18.83 ? 184 ILE B O   1 
ATOM   1084 C  CB  . ILE B 1 203 ? 15.698  1.270   -2.376  1.00 13.14 ? 184 ILE B CB  1 
ATOM   1085 C  CG1 . ILE B 1 203 ? 16.534  0.393   -3.308  1.00 8.72  ? 184 ILE B CG1 1 
ATOM   1086 C  CG2 . ILE B 1 203 ? 16.458  2.540   -2.030  1.00 18.90 ? 184 ILE B CG2 1 
ATOM   1087 C  CD1 . ILE B 1 203 ? 16.440  0.796   -4.761  1.00 7.89  ? 184 ILE B CD1 1 
ATOM   1088 N  N   . PHE B 1 204 ? 13.712  1.998   -0.015  1.00 15.28 ? 185 PHE B N   1 
ATOM   1089 C  CA  . PHE B 1 204 ? 13.238  2.871   1.055   1.00 17.07 ? 185 PHE B CA  1 
ATOM   1090 C  C   . PHE B 1 204 ? 13.209  2.149   2.394   1.00 18.24 ? 185 PHE B C   1 
ATOM   1091 O  O   . PHE B 1 204 ? 13.572  2.732   3.421   1.00 21.20 ? 185 PHE B O   1 
ATOM   1092 C  CB  . PHE B 1 204 ? 11.842  3.399   0.726   1.00 18.21 ? 185 PHE B CB  1 
ATOM   1093 C  CG  . PHE B 1 204 ? 11.841  4.665   -0.075  1.00 16.07 ? 185 PHE B CG  1 
ATOM   1094 C  CD1 . PHE B 1 204 ? 12.754  5.668   0.182   1.00 17.01 ? 185 PHE B CD1 1 
ATOM   1095 C  CD2 . PHE B 1 204 ? 10.909  4.857   -1.081  1.00 10.85 ? 185 PHE B CD2 1 
ATOM   1096 C  CE1 . PHE B 1 204 ? 12.747  6.833   -0.555  1.00 15.83 ? 185 PHE B CE1 1 
ATOM   1097 C  CE2 . PHE B 1 204 ? 10.894  6.020   -1.816  1.00 15.13 ? 185 PHE B CE2 1 
ATOM   1098 C  CZ  . PHE B 1 204 ? 11.813  7.010   -1.553  1.00 17.03 ? 185 PHE B CZ  1 
ATOM   1099 N  N   . GLU B 1 205 ? 12.763  0.892   2.406   1.00 22.56 ? 186 GLU B N   1 
ATOM   1100 C  CA  . GLU B 1 205 ? 12.736  0.126   3.647   1.00 16.77 ? 186 GLU B CA  1 
ATOM   1101 C  C   . GLU B 1 205 ? 14.139  -0.068  4.210   1.00 17.71 ? 186 GLU B C   1 
ATOM   1102 O  O   . GLU B 1 205 ? 14.356  0.097   5.415   1.00 21.28 ? 186 GLU B O   1 
ATOM   1103 C  CB  . GLU B 1 205 ? 12.059  -1.224  3.413   1.00 16.56 ? 186 GLU B CB  1 
ATOM   1104 C  CG  . GLU B 1 205 ? 10.543  -1.150  3.382   1.00 23.89 ? 186 GLU B CG  1 
ATOM   1105 C  CD  . GLU B 1 205 ? 9.912   -2.371  2.744   1.00 24.55 ? 186 GLU B CD  1 
ATOM   1106 O  OE1 . GLU B 1 205 ? 10.577  -3.427  2.688   1.00 22.93 ? 186 GLU B OE1 1 
ATOM   1107 O  OE2 . GLU B 1 205 ? 8.752   -2.271  2.290   1.00 13.30 ? 186 GLU B OE2 1 
ATOM   1108 N  N   . GLU B 1 206 ? 15.103  -0.410  3.356   1.00 28.46 ? 187 GLU B N   1 
ATOM   1109 C  CA  . GLU B 1 206 ? 16.481  -0.568  3.806   1.00 28.39 ? 187 GLU B CA  1 
ATOM   1110 C  C   . GLU B 1 206 ? 17.154  0.756   4.140   1.00 29.07 ? 187 GLU B C   1 
ATOM   1111 O  O   . GLU B 1 206 ? 18.208  0.751   4.784   1.00 31.69 ? 187 GLU B O   1 
ATOM   1112 C  CB  . GLU B 1 206 ? 17.307  -1.302  2.747   1.00 29.13 ? 187 GLU B CB  1 
ATOM   1113 C  CG  . GLU B 1 206 ? 16.896  -2.746  2.524   1.00 31.14 ? 187 GLU B CG  1 
ATOM   1114 C  CD  . GLU B 1 206 ? 18.077  -3.697  2.560   1.00 37.49 ? 187 GLU B CD  1 
ATOM   1115 O  OE1 . GLU B 1 206 ? 18.993  -3.477  3.380   1.00 39.00 ? 187 GLU B OE1 1 
ATOM   1116 O  OE2 . GLU B 1 206 ? 18.089  -4.665  1.772   1.00 33.95 ? 187 GLU B OE2 1 
ATOM   1117 N  N   . LEU B 1 207 ? 16.576  1.882   3.723   1.00 27.93 ? 188 LEU B N   1 
ATOM   1118 C  CA  . LEU B 1 207 ? 17.128  3.205   3.975   1.00 23.19 ? 188 LEU B CA  1 
ATOM   1119 C  C   . LEU B 1 207 ? 16.538  3.843   5.228   1.00 26.46 ? 188 LEU B C   1 
ATOM   1120 O  O   . LEU B 1 207 ? 16.885  4.977   5.572   1.00 27.76 ? 188 LEU B O   1 
ATOM   1121 C  CB  . LEU B 1 207 ? 16.900  4.103   2.759   1.00 23.14 ? 188 LEU B CB  1 
ATOM   1122 C  CG  . LEU B 1 207 ? 18.030  5.027   2.307   1.00 24.46 ? 188 LEU B CG  1 
ATOM   1123 C  CD1 . LEU B 1 207 ? 19.214  4.217   1.817   1.00 21.91 ? 188 LEU B CD1 1 
ATOM   1124 C  CD2 . LEU B 1 207 ? 17.531  5.946   1.211   1.00 26.46 ? 188 LEU B CD2 1 
ATOM   1125 N  N   . GLY B 1 208 ? 15.647  3.131   5.915   1.00 27.28 ? 189 GLY B N   1 
ATOM   1126 C  CA  . GLY B 1 208 ? 15.102  3.590   7.177   1.00 28.58 ? 189 GLY B CA  1 
ATOM   1127 C  C   . GLY B 1 208 ? 13.904  4.515   7.099   1.00 32.26 ? 189 GLY B C   1 
ATOM   1128 O  O   . GLY B 1 208 ? 13.557  5.153   8.097   1.00 32.94 ? 189 GLY B O   1 
ATOM   1129 N  N   . ASP B 1 209 ? 13.256  4.602   5.938   1.00 26.57 ? 190 ASP B N   1 
ATOM   1130 C  CA  . ASP B 1 209 ? 12.086  5.459   5.753   1.00 25.24 ? 190 ASP B CA  1 
ATOM   1131 C  C   . ASP B 1 209 ? 10.890  4.591   5.379   1.00 29.70 ? 190 ASP B C   1 
ATOM   1132 O  O   . ASP B 1 209 ? 10.885  3.952   4.323   1.00 35.70 ? 190 ASP B O   1 
ATOM   1133 C  CB  . ASP B 1 209 ? 12.347  6.521   4.689   1.00 26.54 ? 190 ASP B CB  1 
ATOM   1134 C  CG  . ASP B 1 209 ? 11.631  7.825   4.981   1.00 35.16 ? 190 ASP B CG  1 
ATOM   1135 O  OD1 . ASP B 1 209 ? 10.518  7.781   5.544   1.00 31.96 ? 190 ASP B OD1 1 
ATOM   1136 O  OD2 . ASP B 1 209 ? 12.183  8.896   4.655   1.00 38.21 ? 190 ASP B OD2 1 
ATOM   1137 N  N   . ASP B 1 210 ? 9.876   4.578   6.243   1.00 28.71 ? 191 ASP B N   1 
ATOM   1138 C  CA  . ASP B 1 210 ? 8.680   3.770   6.044   1.00 23.21 ? 191 ASP B CA  1 
ATOM   1139 C  C   . ASP B 1 210 ? 7.552   4.534   5.362   1.00 23.66 ? 191 ASP B C   1 
ATOM   1140 O  O   . ASP B 1 210 ? 6.812   3.941   4.569   1.00 29.28 ? 191 ASP B O   1 
ATOM   1141 C  CB  . ASP B 1 210 ? 8.194   3.220   7.390   1.00 23.42 ? 191 ASP B CB  1 
ATOM   1142 C  CG  . ASP B 1 210 ? 7.291   2.013   7.237   1.00 30.41 ? 191 ASP B CG  1 
ATOM   1143 O  OD1 . ASP B 1 210 ? 7.757   0.987   6.700   1.00 32.82 ? 191 ASP B OD1 1 
ATOM   1144 O  OD2 . ASP B 1 210 ? 6.117   2.086   7.657   1.00 27.30 ? 191 ASP B OD2 1 
ATOM   1145 N  N   . GLU B 1 211 ? 7.404   5.827   5.642   1.00 19.23 ? 192 GLU B N   1 
ATOM   1146 C  CA  . GLU B 1 211 ? 6.370   6.634   5.010   1.00 21.32 ? 192 GLU B CA  1 
ATOM   1147 C  C   . GLU B 1 211 ? 6.557   6.770   3.507   1.00 29.32 ? 192 GLU B C   1 
ATOM   1148 O  O   . GLU B 1 211 ? 5.563   6.816   2.774   1.00 30.07 ? 192 GLU B O   1 
ATOM   1149 C  CB  . GLU B 1 211 ? 6.334   8.029   5.638   1.00 26.66 ? 192 GLU B CB  1 
ATOM   1150 C  CG  . GLU B 1 211 ? 5.209   8.234   6.635   1.00 34.36 ? 192 GLU B CG  1 
ATOM   1151 C  CD  . GLU B 1 211 ? 5.633   7.933   8.057   1.00 39.42 ? 192 GLU B CD  1 
ATOM   1152 O  OE1 . GLU B 1 211 ? 4.750   7.825   8.933   1.00 36.95 ? 192 GLU B OE1 1 
ATOM   1153 O  OE2 . GLU B 1 211 ? 6.852   7.800   8.299   1.00 38.15 ? 192 GLU B OE2 1 
ATOM   1154 N  N   . LEU B 1 212 ? 7.801   6.846   3.033   1.00 25.35 ? 193 LEU B N   1 
ATOM   1155 C  CA  . LEU B 1 212 ? 8.058   6.928   1.602   1.00 15.84 ? 193 LEU B CA  1 
ATOM   1156 C  C   . LEU B 1 212 ? 7.856   5.577   0.926   1.00 12.68 ? 193 LEU B C   1 
ATOM   1157 O  O   . LEU B 1 212 ? 7.351   5.506   -0.203  1.00 19.71 ? 193 LEU B O   1 
ATOM   1158 C  CB  . LEU B 1 212 ? 9.476   7.448   1.366   1.00 26.41 ? 193 LEU B CB  1 
ATOM   1159 C  CG  . LEU B 1 212 ? 9.618   8.971   1.333   1.00 22.06 ? 193 LEU B CG  1 
ATOM   1160 C  CD1 . LEU B 1 212 ? 11.066  9.378   1.162   1.00 21.11 ? 193 LEU B CD1 1 
ATOM   1161 C  CD2 . LEU B 1 212 ? 8.760   9.562   0.228   1.00 27.48 ? 193 LEU B CD2 1 
ATOM   1162 N  N   . ALA B 1 213 ? 8.243   4.499   1.610   1.00 14.76 ? 194 ALA B N   1 
ATOM   1163 C  CA  . ALA B 1 213 ? 7.986   3.161   1.098   1.00 17.74 ? 194 ALA B CA  1 
ATOM   1164 C  C   . ALA B 1 213 ? 6.495   2.896   0.972   1.00 14.26 ? 194 ALA B C   1 
ATOM   1165 O  O   . ALA B 1 213 ? 6.062   2.236   0.022   1.00 23.79 ? 194 ALA B O   1 
ATOM   1166 C  CB  . ALA B 1 213 ? 8.637   2.119   2.004   1.00 13.83 ? 194 ALA B CB  1 
ATOM   1167 N  N   . HIS B 1 214 ? 5.700   3.403   1.914   1.00 7.61  ? 195 HIS B N   1 
ATOM   1168 C  CA  . HIS B 1 214 ? 4.255   3.244   1.816   1.00 12.11 ? 195 HIS B CA  1 
ATOM   1169 C  C   . HIS B 1 214 ? 3.698   3.960   0.592   1.00 14.14 ? 195 HIS B C   1 
ATOM   1170 O  O   . HIS B 1 214 ? 2.802   3.443   -0.078  1.00 19.27 ? 195 HIS B O   1 
ATOM   1171 C  CB  . HIS B 1 214 ? 3.586   3.743   3.093   1.00 17.80 ? 195 HIS B CB  1 
ATOM   1172 C  CG  . HIS B 1 214 ? 3.432   2.687   4.142   1.00 16.63 ? 195 HIS B CG  1 
ATOM   1173 N  ND1 . HIS B 1 214 ? 2.477   1.697   4.065   1.00 19.74 ? 195 HIS B ND1 1 
ATOM   1174 C  CD2 . HIS B 1 214 ? 4.114   2.463   5.290   1.00 19.00 ? 195 HIS B CD2 1 
ATOM   1175 C  CE1 . HIS B 1 214 ? 2.578   0.908   5.120   1.00 21.80 ? 195 HIS B CE1 1 
ATOM   1176 N  NE2 . HIS B 1 214 ? 3.563   1.353   5.880   1.00 27.22 ? 195 HIS B NE2 1 
ATOM   1177 N  N   . ALA B 1 215 ? 4.218   5.150   0.278   1.00 18.21 ? 196 ALA B N   1 
ATOM   1178 C  CA  . ALA B 1 215 ? 3.773   5.860   -0.919  1.00 19.76 ? 196 ALA B CA  1 
ATOM   1179 C  C   . ALA B 1 215 ? 4.150   5.098   -2.185  1.00 17.47 ? 196 ALA B C   1 
ATOM   1180 O  O   . ALA B 1 215 ? 3.341   4.964   -3.116  1.00 25.48 ? 196 ALA B O   1 
ATOM   1181 C  CB  . ALA B 1 215 ? 4.363   7.269   -0.940  1.00 17.94 ? 196 ALA B CB  1 
ATOM   1182 N  N   . ALA B 1 216 ? 5.380   4.578   -2.231  1.00 10.14 ? 197 ALA B N   1 
ATOM   1183 C  CA  . ALA B 1 216 ? 5.805   3.798   -3.390  1.00 11.91 ? 197 ALA B CA  1 
ATOM   1184 C  C   . ALA B 1 216 ? 4.928   2.565   -3.573  1.00 23.29 ? 197 ALA B C   1 
ATOM   1185 O  O   . ALA B 1 216 ? 4.509   2.241   -4.692  1.00 19.68 ? 197 ALA B O   1 
ATOM   1186 C  CB  . ALA B 1 216 ? 7.274   3.400   -3.244  1.00 8.23  ? 197 ALA B CB  1 
ATOM   1187 N  N   . ARG B 1 217 ? 4.615   1.873   -2.475  1.00 16.30 ? 198 ARG B N   1 
ATOM   1188 C  CA  . ARG B 1 217 ? 3.796   0.672   -2.576  1.00 5.17  ? 198 ARG B CA  1 
ATOM   1189 C  C   . ARG B 1 217 ? 2.342   1.009   -2.887  1.00 6.54  ? 198 ARG B C   1 
ATOM   1190 O  O   . ARG B 1 217 ? 1.636   0.208   -3.504  1.00 10.08 ? 198 ARG B O   1 
ATOM   1191 C  CB  . ARG B 1 217 ? 3.907   -0.149  -1.295  1.00 8.27  ? 198 ARG B CB  1 
ATOM   1192 C  CG  . ARG B 1 217 ? 5.136   -1.034  -1.268  1.00 14.05 ? 198 ARG B CG  1 
ATOM   1193 C  CD  . ARG B 1 217 ? 5.552   -1.373  0.150   1.00 14.24 ? 198 ARG B CD  1 
ATOM   1194 N  NE  . ARG B 1 217 ? 6.906   -1.908  0.264   1.00 12.48 ? 198 ARG B NE  1 
ATOM   1195 C  CZ  . ARG B 1 217 ? 7.356   -3.001  -0.339  1.00 14.08 ? 198 ARG B CZ  1 
ATOM   1196 N  NH1 . ARG B 1 217 ? 6.590   -3.723  -1.139  1.00 19.04 ? 198 ARG B NH1 1 
ATOM   1197 N  NH2 . ARG B 1 217 ? 8.612   -3.385  -0.130  1.00 5.76  ? 198 ARG B NH2 1 
ATOM   1198 N  N   . LEU B 1 218 ? 1.877   2.189   -2.479  1.00 9.09  ? 199 LEU B N   1 
ATOM   1199 C  CA  . LEU B 1 218 ? 0.550   2.634   -2.888  1.00 14.55 ? 199 LEU B CA  1 
ATOM   1200 C  C   . LEU B 1 218 ? 0.483   2.840   -4.395  1.00 22.18 ? 199 LEU B C   1 
ATOM   1201 O  O   . LEU B 1 218 ? -0.502  2.454   -5.041  1.00 25.39 ? 199 LEU B O   1 
ATOM   1202 C  CB  . LEU B 1 218 ? 0.185   3.923   -2.153  1.00 15.56 ? 199 LEU B CB  1 
ATOM   1203 C  CG  . LEU B 1 218 ? -1.229  4.025   -1.588  1.00 24.42 ? 199 LEU B CG  1 
ATOM   1204 C  CD1 . LEU B 1 218 ? -1.550  2.798   -0.761  1.00 26.17 ? 199 LEU B CD1 1 
ATOM   1205 C  CD2 . LEU B 1 218 ? -1.374  5.283   -0.757  1.00 24.12 ? 199 LEU B CD2 1 
ATOM   1206 N  N   . VAL B 1 219 ? 1.522   3.445   -4.975  1.00 23.11 ? 200 VAL B N   1 
ATOM   1207 C  CA  . VAL B 1 219 ? 1.564   3.585   -6.430  1.00 16.74 ? 200 VAL B CA  1 
ATOM   1208 C  C   . VAL B 1 219 ? 1.622   2.211   -7.094  1.00 15.49 ? 200 VAL B C   1 
ATOM   1209 O  O   . VAL B 1 219 ? 0.977   1.970   -8.123  1.00 13.71 ? 200 VAL B O   1 
ATOM   1210 C  CB  . VAL B 1 219 ? 2.741   4.477   -6.861  1.00 17.07 ? 200 VAL B CB  1 
ATOM   1211 C  CG1 . VAL B 1 219 ? 2.640   4.800   -8.342  1.00 23.64 ? 200 VAL B CG1 1 
ATOM   1212 C  CG2 . VAL B 1 219 ? 2.750   5.760   -6.063  1.00 17.64 ? 200 VAL B CG2 1 
ATOM   1213 N  N   . SER B 1 220 ? 2.394   1.286   -6.512  1.00 19.04 ? 201 SER B N   1 
ATOM   1214 C  CA  . SER B 1 220 ? 2.433   -0.081  -7.031  1.00 18.79 ? 201 SER B CA  1 
ATOM   1215 C  C   . SER B 1 220 ? 1.055   -0.726  -7.012  1.00 25.32 ? 201 SER B C   1 
ATOM   1216 O  O   . SER B 1 220 ? 0.660   -1.397  -7.971  1.00 30.50 ? 201 SER B O   1 
ATOM   1217 C  CB  . SER B 1 220 ? 3.402   -0.940  -6.220  1.00 19.49 ? 201 SER B CB  1 
ATOM   1218 O  OG  . SER B 1 220 ? 4.735   -0.506  -6.361  1.00 23.48 ? 201 SER B OG  1 
ATOM   1219 N  N   . LYS B 1 221 ? 0.320   -0.556  -5.913  1.00 24.25 ? 202 LYS B N   1 
ATOM   1220 C  CA  . LYS B 1 221 ? -1.004  -1.152  -5.793  1.00 23.18 ? 202 LYS B CA  1 
ATOM   1221 C  C   . LYS B 1 221 ? -1.963  -0.565  -6.817  1.00 26.94 ? 202 LYS B C   1 
ATOM   1222 O  O   . LYS B 1 221 ? -2.770  -1.284  -7.413  1.00 30.48 ? 202 LYS B O   1 
ATOM   1223 C  CB  . LYS B 1 221 ? -1.540  -0.952  -4.375  1.00 28.41 ? 202 LYS B CB  1 
ATOM   1224 C  CG  . LYS B 1 221 ? -2.821  -1.710  -4.081  1.00 27.72 ? 202 LYS B CG  1 
ATOM   1225 C  CD  . LYS B 1 221 ? -2.538  -3.164  -3.766  1.00 27.98 ? 202 LYS B CD  1 
ATOM   1226 C  CE  . LYS B 1 221 ? -3.505  -4.083  -4.486  1.00 29.50 ? 202 LYS B CE  1 
ATOM   1227 N  NZ  . LYS B 1 221 ? -3.650  -5.387  -3.778  1.00 30.78 ? 202 LYS B NZ  1 
ATOM   1228 N  N   . ALA B 1 222 ? -1.896  0.751   -7.027  1.00 27.43 ? 203 ALA B N   1 
ATOM   1229 C  CA  . ALA B 1 222 ? -2.743  1.377   -8.037  1.00 28.19 ? 203 ALA B CA  1 
ATOM   1230 C  C   . ALA B 1 222 ? -2.411  0.855   -9.432  1.00 29.59 ? 203 ALA B C   1 
ATOM   1231 O  O   . ALA B 1 222 ? -3.309  0.589   -10.240 1.00 31.90 ? 203 ALA B O   1 
ATOM   1232 C  CB  . ALA B 1 222 ? -2.599  2.894   -7.972  1.00 30.51 ? 203 ALA B CB  1 
ATOM   1233 N  N   . ALA B 1 223 ? -1.118  0.694   -9.727  1.00 31.64 ? 204 ALA B N   1 
ATOM   1234 C  CA  . ALA B 1 223 ? -0.713  0.140   -11.015 1.00 33.58 ? 204 ALA B CA  1 
ATOM   1235 C  C   . ALA B 1 223 ? -1.223  -1.287  -11.190 1.00 34.53 ? 204 ALA B C   1 
ATOM   1236 O  O   . ALA B 1 223 ? -1.707  -1.660  -12.263 1.00 34.40 ? 204 ALA B O   1 
ATOM   1237 C  CB  . ALA B 1 223 ? 0.810   0.187   -11.151 1.00 28.93 ? 204 ALA B CB  1 
ATOM   1238 N  N   . GLU B 1 224 ? -1.123  -2.099  -10.134 1.00 37.09 ? 205 GLU B N   1 
ATOM   1239 C  CA  . GLU B 1 224 ? -1.622  -3.471  -10.190 1.00 35.47 ? 205 GLU B CA  1 
ATOM   1240 C  C   . GLU B 1 224 ? -3.127  -3.514  -10.408 1.00 38.07 ? 205 GLU B C   1 
ATOM   1241 O  O   . GLU B 1 224 ? -3.620  -4.332  -11.195 1.00 42.79 ? 205 GLU B O   1 
ATOM   1242 C  CB  . GLU B 1 224 ? -1.263  -4.210  -8.902  1.00 35.06 ? 205 GLU B CB  1 
ATOM   1243 C  CG  . GLU B 1 224 ? -0.539  -5.526  -9.101  1.00 35.95 ? 205 GLU B CG  1 
ATOM   1244 C  CD  . GLU B 1 224 ? -0.171  -6.181  -7.783  1.00 46.33 ? 205 GLU B CD  1 
ATOM   1245 O  OE1 . GLU B 1 224 ? -0.323  -5.525  -6.733  1.00 44.97 ? 205 GLU B OE1 1 
ATOM   1246 O  OE2 . GLU B 1 224 ? 0.269   -7.351  -7.795  1.00 44.98 ? 205 GLU B OE2 1 
ATOM   1247 N  N   . LEU B 1 225 ? -3.870  -2.653  -9.714  1.00 37.55 ? 206 LEU B N   1 
ATOM   1248 C  CA  . LEU B 1 225 ? -5.318  -2.593  -9.877  1.00 36.93 ? 206 LEU B CA  1 
ATOM   1249 C  C   . LEU B 1 225 ? -5.685  -2.206  -11.303 1.00 41.39 ? 206 LEU B C   1 
ATOM   1250 O  O   . LEU B 1 225 ? -6.587  -2.798  -11.906 1.00 43.88 ? 206 LEU B O   1 
ATOM   1251 C  CB  . LEU B 1 225 ? -5.915  -1.599  -8.877  1.00 38.31 ? 206 LEU B CB  1 
ATOM   1252 C  CG  . LEU B 1 225 ? -6.112  -2.100  -7.446  1.00 46.34 ? 206 LEU B CG  1 
ATOM   1253 C  CD1 . LEU B 1 225 ? -6.612  -0.977  -6.555  1.00 41.62 ? 206 LEU B CD1 1 
ATOM   1254 C  CD2 . LEU B 1 225 ? -7.067  -3.276  -7.407  1.00 43.32 ? 206 LEU B CD2 1 
ATOM   1255 N  N   . ALA B 1 226 ? -4.986  -1.214  -11.861 1.00 45.59 ? 207 ALA B N   1 
ATOM   1256 C  CA  . ALA B 1 226 ? -5.225  -0.832  -13.249 1.00 40.37 ? 207 ALA B CA  1 
ATOM   1257 C  C   . ALA B 1 226 ? -4.893  -1.976  -14.198 1.00 45.61 ? 207 ALA B C   1 
ATOM   1258 O  O   . ALA B 1 226 ? -5.575  -2.175  -15.210 1.00 48.80 ? 207 ALA B O   1 
ATOM   1259 C  CB  . ALA B 1 226 ? -4.408  0.409   -13.599 1.00 42.33 ? 207 ALA B CB  1 
ATOM   1260 N  N   . LEU B 1 227 ? -3.835  -2.730  -13.888 1.00 48.29 ? 208 LEU B N   1 
ATOM   1261 C  CA  . LEU B 1 227 ? -3.464  -3.877  -14.708 1.00 46.38 ? 208 LEU B CA  1 
ATOM   1262 C  C   . LEU B 1 227 ? -4.563  -4.931  -14.719 1.00 48.23 ? 208 LEU B C   1 
ATOM   1263 O  O   . LEU B 1 227 ? -4.914  -5.461  -15.779 1.00 51.41 ? 208 LEU B O   1 
ATOM   1264 C  CB  . LEU B 1 227 ? -2.158  -4.478  -14.190 1.00 45.90 ? 208 LEU B CB  1 
ATOM   1265 C  CG  . LEU B 1 227 ? -1.416  -5.486  -15.065 1.00 46.25 ? 208 LEU B CG  1 
ATOM   1266 C  CD1 . LEU B 1 227 ? -1.598  -5.161  -16.534 1.00 47.83 ? 208 LEU B CD1 1 
ATOM   1267 C  CD2 . LEU B 1 227 ? 0.056   -5.527  -14.699 1.00 45.47 ? 208 LEU B CD2 1 
ATOM   1268 N  N   . LYS B 1 228 ? -5.117  -5.250  -13.549 1.00 48.81 ? 209 LYS B N   1 
ATOM   1269 C  CA  . LYS B 1 228 ? -6.134  -6.293  -13.449 1.00 52.69 ? 209 LYS B CA  1 
ATOM   1270 C  C   . LYS B 1 228 ? -7.426  -5.897  -14.155 1.00 54.56 ? 209 LYS B C   1 
ATOM   1271 O  O   . LYS B 1 228 ? -8.051  -6.726  -14.824 1.00 55.17 ? 209 LYS B O   1 
ATOM   1272 C  CB  . LYS B 1 228 ? -6.412  -6.631  -11.984 1.00 52.49 ? 209 LYS B CB  1 
ATOM   1273 C  CG  . LYS B 1 228 ? -5.562  -7.774  -11.449 1.00 53.56 ? 209 LYS B CG  1 
ATOM   1274 C  CD  . LYS B 1 228 ? -5.936  -8.151  -10.022 1.00 51.74 ? 209 LYS B CD  1 
ATOM   1275 C  CE  . LYS B 1 228 ? -6.434  -6.954  -9.230  1.00 50.38 ? 209 LYS B CE  1 
ATOM   1276 N  NZ  . LYS B 1 228 ? -6.729  -7.311  -7.817  1.00 50.93 ? 209 LYS B NZ  1 
ATOM   1277 N  N   . GLY B 1 229 ? -7.836  -4.640  -14.016 1.00 53.20 ? 210 GLY B N   1 
ATOM   1278 C  CA  . GLY B 1 229 ? -9.050  -4.182  -14.661 1.00 54.19 ? 210 GLY B CA  1 
ATOM   1279 C  C   . GLY B 1 229 ? -9.838  -3.172  -13.853 1.00 55.14 ? 210 GLY B C   1 
ATOM   1280 O  O   . GLY B 1 229 ? -10.670 -2.446  -14.403 1.00 58.00 ? 210 GLY B O   1 
ATOM   1281 N  N   . LYS B 1 230 ? -9.590  -3.115  -12.547 1.00 52.94 ? 211 LYS B N   1 
ATOM   1282 C  CA  . LYS B 1 230 ? -10.248 -2.121  -11.712 1.00 54.39 ? 211 LYS B CA  1 
ATOM   1283 C  C   . LYS B 1 230 ? -9.530  -0.783  -11.826 1.00 55.53 ? 211 LYS B C   1 
ATOM   1284 O  O   . LYS B 1 230 ? -8.335  -0.675  -11.537 1.00 58.94 ? 211 LYS B O   1 
ATOM   1285 C  CB  . LYS B 1 230 ? -10.279 -2.586  -10.257 1.00 55.00 ? 211 LYS B CB  1 
ATOM   1286 C  CG  . LYS B 1 230 ? -11.282 -3.694  -9.983  1.00 56.42 ? 211 LYS B CG  1 
ATOM   1287 C  CD  . LYS B 1 230 ? -10.636 -5.066  -10.062 1.00 57.61 ? 211 LYS B CD  1 
ATOM   1288 C  CE  . LYS B 1 230 ? -9.737  -5.321  -8.865  1.00 54.50 ? 211 LYS B CE  1 
ATOM   1289 N  NZ  . LYS B 1 230 ? -9.665  -6.767  -8.529  1.00 53.41 ? 211 LYS B NZ  1 
ATOM   1290 N  N   . LYS B 1 231 ? -10.266 0.246   -12.245 1.00 58.66 ? 212 LYS B N   1 
ATOM   1291 C  CA  . LYS B 1 231 ? -9.639  1.519   -12.577 1.00 61.71 ? 212 LYS B CA  1 
ATOM   1292 C  C   . LYS B 1 231 ? -10.264 2.691   -11.831 1.00 59.49 ? 212 LYS B C   1 
ATOM   1293 O  O   . LYS B 1 231 ? -9.777  3.821   -11.931 1.00 58.85 ? 212 LYS B O   1 
ATOM   1294 C  CB  . LYS B 1 231 ? -9.712  1.758   -14.086 1.00 59.47 ? 212 LYS B CB  1 
ATOM   1295 C  CG  . LYS B 1 231 ? -8.858  0.797   -14.905 1.00 59.10 ? 212 LYS B CG  1 
ATOM   1296 C  CD  . LYS B 1 231 ? -8.827  1.158   -16.388 1.00 58.73 ? 212 LYS B CD  1 
ATOM   1297 C  CE  . LYS B 1 231 ? -9.570  2.451   -16.692 1.00 57.82 ? 212 LYS B CE  1 
ATOM   1298 N  NZ  . LYS B 1 231 ? -9.663  2.698   -18.156 1.00 57.31 ? 212 LYS B NZ  1 
ATOM   1299 N  N   . GLU B 1 232 ? -11.334 2.442   -11.079 1.00 60.67 ? 213 GLU B N   1 
ATOM   1300 C  CA  . GLU B 1 232 ? -11.970 3.512   -10.322 1.00 63.15 ? 213 GLU B CA  1 
ATOM   1301 C  C   . GLU B 1 232 ? -11.310 3.749   -8.971  1.00 62.52 ? 213 GLU B C   1 
ATOM   1302 O  O   . GLU B 1 232 ? -11.087 4.906   -8.593  1.00 58.83 ? 213 GLU B O   1 
ATOM   1303 C  CB  . GLU B 1 232 ? -13.458 3.209   -10.122 1.00 64.85 ? 213 GLU B CB  1 
ATOM   1304 C  CG  . GLU B 1 232 ? -14.207 4.215   -9.251  1.00 63.13 ? 213 GLU B CG  1 
ATOM   1305 C  CD  . GLU B 1 232 ? -14.519 5.523   -9.965  1.00 63.52 ? 213 GLU B CD  1 
ATOM   1306 O  OE1 . GLU B 1 232 ? -13.629 6.076   -10.646 1.00 63.46 ? 213 GLU B OE1 1 
ATOM   1307 O  OE2 . GLU B 1 232 ? -15.666 6.000   -9.843  1.00 62.56 ? 213 GLU B OE2 1 
ATOM   1308 N  N   . GLU B 1 233 ? -10.993 2.684   -8.232  1.00 61.58 ? 214 GLU B N   1 
ATOM   1309 C  CA  . GLU B 1 233 ? -10.247 2.832   -6.989  1.00 60.49 ? 214 GLU B CA  1 
ATOM   1310 C  C   . GLU B 1 233 ? -8.775  3.132   -7.246  1.00 60.39 ? 214 GLU B C   1 
ATOM   1311 O  O   . GLU B 1 233 ? -8.097  3.697   -6.378  1.00 58.03 ? 214 GLU B O   1 
ATOM   1312 C  CB  . GLU B 1 233 ? -10.386 1.571   -6.133  1.00 61.28 ? 214 GLU B CB  1 
ATOM   1313 C  CG  . GLU B 1 233 ? -9.972  0.281   -6.831  1.00 60.93 ? 214 GLU B CG  1 
ATOM   1314 C  CD  . GLU B 1 233 ? -11.052 -0.281  -7.737  1.00 60.92 ? 214 GLU B CD  1 
ATOM   1315 O  OE1 . GLU B 1 233 ? -11.727 -1.249  -7.329  1.00 60.46 ? 214 GLU B OE1 1 
ATOM   1316 O  OE2 . GLU B 1 233 ? -11.224 0.245   -8.857  1.00 59.64 ? 214 GLU B OE2 1 
ATOM   1317 N  N   . ALA B 1 234 ? -8.270  2.760   -8.426  1.00 54.28 ? 215 ALA B N   1 
ATOM   1318 C  CA  . ALA B 1 234 ? -6.895  3.087   -8.783  1.00 53.92 ? 215 ALA B CA  1 
ATOM   1319 C  C   . ALA B 1 234 ? -6.690  4.594   -8.822  1.00 53.28 ? 215 ALA B C   1 
ATOM   1320 O  O   . ALA B 1 234 ? -5.643  5.097   -8.400  1.00 49.52 ? 215 ALA B O   1 
ATOM   1321 C  CB  . ALA B 1 234 ? -6.535  2.457   -10.128 1.00 45.67 ? 215 ALA B CB  1 
ATOM   1322 N  N   . GLU B 1 235 ? -7.684  5.333   -9.321  1.00 50.47 ? 216 GLU B N   1 
ATOM   1323 C  CA  . GLU B 1 235 ? -7.580  6.786   -9.364  1.00 51.00 ? 216 GLU B CA  1 
ATOM   1324 C  C   . GLU B 1 235 ? -7.485  7.365   -7.955  1.00 50.83 ? 216 GLU B C   1 
ATOM   1325 O  O   . GLU B 1 235 ? -6.651  8.238   -7.699  1.00 51.34 ? 216 GLU B O   1 
ATOM   1326 C  CB  . GLU B 1 235 ? -8.794  7.361   -10.102 1.00 51.58 ? 216 GLU B CB  1 
ATOM   1327 C  CG  . GLU B 1 235 ? -9.009  8.898   -10.147 1.00 50.37 ? 216 GLU B CG  1 
ATOM   1328 C  CD  . GLU B 1 235 ? -7.770  9.751   -10.458 1.00 53.24 ? 216 GLU B CD  1 
ATOM   1329 O  OE1 . GLU B 1 235 ? -6.678  9.558   -9.891  1.00 52.47 ? 216 GLU B OE1 1 
ATOM   1330 O  OE2 . GLU B 1 235 ? -7.904  10.650  -11.314 1.00 53.67 ? 216 GLU B OE2 1 
ATOM   1331 N  N   . LYS B 1 236 ? -8.310  6.875   -7.027  1.00 52.01 ? 217 LYS B N   1 
ATOM   1332 C  CA  . LYS B 1 236 ? -8.254  7.356   -5.650  1.00 53.04 ? 217 LYS B CA  1 
ATOM   1333 C  C   . LYS B 1 236 ? -6.912  7.031   -5.006  1.00 52.57 ? 217 LYS B C   1 
ATOM   1334 O  O   . LYS B 1 236 ? -6.347  7.856   -4.273  1.00 49.87 ? 217 LYS B O   1 
ATOM   1335 C  CB  . LYS B 1 236 ? -9.397  6.749   -4.836  1.00 55.00 ? 217 LYS B CB  1 
ATOM   1336 C  CG  . LYS B 1 236 ? -9.682  7.475   -3.532  1.00 55.02 ? 217 LYS B CG  1 
ATOM   1337 C  CD  . LYS B 1 236 ? -10.484 8.745   -3.767  1.00 51.84 ? 217 LYS B CD  1 
ATOM   1338 C  CE  . LYS B 1 236 ? -11.768 8.453   -4.529  1.00 53.50 ? 217 LYS B CE  1 
ATOM   1339 N  NZ  . LYS B 1 236 ? -12.290 9.654   -5.237  1.00 51.97 ? 217 LYS B NZ  1 
ATOM   1340 N  N   . LEU B 1 237 ? -6.395  5.826   -5.261  1.00 48.23 ? 218 LEU B N   1 
ATOM   1341 C  CA  . LEU B 1 237 ? -5.072  5.474   -4.761  1.00 47.11 ? 218 LEU B CA  1 
ATOM   1342 C  C   . LEU B 1 237 ? -4.018  6.422   -5.318  1.00 48.85 ? 218 LEU B C   1 
ATOM   1343 O  O   . LEU B 1 237 ? -3.090  6.823   -4.604  1.00 47.54 ? 218 LEU B O   1 
ATOM   1344 C  CB  . LEU B 1 237 ? -4.744  4.027   -5.126  1.00 44.04 ? 218 LEU B CB  1 
ATOM   1345 C  CG  . LEU B 1 237 ? -4.825  3.006   -3.991  1.00 42.33 ? 218 LEU B CG  1 
ATOM   1346 C  CD1 . LEU B 1 237 ? -6.237  2.971   -3.451  1.00 41.99 ? 218 LEU B CD1 1 
ATOM   1347 C  CD2 . LEU B 1 237 ? -4.398  1.629   -4.461  1.00 46.24 ? 218 LEU B CD2 1 
ATOM   1348 N  N   . PHE B 1 238 ? -4.157  6.794   -6.592  1.00 45.68 ? 219 PHE B N   1 
ATOM   1349 C  CA  . PHE B 1 238 ? -3.244  7.754   -7.200  1.00 42.55 ? 219 PHE B CA  1 
ATOM   1350 C  C   . PHE B 1 238 ? -3.307  9.098   -6.492  1.00 45.82 ? 219 PHE B C   1 
ATOM   1351 O  O   . PHE B 1 238 ? -2.273  9.716   -6.225  1.00 45.21 ? 219 PHE B O   1 
ATOM   1352 C  CB  . PHE B 1 238 ? -3.575  7.923   -8.681  1.00 42.45 ? 219 PHE B CB  1 
ATOM   1353 C  CG  . PHE B 1 238 ? -3.044  6.830   -9.543  1.00 42.65 ? 219 PHE B CG  1 
ATOM   1354 C  CD1 . PHE B 1 238 ? -1.800  6.279   -9.298  1.00 45.97 ? 219 PHE B CD1 1 
ATOM   1355 C  CD2 . PHE B 1 238 ? -3.794  6.341   -10.591 1.00 42.91 ? 219 PHE B CD2 1 
ATOM   1356 C  CE1 . PHE B 1 238 ? -1.311  5.269   -10.093 1.00 42.62 ? 219 PHE B CE1 1 
ATOM   1357 C  CE2 . PHE B 1 238 ? -3.313  5.332   -11.382 1.00 43.92 ? 219 PHE B CE2 1 
ATOM   1358 C  CZ  . PHE B 1 238 ? -2.072  4.794   -11.133 1.00 41.51 ? 219 PHE B CZ  1 
ATOM   1359 N  N   . GLU B 1 239 ? -4.518  9.579   -6.197  1.00 49.40 ? 220 GLU B N   1 
ATOM   1360 C  CA  . GLU B 1 239 ? -4.645  10.866  -5.517  1.00 48.95 ? 220 GLU B CA  1 
ATOM   1361 C  C   . GLU B 1 239 ? -3.984  10.829  -4.145  1.00 51.08 ? 220 GLU B C   1 
ATOM   1362 O  O   . GLU B 1 239 ? -3.243  11.750  -3.775  1.00 51.84 ? 220 GLU B O   1 
ATOM   1363 C  CB  . GLU B 1 239 ? -6.112  11.281  -5.385  1.00 49.26 ? 220 GLU B CB  1 
ATOM   1364 C  CG  . GLU B 1 239 ? -6.986  10.946  -6.567  1.00 51.46 ? 220 GLU B CG  1 
ATOM   1365 C  CD  . GLU B 1 239 ? -7.234  12.134  -7.474  1.00 53.54 ? 220 GLU B CD  1 
ATOM   1366 O  OE1 . GLU B 1 239 ? -6.342  13.002  -7.583  1.00 51.49 ? 220 GLU B OE1 1 
ATOM   1367 O  OE2 . GLU B 1 239 ? -8.323  12.199  -8.082  1.00 52.09 ? 220 GLU B OE2 1 
ATOM   1368 N  N   . ILE B 1 240 ? -4.235  9.766   -3.376  1.00 46.04 ? 221 ILE B N   1 
ATOM   1369 C  CA  . ILE B 1 240 ? -3.648  9.681   -2.039  1.00 45.50 ? 221 ILE B CA  1 
ATOM   1370 C  C   . ILE B 1 240 ? -2.126  9.623   -2.121  1.00 48.56 ? 221 ILE B C   1 
ATOM   1371 O  O   . ILE B 1 240 ? -1.423  10.355  -1.408  1.00 44.93 ? 221 ILE B O   1 
ATOM   1372 C  CB  . ILE B 1 240 ? -4.219  8.477   -1.266  1.00 45.97 ? 221 ILE B CB  1 
ATOM   1373 C  CG1 . ILE B 1 240 ? -5.746  8.486   -1.305  1.00 46.21 ? 221 ILE B CG1 1 
ATOM   1374 C  CG2 . ILE B 1 240 ? -3.731  8.486   0.170   1.00 42.90 ? 221 ILE B CG2 1 
ATOM   1375 C  CD1 . ILE B 1 240 ? -6.375  7.286   -0.642  1.00 43.90 ? 221 ILE B CD1 1 
ATOM   1376 N  N   . ALA B 1 241 ? -1.592  8.765   -2.996  1.00 44.64 ? 222 ALA B N   1 
ATOM   1377 C  CA  . ALA B 1 241 ? -0.142  8.637   -3.110  1.00 42.46 ? 222 ALA B CA  1 
ATOM   1378 C  C   . ALA B 1 241 ? 0.495   9.936   -3.583  1.00 41.71 ? 222 ALA B C   1 
ATOM   1379 O  O   . ALA B 1 241 ? 1.550   10.338  -3.078  1.00 44.29 ? 222 ALA B O   1 
ATOM   1380 C  CB  . ALA B 1 241 ? 0.209   7.490   -4.056  1.00 41.35 ? 222 ALA B CB  1 
ATOM   1381 N  N   . GLU B 1 242 ? -0.130  10.606  -4.555  1.00 40.05 ? 223 GLU B N   1 
ATOM   1382 C  CA  . GLU B 1 242 ? 0.401   11.866  -5.062  1.00 43.49 ? 223 GLU B CA  1 
ATOM   1383 C  C   . GLU B 1 242 ? 0.421   12.926  -3.972  1.00 46.28 ? 223 GLU B C   1 
ATOM   1384 O  O   . GLU B 1 242 ? 1.408   13.654  -3.817  1.00 45.82 ? 223 GLU B O   1 
ATOM   1385 C  CB  . GLU B 1 242 ? -0.433  12.336  -6.253  1.00 45.09 ? 223 GLU B CB  1 
ATOM   1386 C  CG  . GLU B 1 242 ? 0.378   12.859  -7.423  1.00 45.11 ? 223 GLU B CG  1 
ATOM   1387 C  CD  . GLU B 1 242 ? -0.474  13.109  -8.651  1.00 47.46 ? 223 GLU B CD  1 
ATOM   1388 O  OE1 . GLU B 1 242 ? -1.538  12.468  -8.781  1.00 48.43 ? 223 GLU B OE1 1 
ATOM   1389 O  OE2 . GLU B 1 242 ? -0.080  13.947  -9.488  1.00 46.37 ? 223 GLU B OE2 1 
ATOM   1390 N  N   . GLU B 1 243 ? -0.661  13.021  -3.196  1.00 46.70 ? 224 GLU B N   1 
ATOM   1391 C  CA  . GLU B 1 243 ? -0.710  14.004  -2.122  1.00 47.05 ? 224 GLU B CA  1 
ATOM   1392 C  C   . GLU B 1 243 ? 0.378   13.739  -1.090  1.00 46.94 ? 224 GLU B C   1 
ATOM   1393 O  O   . GLU B 1 243 ? 1.090   14.661  -0.672  1.00 45.34 ? 224 GLU B O   1 
ATOM   1394 C  CB  . GLU B 1 243 ? -2.093  13.996  -1.468  1.00 49.11 ? 224 GLU B CB  1 
ATOM   1395 C  CG  . GLU B 1 243 ? -3.158  14.742  -2.259  1.00 48.19 ? 224 GLU B CG  1 
ATOM   1396 C  CD  . GLU B 1 243 ? -2.582  15.860  -3.110  1.00 50.58 ? 224 GLU B CD  1 
ATOM   1397 O  OE1 . GLU B 1 243 ? -2.147  16.881  -2.538  1.00 49.55 ? 224 GLU B OE1 1 
ATOM   1398 O  OE2 . GLU B 1 243 ? -2.565  15.717  -4.350  1.00 49.20 ? 224 GLU B OE2 1 
ATOM   1399 N  N   . GLU B 1 244 ? 0.540   12.475  -0.684  1.00 47.41 ? 225 GLU B N   1 
ATOM   1400 C  CA  . GLU B 1 244 ? 1.551   12.164  0.323   1.00 44.69 ? 225 GLU B CA  1 
ATOM   1401 C  C   . GLU B 1 244 ? 2.962   12.425  -0.191  1.00 44.39 ? 225 GLU B C   1 
ATOM   1402 O  O   . GLU B 1 244 ? 3.803   12.957  0.543   1.00 47.45 ? 225 GLU B O   1 
ATOM   1403 C  CB  . GLU B 1 244 ? 1.407   10.718  0.792   1.00 46.14 ? 225 GLU B CB  1 
ATOM   1404 C  CG  . GLU B 1 244 ? 0.013   10.379  1.259   1.00 44.93 ? 225 GLU B CG  1 
ATOM   1405 C  CD  . GLU B 1 244 ? -0.012  9.853   2.670   1.00 47.25 ? 225 GLU B CD  1 
ATOM   1406 O  OE1 . GLU B 1 244 ? 0.622   10.472  3.550   1.00 46.50 ? 225 GLU B OE1 1 
ATOM   1407 O  OE2 . GLU B 1 244 ? -0.665  8.818   2.897   1.00 51.47 ? 225 GLU B OE2 1 
ATOM   1408 N  N   . LEU B 1 245 ? 3.246   12.067  -1.446  1.00 38.95 ? 226 LEU B N   1 
ATOM   1409 C  CA  . LEU B 1 245 ? 4.562   12.366  -1.999  1.00 36.43 ? 226 LEU B CA  1 
ATOM   1410 C  C   . LEU B 1 245 ? 4.795   13.868  -2.073  1.00 40.73 ? 226 LEU B C   1 
ATOM   1411 O  O   . LEU B 1 245 ? 5.910   14.342  -1.828  1.00 39.70 ? 226 LEU B O   1 
ATOM   1412 C  CB  . LEU B 1 245 ? 4.730   11.729  -3.378  1.00 37.05 ? 226 LEU B CB  1 
ATOM   1413 C  CG  . LEU B 1 245 ? 4.858   10.208  -3.455  1.00 39.42 ? 226 LEU B CG  1 
ATOM   1414 C  CD1 . LEU B 1 245 ? 4.386   9.705   -4.808  1.00 38.10 ? 226 LEU B CD1 1 
ATOM   1415 C  CD2 . LEU B 1 245 ? 6.285   9.773   -3.184  1.00 32.35 ? 226 LEU B CD2 1 
ATOM   1416 N  N   . LYS B 1 246 ? 3.754   14.635  -2.407  1.00 43.17 ? 227 LYS B N   1 
ATOM   1417 C  CA  . LYS B 1 246 ? 3.892   16.085  -2.457  1.00 43.23 ? 227 LYS B CA  1 
ATOM   1418 C  C   . LYS B 1 246 ? 4.207   16.661  -1.082  1.00 46.17 ? 227 LYS B C   1 
ATOM   1419 O  O   . LYS B 1 246 ? 4.989   17.612  -0.965  1.00 48.39 ? 227 LYS B O   1 
ATOM   1420 C  CB  . LYS B 1 246 ? 2.625   16.712  -3.036  1.00 44.91 ? 227 LYS B CB  1 
ATOM   1421 C  CG  . LYS B 1 246 ? 2.546   16.623  -4.551  1.00 44.87 ? 227 LYS B CG  1 
ATOM   1422 C  CD  . LYS B 1 246 ? 1.193   17.073  -5.070  1.00 46.96 ? 227 LYS B CD  1 
ATOM   1423 C  CE  . LYS B 1 246 ? 0.849   16.371  -6.374  1.00 46.04 ? 227 LYS B CE  1 
ATOM   1424 N  NZ  . LYS B 1 246 ? 1.970   16.428  -7.351  1.00 46.30 ? 227 LYS B NZ  1 
ATOM   1425 N  N   . GLU B 1 247 ? 3.599   16.114  -0.026  1.00 44.33 ? 228 GLU B N   1 
ATOM   1426 C  CA  . GLU B 1 247 ? 3.995   16.527  1.321   1.00 44.99 ? 228 GLU B CA  1 
ATOM   1427 C  C   . GLU B 1 247 ? 5.444   16.144  1.610   1.00 44.83 ? 228 GLU B C   1 
ATOM   1428 O  O   . GLU B 1 247 ? 6.199   16.923  2.204   1.00 47.49 ? 228 GLU B O   1 
ATOM   1429 C  CB  . GLU B 1 247 ? 3.073   15.929  2.389   1.00 45.03 ? 228 GLU B CB  1 
ATOM   1430 C  CG  . GLU B 1 247 ? 1.639   15.719  1.987   1.00 46.49 ? 228 GLU B CG  1 
ATOM   1431 C  CD  . GLU B 1 247 ? 0.720   15.587  3.181   1.00 47.21 ? 228 GLU B CD  1 
ATOM   1432 O  OE1 . GLU B 1 247 ? 0.225   14.467  3.428   1.00 46.66 ? 228 GLU B OE1 1 
ATOM   1433 O  OE2 . GLU B 1 247 ? 0.495   16.601  3.875   1.00 48.18 ? 228 GLU B OE2 1 
ATOM   1434 N  N   . LEU B 1 248 ? 5.850   14.944  1.200   1.00 43.05 ? 229 LEU B N   1 
ATOM   1435 C  CA  . LEU B 1 248 ? 7.146   14.418  1.616   1.00 43.18 ? 229 LEU B CA  1 
ATOM   1436 C  C   . LEU B 1 248 ? 8.311   14.879  0.743   1.00 46.37 ? 229 LEU B C   1 
ATOM   1437 O  O   . LEU B 1 248 ? 9.464   14.544  1.032   1.00 46.95 ? 229 LEU B O   1 
ATOM   1438 C  CB  . LEU B 1 248 ? 7.109   12.888  1.651   1.00 45.00 ? 229 LEU B CB  1 
ATOM   1439 C  CG  . LEU B 1 248 ? 6.134   12.212  2.619   1.00 48.37 ? 229 LEU B CG  1 
ATOM   1440 C  CD1 . LEU B 1 248 ? 6.622   10.818  2.961   1.00 45.02 ? 229 LEU B CD1 1 
ATOM   1441 C  CD2 . LEU B 1 248 ? 5.950   13.036  3.884   1.00 42.37 ? 229 LEU B CD2 1 
ATOM   1442 N  N   . ILE B 1 249 ? 8.043   15.639  -0.320  1.00 44.95 ? 230 ILE B N   1 
ATOM   1443 C  CA  . ILE B 1 249 ? 9.138   16.135  -1.151  1.00 43.27 ? 230 ILE B CA  1 
ATOM   1444 C  C   . ILE B 1 249 ? 9.595   17.495  -0.641  1.00 45.61 ? 230 ILE B C   1 
ATOM   1445 O  O   . ILE B 1 249 ? 10.342  18.207  -1.321  1.00 46.46 ? 230 ILE B O   1 
ATOM   1446 C  CB  . ILE B 1 249 ? 8.755   16.216  -2.641  1.00 42.83 ? 230 ILE B CB  1 
ATOM   1447 C  CG1 . ILE B 1 249 ? 7.449   16.988  -2.832  1.00 46.45 ? 230 ILE B CG1 1 
ATOM   1448 C  CG2 . ILE B 1 249 ? 8.688   14.823  -3.262  1.00 40.83 ? 230 ILE B CG2 1 
ATOM   1449 C  CD1 . ILE B 1 249 ? 7.001   17.084  -4.274  1.00 45.31 ? 230 ILE B CD1 1 
ATOM   1450 N  N   . GLU B 1 250 ? 9.148   17.867  0.555   1.00 52.46 ? 231 GLU B N   1 
ATOM   1451 C  CA  . GLU B 1 250 ? 9.612   19.094  1.197   1.00 53.01 ? 231 GLU B CA  1 
ATOM   1452 C  C   . GLU B 1 250 ? 9.984   18.842  2.655   1.00 53.78 ? 231 GLU B C   1 
ATOM   1453 O  O   . GLU B 1 250 ? 9.460   17.935  3.300   1.00 51.84 ? 231 GLU B O   1 
ATOM   1454 C  CB  . GLU B 1 250 ? 8.549   20.190  1.108   1.00 50.87 ? 231 GLU B CB  1 
ATOM   1455 C  CG  . GLU B 1 250 ? 8.668   21.066  -0.127  1.00 53.05 ? 231 GLU B CG  1 
ATOM   1456 C  CD  . GLU B 1 250 ? 7.832   20.557  -1.282  1.00 54.21 ? 231 GLU B CD  1 
ATOM   1457 O  OE1 . GLU B 1 250 ? 7.042   19.613  -1.071  1.00 50.99 ? 231 GLU B OE1 1 
ATOM   1458 O  OE2 . GLU B 1 250 ? 7.967   21.096  -2.399  1.00 51.85 ? 231 GLU B OE2 1 
HETATM 1459 ZN ZN  . ZN  C 2 .   ? 4.685   0.627   7.929   1.00 66.26 ? 301 ZN  A ZN  1 
HETATM 1460 ZN ZN  . ZN  D 2 .   ? 3.871   -5.808  -5.860  1.00 65.00 ? 301 ZN  B ZN  1 
# 
